data_7ZCU
#
_entry.id   7ZCU
#
_cell.length_a   1.00
_cell.length_b   1.00
_cell.length_c   1.00
_cell.angle_alpha   90.00
_cell.angle_beta   90.00
_cell.angle_gamma   90.00
#
_symmetry.space_group_name_H-M   'P 1'
#
loop_
_entity.id
_entity.type
_entity.pdbx_description
1 polymer 'Light-harvesting protein B-800-850 alpha chain'
2 polymer 'Light-harvesting protein B-800-850 beta chain'
3 polymer PucA-LH2-gamma
4 non-polymer 'BACTERIOCHLOROPHYLL A'
5 non-polymer 1,2-Dihydro-psi,psi-caroten-1-ol
6 water water
#
loop_
_entity_poly.entity_id
_entity_poly.type
_entity_poly.pdbx_seq_one_letter_code
_entity_poly.pdbx_strand_id
1 'polypeptide(L)' (CXM)NQARIWTVVKPTVGLPLLLGSVTVIAILVHFAVLSHTTWFSKYWNGKAAAIESSVNVG A,C,E,G,I,K,M,O,Q
2 'polypeptide(L)' MADKTLTGLTVEESEELHKHVIDGTRIFGAIAIVAHFLAYVYSPWLH B,D,F,H,J,L,N,P,R
3 'polypeptide(L)'
;MSEEYKGHSGHPLILKQEGEYKGYSGEPLILKQEGEYKGYSGTPLILEQKGEYQSFSGTPLILKQEGEYRGFSGAPLILK
QDGEYKSFSGYPLLLNI
;
S
#
loop_
_chem_comp.id
_chem_comp.type
_chem_comp.name
_chem_comp.formula
BCL non-polymer 'BACTERIOCHLOROPHYLL A' 'C55 H74 Mg N4 O6'
IRM non-polymer 1,2-Dihydro-psi,psi-caroten-1-ol 'C40 H58 O'
#
# COMPACT_ATOMS: atom_id res chain seq x y z
N CXM A 1 -19.13 -6.52 -27.79
CA CXM A 1 -19.68 -5.58 -28.73
CB CXM A 1 -19.75 -6.17 -30.15
CG CXM A 1 -18.76 -7.29 -30.37
SD CXM A 1 -19.00 -8.23 -31.88
CE CXM A 1 -20.21 -7.29 -32.76
C CXM A 1 -21.12 -5.10 -28.35
O CXM A 1 -21.80 -4.44 -29.20
CN CXM A 1 -18.56 -6.16 -26.55
ON1 CXM A 1 -18.76 -4.96 -26.14
ON2 CXM A 1 -17.88 -6.99 -25.86
N ASN A 2 -21.56 -5.42 -27.14
CA ASN A 2 -22.83 -4.94 -26.62
C ASN A 2 -22.64 -4.15 -25.33
N GLN A 3 -21.41 -4.13 -24.83
CA GLN A 3 -21.05 -3.44 -23.60
C GLN A 3 -20.69 -1.97 -23.83
N ALA A 4 -20.93 -1.45 -25.04
CA ALA A 4 -20.31 -0.20 -25.47
C ALA A 4 -20.65 0.98 -24.57
N ARG A 5 -21.82 0.97 -23.92
CA ARG A 5 -22.21 2.08 -23.06
C ARG A 5 -21.57 2.06 -21.68
N ILE A 6 -20.67 1.11 -21.41
CA ILE A 6 -19.96 1.10 -20.12
C ILE A 6 -19.20 2.41 -19.90
N TRP A 7 -18.71 3.03 -20.97
CA TRP A 7 -17.99 4.30 -20.86
C TRP A 7 -18.89 5.49 -20.58
N THR A 8 -20.21 5.29 -20.50
CA THR A 8 -21.10 6.29 -19.95
C THR A 8 -21.14 6.25 -18.43
N VAL A 9 -20.67 5.15 -17.82
CA VAL A 9 -20.72 4.98 -16.37
C VAL A 9 -19.37 4.68 -15.76
N VAL A 10 -18.39 4.16 -16.50
CA VAL A 10 -17.01 4.04 -16.04
C VAL A 10 -16.16 5.08 -16.74
N LYS A 11 -15.43 5.86 -15.95
CA LYS A 11 -14.62 6.95 -16.48
C LYS A 11 -13.54 6.40 -17.41
N PRO A 12 -13.45 6.89 -18.66
CA PRO A 12 -12.38 6.41 -19.56
C PRO A 12 -10.98 6.63 -19.03
N THR A 13 -10.73 7.74 -18.33
CA THR A 13 -9.44 7.99 -17.69
C THR A 13 -9.18 7.07 -16.50
N VAL A 14 -10.10 6.16 -16.20
CA VAL A 14 -9.89 5.10 -15.22
C VAL A 14 -9.95 3.72 -15.85
N GLY A 15 -11.00 3.45 -16.62
CA GLY A 15 -11.18 2.11 -17.18
C GLY A 15 -10.15 1.74 -18.23
N LEU A 16 -9.76 2.69 -19.08
CA LEU A 16 -8.74 2.39 -20.09
C LEU A 16 -7.35 2.19 -19.50
N PRO A 17 -6.84 3.05 -18.61
CA PRO A 17 -5.58 2.72 -17.93
C PRO A 17 -5.59 1.41 -17.16
N LEU A 18 -6.69 1.10 -16.47
CA LEU A 18 -6.81 -0.18 -15.77
C LEU A 18 -6.91 -1.36 -16.73
N LEU A 19 -7.64 -1.20 -17.84
CA LEU A 19 -7.71 -2.27 -18.84
C LEU A 19 -6.33 -2.58 -19.43
N LEU A 20 -5.66 -1.56 -19.96
CA LEU A 20 -4.36 -1.77 -20.58
C LEU A 20 -3.31 -2.24 -19.56
N GLY A 21 -3.33 -1.65 -18.36
CA GLY A 21 -2.46 -2.12 -17.29
C GLY A 21 -2.71 -3.55 -16.86
N SER A 22 -3.98 -3.94 -16.70
CA SER A 22 -4.29 -5.30 -16.28
C SER A 22 -3.91 -6.33 -17.33
N VAL A 23 -4.24 -6.06 -18.60
CA VAL A 23 -3.83 -6.95 -19.69
C VAL A 23 -2.32 -7.13 -19.72
N THR A 24 -1.58 -6.04 -19.53
CA THR A 24 -0.12 -6.13 -19.48
C THR A 24 0.38 -6.92 -18.28
N VAL A 25 -0.17 -6.65 -17.09
CA VAL A 25 0.21 -7.40 -15.89
C VAL A 25 -0.09 -8.89 -16.04
N ILE A 26 -1.24 -9.23 -16.62
CA ILE A 26 -1.53 -10.64 -16.90
C ILE A 26 -0.47 -11.25 -17.80
N ALA A 27 -0.15 -10.57 -18.91
CA ALA A 27 0.87 -11.06 -19.83
C ALA A 27 2.22 -11.25 -19.15
N ILE A 28 2.64 -10.28 -18.33
CA ILE A 28 3.86 -10.42 -17.54
C ILE A 28 3.78 -11.66 -16.63
N LEU A 29 2.66 -11.82 -15.92
CA LEU A 29 2.52 -12.94 -15.00
C LEU A 29 2.53 -14.29 -15.70
N VAL A 30 1.87 -14.40 -16.86
CA VAL A 30 1.92 -15.65 -17.62
C VAL A 30 3.34 -15.98 -18.08
N HIS A 31 4.11 -14.96 -18.49
CA HIS A 31 5.52 -15.20 -18.80
C HIS A 31 6.30 -15.69 -17.59
N PHE A 32 6.21 -14.99 -16.46
CA PHE A 32 6.89 -15.44 -15.24
C PHE A 32 6.42 -16.81 -14.77
N ALA A 33 5.16 -17.17 -15.02
CA ALA A 33 4.70 -18.51 -14.68
C ALA A 33 5.38 -19.57 -15.53
N VAL A 34 5.27 -19.46 -16.86
CA VAL A 34 5.90 -20.43 -17.75
C VAL A 34 7.42 -20.46 -17.58
N LEU A 35 8.02 -19.30 -17.27
CA LEU A 35 9.44 -19.24 -17.00
C LEU A 35 9.82 -19.98 -15.73
N SER A 36 9.01 -19.88 -14.68
CA SER A 36 9.31 -20.54 -13.42
C SER A 36 9.02 -22.05 -13.45
N HIS A 37 8.08 -22.49 -14.29
CA HIS A 37 7.57 -23.85 -14.20
C HIS A 37 7.82 -24.66 -15.47
N THR A 38 8.72 -24.21 -16.34
CA THR A 38 9.25 -25.05 -17.40
C THR A 38 10.77 -25.02 -17.36
N THR A 39 11.37 -26.10 -17.88
CA THR A 39 12.81 -26.13 -18.12
C THR A 39 13.21 -25.40 -19.40
N TRP A 40 12.40 -25.53 -20.45
CA TRP A 40 12.83 -25.15 -21.79
C TRP A 40 12.85 -23.65 -22.03
N PHE A 41 12.04 -22.88 -21.30
CA PHE A 41 12.04 -21.43 -21.49
C PHE A 41 13.35 -20.82 -20.99
N SER A 42 13.78 -21.20 -19.78
CA SER A 42 15.12 -20.84 -19.31
C SER A 42 16.21 -21.34 -20.27
N LYS A 43 16.08 -22.57 -20.75
CA LYS A 43 17.07 -23.12 -21.67
C LYS A 43 17.14 -22.33 -22.98
N TYR A 44 16.00 -21.91 -23.50
CA TYR A 44 15.97 -21.02 -24.66
C TYR A 44 16.78 -19.74 -24.44
N TRP A 45 16.64 -19.13 -23.27
CA TRP A 45 17.48 -17.96 -22.96
C TRP A 45 18.94 -18.33 -22.76
N ASN A 46 19.22 -19.49 -22.16
CA ASN A 46 20.61 -19.86 -21.90
C ASN A 46 21.34 -20.24 -23.18
N GLY A 47 20.62 -20.73 -24.19
CA GLY A 47 21.23 -21.02 -25.48
C GLY A 47 22.37 -22.02 -25.38
N LYS A 48 23.48 -21.70 -26.06
CA LYS A 48 24.71 -22.49 -25.95
C LYS A 48 25.35 -22.46 -24.58
N ALA A 49 24.89 -21.60 -23.67
CA ALA A 49 25.42 -21.51 -22.32
C ALA A 49 26.94 -21.29 -22.33
N ALA A 50 27.35 -20.22 -23.01
CA ALA A 50 28.75 -19.92 -23.28
C ALA A 50 29.63 -20.01 -22.05
N ALA B 2 -30.26 15.25 -25.38
CA ALA B 2 -29.48 14.34 -24.55
C ALA B 2 -29.54 14.74 -23.08
N ASP B 3 -29.00 13.89 -22.21
CA ASP B 3 -28.85 14.21 -20.80
C ASP B 3 -27.53 13.65 -20.30
N LYS B 4 -27.05 14.22 -19.19
CA LYS B 4 -25.72 13.91 -18.70
C LYS B 4 -25.61 12.45 -18.27
N THR B 5 -24.64 11.74 -18.84
CA THR B 5 -24.15 10.50 -18.27
C THR B 5 -23.24 10.80 -17.09
N LEU B 6 -22.92 9.76 -16.31
CA LEU B 6 -22.03 9.94 -15.18
C LEU B 6 -20.64 10.40 -15.61
N THR B 7 -20.15 9.87 -16.74
CA THR B 7 -18.80 10.22 -17.19
C THR B 7 -18.81 11.52 -17.99
N GLY B 8 -19.91 11.84 -18.66
CA GLY B 8 -20.00 12.95 -19.58
C GLY B 8 -19.88 12.59 -21.05
N LEU B 9 -19.41 11.38 -21.36
CA LEU B 9 -19.50 10.89 -22.72
C LEU B 9 -20.96 10.61 -23.08
N THR B 10 -21.40 11.10 -24.23
CA THR B 10 -22.68 10.66 -24.75
C THR B 10 -22.64 9.16 -25.05
N VAL B 11 -23.83 8.58 -25.24
CA VAL B 11 -23.94 7.21 -25.73
C VAL B 11 -23.15 7.01 -27.02
N GLU B 12 -23.22 7.98 -27.94
CA GLU B 12 -22.49 7.88 -29.20
C GLU B 12 -20.98 7.96 -29.00
N GLU B 13 -20.50 8.90 -28.17
CA GLU B 13 -19.08 8.94 -27.86
C GLU B 13 -18.59 7.69 -27.15
N SER B 14 -19.43 7.11 -26.28
CA SER B 14 -19.05 5.86 -25.62
C SER B 14 -18.97 4.70 -26.61
N GLU B 15 -19.89 4.64 -27.58
CA GLU B 15 -19.82 3.60 -28.60
C GLU B 15 -18.62 3.79 -29.53
N GLU B 16 -18.29 5.02 -29.88
CA GLU B 16 -17.09 5.27 -30.68
C GLU B 16 -15.81 4.92 -29.91
N LEU B 17 -15.78 5.20 -28.61
CA LEU B 17 -14.67 4.73 -27.77
C LEU B 17 -14.58 3.21 -27.77
N HIS B 18 -15.72 2.53 -27.57
CA HIS B 18 -15.72 1.08 -27.48
C HIS B 18 -15.30 0.39 -28.78
N LYS B 19 -15.57 1.01 -29.93
CA LYS B 19 -15.04 0.48 -31.19
C LYS B 19 -13.52 0.29 -31.15
N HIS B 20 -12.80 1.24 -30.57
CA HIS B 20 -11.36 1.09 -30.42
C HIS B 20 -11.00 -0.02 -29.43
N VAL B 21 -11.78 -0.16 -28.35
CA VAL B 21 -11.55 -1.22 -27.38
C VAL B 21 -11.81 -2.59 -27.99
N ILE B 22 -12.86 -2.73 -28.79
CA ILE B 22 -13.13 -4.00 -29.45
C ILE B 22 -12.07 -4.30 -30.51
N ASP B 23 -11.74 -3.32 -31.35
CA ASP B 23 -10.70 -3.51 -32.35
C ASP B 23 -9.34 -3.76 -31.72
N GLY B 24 -9.03 -3.07 -30.61
CA GLY B 24 -7.81 -3.37 -29.88
C GLY B 24 -7.75 -4.79 -29.35
N THR B 25 -8.86 -5.29 -28.82
CA THR B 25 -8.92 -6.68 -28.36
C THR B 25 -8.77 -7.67 -29.51
N ARG B 26 -9.39 -7.39 -30.66
CA ARG B 26 -9.21 -8.24 -31.83
C ARG B 26 -7.77 -8.26 -32.32
N ILE B 27 -7.12 -7.09 -32.38
CA ILE B 27 -5.71 -7.05 -32.78
C ILE B 27 -4.82 -7.77 -31.78
N PHE B 28 -5.01 -7.51 -30.49
CA PHE B 28 -4.28 -8.25 -29.46
C PHE B 28 -4.49 -9.76 -29.59
N GLY B 29 -5.74 -10.17 -29.83
CA GLY B 29 -6.03 -11.59 -30.01
C GLY B 29 -5.33 -12.21 -31.21
N ALA B 30 -5.39 -11.55 -32.36
CA ALA B 30 -4.75 -12.07 -33.57
C ALA B 30 -3.23 -12.20 -33.40
N ILE B 31 -2.59 -11.21 -32.78
CA ILE B 31 -1.16 -11.32 -32.50
C ILE B 31 -0.88 -12.45 -31.51
N ALA B 32 -1.70 -12.57 -30.46
CA ALA B 32 -1.55 -13.67 -29.52
C ALA B 32 -1.76 -15.04 -30.17
N ILE B 33 -2.69 -15.13 -31.12
CA ILE B 33 -2.88 -16.38 -31.86
C ILE B 33 -1.62 -16.77 -32.62
N VAL B 34 -1.02 -15.81 -33.32
CA VAL B 34 0.26 -16.04 -34.00
C VAL B 34 1.35 -16.42 -33.00
N ALA B 35 1.42 -15.70 -31.87
CA ALA B 35 2.40 -16.04 -30.83
C ALA B 35 2.21 -17.45 -30.29
N HIS B 36 0.95 -17.88 -30.13
CA HIS B 36 0.71 -19.27 -29.71
C HIS B 36 1.10 -20.27 -30.79
N PHE B 37 0.80 -19.97 -32.06
CA PHE B 37 1.24 -20.83 -33.15
C PHE B 37 2.76 -20.94 -33.21
N LEU B 38 3.46 -19.82 -33.09
CA LEU B 38 4.93 -19.87 -33.01
C LEU B 38 5.42 -20.65 -31.80
N ALA B 39 4.79 -20.41 -30.63
CA ALA B 39 5.17 -21.14 -29.43
C ALA B 39 4.92 -22.64 -29.58
N TYR B 40 3.81 -23.02 -30.21
CA TYR B 40 3.60 -24.41 -30.57
C TYR B 40 4.68 -24.93 -31.52
N VAL B 41 4.93 -24.21 -32.62
CA VAL B 41 5.87 -24.68 -33.63
C VAL B 41 7.28 -24.88 -33.06
N TYR B 42 7.72 -24.02 -32.14
CA TYR B 42 9.10 -24.09 -31.68
C TYR B 42 9.31 -24.66 -30.29
N SER B 43 8.31 -24.68 -29.43
CA SER B 43 8.48 -25.26 -28.10
C SER B 43 7.97 -26.69 -28.06
N PRO B 44 8.34 -27.45 -27.02
CA PRO B 44 7.80 -28.81 -26.85
C PRO B 44 6.37 -28.88 -26.36
N TRP B 45 5.70 -27.75 -26.17
CA TRP B 45 4.29 -27.74 -25.82
C TRP B 45 3.44 -28.41 -26.90
N LEU B 46 2.48 -29.21 -26.46
CA LEU B 46 1.58 -30.04 -27.25
C LEU B 46 2.28 -31.02 -28.19
N HIS B 47 3.59 -31.24 -28.02
CA HIS B 47 4.28 -32.21 -28.86
C HIS B 47 4.28 -33.60 -28.22
N GLU C 4 -33.90 -2.02 -24.38
CA GLU C 4 -33.66 -3.01 -23.34
C GLU C 4 -32.45 -3.87 -23.68
N TYR C 5 -31.66 -4.21 -22.66
CA TYR C 5 -30.54 -5.12 -22.85
C TYR C 5 -31.04 -6.52 -23.19
N LYS C 6 -30.73 -6.97 -24.41
CA LYS C 6 -31.25 -8.25 -24.90
C LYS C 6 -30.58 -9.44 -24.21
N GLY C 7 -29.31 -9.31 -23.84
CA GLY C 7 -28.49 -10.38 -23.31
C GLY C 7 -28.29 -11.52 -24.30
N HIS C 8 -27.63 -12.58 -23.79
CA HIS C 8 -27.48 -13.82 -24.53
C HIS C 8 -27.79 -15.07 -23.71
N SER C 9 -28.12 -14.94 -22.43
CA SER C 9 -28.20 -16.06 -21.51
C SER C 9 -29.59 -16.22 -20.92
N GLY C 10 -30.62 -15.91 -21.72
CA GLY C 10 -32.00 -16.15 -21.33
C GLY C 10 -32.50 -15.13 -20.31
N HIS C 11 -33.79 -15.25 -20.02
CA HIS C 11 -34.55 -14.24 -19.30
C HIS C 11 -35.48 -14.88 -18.28
N PRO C 12 -35.77 -14.19 -17.15
CA PRO C 12 -35.35 -12.83 -16.78
C PRO C 12 -33.87 -12.68 -16.45
N LEU C 13 -33.34 -11.46 -16.57
CA LEU C 13 -32.04 -11.11 -16.01
C LEU C 13 -32.13 -10.51 -14.61
N ILE C 14 -33.27 -9.91 -14.25
CA ILE C 14 -33.48 -9.35 -12.92
C ILE C 14 -34.92 -9.63 -12.47
N LEU C 15 -35.10 -9.61 -11.15
CA LEU C 15 -36.42 -9.76 -10.54
C LEU C 15 -37.14 -8.42 -10.44
N LYS C 16 -38.46 -8.48 -10.57
CA LYS C 16 -39.27 -7.33 -10.97
C LYS C 16 -40.26 -6.85 -9.91
N GLN C 17 -40.36 -7.51 -8.77
CA GLN C 17 -41.33 -7.10 -7.76
C GLN C 17 -40.92 -5.78 -7.10
N GLU C 18 -41.89 -5.17 -6.42
CA GLU C 18 -41.75 -3.86 -5.81
C GLU C 18 -42.32 -3.86 -4.39
N GLY C 19 -41.93 -2.82 -3.63
CA GLY C 19 -42.30 -2.68 -2.25
C GLY C 19 -41.22 -3.05 -1.24
N GLU C 20 -41.61 -3.76 -0.18
CA GLU C 20 -40.63 -4.32 0.75
C GLU C 20 -39.78 -5.37 0.04
N TYR C 21 -38.48 -5.34 0.31
CA TYR C 21 -37.59 -6.38 -0.19
C TYR C 21 -37.96 -7.73 0.42
N LYS C 22 -38.49 -8.62 -0.41
CA LYS C 22 -38.81 -10.00 -0.05
C LYS C 22 -37.56 -10.88 -0.08
N GLY C 23 -36.67 -10.63 0.88
CA GLY C 23 -35.44 -11.42 0.95
C GLY C 23 -35.72 -12.90 1.08
N TYR C 24 -34.77 -13.69 0.59
CA TYR C 24 -34.96 -15.12 0.40
C TYR C 24 -34.81 -15.94 1.68
N SER C 25 -34.17 -15.40 2.71
CA SER C 25 -33.79 -16.18 3.88
C SER C 25 -34.67 -15.90 5.09
N GLY C 26 -35.98 -15.88 4.87
CA GLY C 26 -36.93 -15.72 5.95
C GLY C 26 -36.92 -14.33 6.56
N GLU C 27 -37.76 -14.17 7.58
CA GLU C 27 -38.01 -12.89 8.22
C GLU C 27 -38.08 -13.05 9.74
N PRO C 28 -37.74 -12.00 10.51
CA PRO C 28 -37.32 -10.65 10.09
C PRO C 28 -35.95 -10.60 9.44
N LEU C 29 -35.70 -9.62 8.58
CA LEU C 29 -34.35 -9.35 8.10
C LEU C 29 -33.58 -8.42 9.02
N ILE C 30 -34.25 -7.49 9.70
CA ILE C 30 -33.59 -6.59 10.64
C ILE C 30 -34.48 -6.37 11.86
N LEU C 31 -33.88 -5.83 12.91
CA LEU C 31 -34.58 -5.42 14.12
C LEU C 31 -34.68 -3.91 14.12
N LYS C 32 -35.90 -3.38 14.20
CA LYS C 32 -36.08 -1.95 14.32
C LYS C 32 -35.66 -1.48 15.71
N GLN C 33 -35.45 -0.17 15.82
CA GLN C 33 -35.33 0.52 17.11
C GLN C 33 -36.42 1.55 17.23
N GLU C 34 -37.18 1.48 18.32
CA GLU C 34 -38.11 2.53 18.70
C GLU C 34 -37.42 3.71 19.39
N GLY C 35 -36.19 3.54 19.86
CA GLY C 35 -35.51 4.58 20.59
C GLY C 35 -34.10 4.21 20.99
N GLU C 36 -33.70 4.57 22.21
CA GLU C 36 -32.31 4.38 22.64
C GLU C 36 -31.87 2.94 22.45
N TYR C 37 -30.66 2.78 21.92
CA TYR C 37 -30.08 1.46 21.75
C TYR C 37 -29.91 0.75 23.09
N LYS C 38 -30.37 -0.49 23.16
CA LYS C 38 -30.16 -1.35 24.32
C LYS C 38 -29.17 -2.46 23.94
N GLY C 39 -28.14 -2.62 24.76
CA GLY C 39 -27.13 -3.63 24.47
C GLY C 39 -27.68 -5.03 24.70
N TYR C 40 -27.42 -5.93 23.75
CA TYR C 40 -27.59 -7.36 24.00
C TYR C 40 -26.54 -7.90 24.95
N SER C 41 -25.48 -7.14 25.20
CA SER C 41 -24.56 -7.34 26.31
C SER C 41 -24.99 -6.59 27.57
N GLY C 42 -26.27 -6.32 27.73
CA GLY C 42 -26.82 -5.62 28.89
C GLY C 42 -26.44 -4.15 28.95
N THR C 43 -26.44 -3.62 30.17
CA THR C 43 -26.28 -2.20 30.43
C THR C 43 -25.55 -2.02 31.75
N PRO C 44 -24.92 -0.86 31.98
CA PRO C 44 -24.75 0.31 31.09
C PRO C 44 -23.74 0.09 29.95
N LEU C 45 -23.84 0.91 28.91
CA LEU C 45 -22.88 0.91 27.81
C LEU C 45 -21.89 2.08 27.86
N ILE C 46 -22.32 3.23 28.38
CA ILE C 46 -21.54 4.47 28.30
C ILE C 46 -21.36 5.04 29.70
N LEU C 47 -20.21 5.67 29.91
CA LEU C 47 -19.95 6.51 31.08
C LEU C 47 -19.91 7.97 30.62
N GLU C 48 -20.70 8.81 31.28
CA GLU C 48 -20.85 10.19 30.84
C GLU C 48 -19.59 11.01 31.13
N GLN C 49 -19.38 12.02 30.30
CA GLN C 49 -18.50 13.15 30.57
C GLN C 49 -19.35 14.39 30.86
N LYS C 50 -19.08 15.04 31.99
CA LYS C 50 -19.91 16.15 32.46
C LYS C 50 -19.05 17.30 32.99
N GLY C 51 -17.86 17.48 32.43
CA GLY C 51 -16.91 18.45 32.93
C GLY C 51 -15.50 18.09 32.54
N GLU C 52 -14.53 18.35 33.43
CA GLU C 52 -13.18 17.84 33.22
C GLU C 52 -13.23 16.33 33.04
N TYR C 53 -12.47 15.83 32.06
CA TYR C 53 -12.39 14.39 31.85
C TYR C 53 -11.88 13.71 33.11
N GLN C 54 -12.69 12.81 33.66
CA GLN C 54 -12.25 12.01 34.81
C GLN C 54 -11.19 11.01 34.36
N SER C 55 -9.93 11.25 34.73
CA SER C 55 -8.92 10.22 34.59
C SER C 55 -9.26 9.03 35.47
N PHE C 56 -8.78 7.85 35.07
CA PHE C 56 -8.53 6.78 36.02
C PHE C 56 -7.09 6.75 36.52
N SER C 57 -6.20 7.46 35.82
CA SER C 57 -4.76 7.43 36.08
C SER C 57 -4.27 8.67 36.83
N GLY C 58 -5.08 9.22 37.73
CA GLY C 58 -4.66 10.35 38.53
C GLY C 58 -4.59 11.65 37.74
N THR C 59 -4.01 12.66 38.39
CA THR C 59 -3.92 14.02 37.88
C THR C 59 -2.57 14.61 38.22
N PRO C 60 -2.08 15.58 37.42
CA PRO C 60 -2.67 16.14 36.19
C PRO C 60 -2.61 15.20 34.99
N LEU C 61 -3.47 15.42 33.99
CA LEU C 61 -3.39 14.72 32.73
C LEU C 61 -2.62 15.48 31.65
N ILE C 62 -2.50 16.81 31.76
CA ILE C 62 -1.71 17.61 30.83
C ILE C 62 -0.97 18.69 31.61
N LEU C 63 0.11 19.18 31.00
CA LEU C 63 0.84 20.35 31.49
C LEU C 63 0.50 21.53 30.59
N LYS C 64 -0.05 22.59 31.18
CA LYS C 64 -0.47 23.76 30.42
C LYS C 64 0.73 24.57 29.95
N GLN C 65 0.58 25.21 28.79
CA GLN C 65 1.58 26.08 28.22
C GLN C 65 0.93 27.41 27.87
N GLU C 66 1.63 28.51 28.16
CA GLU C 66 1.06 29.85 28.15
C GLU C 66 1.00 30.48 26.74
N GLY C 67 0.71 29.69 25.72
CA GLY C 67 0.97 30.08 24.36
C GLY C 67 2.44 30.25 24.00
N GLU C 68 3.33 29.82 24.90
CA GLU C 68 4.75 30.13 24.78
C GLU C 68 5.51 28.96 25.40
N TYR C 69 5.99 28.05 24.56
CA TYR C 69 6.68 26.86 25.04
C TYR C 69 8.09 27.18 25.50
N ARG C 70 8.54 26.46 26.52
CA ARG C 70 9.95 26.30 26.86
C ARG C 70 10.21 24.83 27.18
N GLY C 71 11.31 24.28 26.66
CA GLY C 71 11.45 22.84 26.65
C GLY C 71 11.98 22.29 27.96
N PHE C 72 11.78 20.98 28.13
CA PHE C 72 12.45 20.21 29.18
C PHE C 72 13.94 19.98 28.92
N SER C 73 14.40 20.15 27.69
CA SER C 73 15.82 20.30 27.39
C SER C 73 16.34 21.72 27.56
N GLY C 74 15.56 22.57 28.23
CA GLY C 74 15.88 23.96 28.50
C GLY C 74 15.90 24.91 27.31
N ALA C 75 17.03 25.56 27.06
CA ALA C 75 17.11 26.57 26.02
C ALA C 75 18.54 26.61 25.50
N PRO C 76 18.76 27.22 24.31
CA PRO C 76 17.78 27.66 23.30
C PRO C 76 17.24 26.51 22.47
N LEU C 77 16.00 26.61 21.99
CA LEU C 77 15.43 25.58 21.12
C LEU C 77 15.51 25.94 19.63
N ILE C 78 15.67 27.21 19.28
CA ILE C 78 15.84 27.63 17.90
C ILE C 78 16.83 28.78 17.84
N LEU C 79 17.47 28.92 16.68
CA LEU C 79 18.38 30.03 16.41
C LEU C 79 17.62 31.21 15.81
N LYS C 80 18.11 32.41 16.11
CA LYS C 80 17.60 33.63 15.49
C LYS C 80 17.90 33.65 13.99
N GLN C 81 17.01 34.28 13.24
CA GLN C 81 17.06 34.25 11.77
C GLN C 81 16.36 35.50 11.25
N ASP C 82 17.13 36.47 10.79
CA ASP C 82 16.57 37.74 10.34
C ASP C 82 17.41 38.30 9.20
N GLY C 83 16.76 39.11 8.36
CA GLY C 83 17.34 39.57 7.11
C GLY C 83 17.46 38.50 6.05
N GLU C 84 18.07 37.37 6.39
CA GLU C 84 18.25 36.26 5.46
C GLU C 84 18.55 35.02 6.28
N TYR C 85 18.44 33.86 5.61
CA TYR C 85 19.03 32.64 6.15
C TYR C 85 20.52 32.83 6.39
N LYS C 86 21.02 32.22 7.45
CA LYS C 86 22.45 32.08 7.69
C LYS C 86 22.86 30.62 7.48
N SER C 87 23.75 30.40 6.53
CA SER C 87 24.26 29.05 6.26
C SER C 87 25.39 28.71 7.24
N PHE C 88 25.52 27.42 7.53
CA PHE C 88 26.67 26.88 8.25
C PHE C 88 27.77 26.36 7.32
N SER C 89 27.48 26.18 6.04
CA SER C 89 28.38 25.52 5.10
C SER C 89 28.95 26.49 4.06
N GLY C 90 29.06 27.77 4.43
CA GLY C 90 29.77 28.75 3.63
C GLY C 90 29.05 29.11 2.33
N TYR C 91 29.72 29.93 1.55
CA TYR C 91 29.14 30.64 0.41
C TYR C 91 30.08 30.54 -0.78
N PRO C 92 29.56 30.72 -2.02
CA PRO C 92 28.15 30.93 -2.41
C PRO C 92 27.20 29.79 -2.05
N LEU C 93 25.92 30.11 -1.85
CA LEU C 93 24.92 29.11 -1.50
C LEU C 93 23.95 28.81 -2.62
N LEU C 94 23.82 29.70 -3.60
CA LEU C 94 23.11 29.44 -4.84
C LEU C 94 23.91 29.97 -6.03
N LEU C 95 23.67 29.39 -7.20
CA LEU C 95 24.35 29.78 -8.44
C LEU C 95 23.38 29.69 -9.62
N ASN C 96 22.20 30.27 -9.45
CA ASN C 96 21.21 30.28 -10.52
C ASN C 96 21.63 31.26 -11.61
N ILE C 97 21.03 31.10 -12.79
CA ILE C 97 21.37 31.89 -13.96
C ILE C 97 21.06 33.37 -13.73
N CXM D 1 -1.27 4.51 -34.35
CA CXM D 1 -1.35 5.71 -35.12
CB CXM D 1 -0.70 5.55 -36.51
CG CXM D 1 0.70 5.04 -36.42
SD CXM D 1 1.46 4.59 -37.98
CE CXM D 1 0.89 5.85 -39.08
C CXM D 1 -2.82 6.20 -35.34
O CXM D 1 -3.02 7.38 -35.74
CN CXM D 1 -1.50 4.44 -32.95
ON1 CXM D 1 -2.01 5.46 -32.39
ON2 CXM D 1 -1.21 3.39 -32.29
N ASN D 2 -3.79 5.32 -35.09
CA ASN D 2 -5.20 5.66 -35.21
C ASN D 2 -5.86 5.92 -33.86
N GLN D 3 -5.11 5.67 -32.78
CA GLN D 3 -5.58 5.88 -31.42
C GLN D 3 -5.30 7.29 -30.91
N ALA D 4 -4.85 8.20 -31.78
CA ALA D 4 -4.46 9.55 -31.40
C ALA D 4 -5.47 10.28 -30.52
N ARG D 5 -6.77 10.03 -30.70
CA ARG D 5 -7.77 10.72 -29.90
C ARG D 5 -7.88 10.22 -28.47
N ILE D 6 -7.13 9.19 -28.06
CA ILE D 6 -7.19 8.70 -26.69
C ILE D 6 -6.92 9.81 -25.67
N TRP D 7 -6.09 10.78 -26.03
CA TRP D 7 -5.77 11.89 -25.13
C TRP D 7 -6.93 12.86 -24.94
N THR D 8 -8.04 12.68 -25.65
CA THR D 8 -9.23 13.49 -25.40
C THR D 8 -10.06 12.91 -24.27
N VAL D 9 -9.85 11.64 -23.95
CA VAL D 9 -10.60 10.96 -22.89
C VAL D 9 -9.72 10.50 -21.75
N VAL D 10 -8.42 10.28 -21.97
CA VAL D 10 -7.48 9.89 -20.92
C VAL D 10 -6.56 11.07 -20.65
N LYS D 11 -6.49 11.48 -19.39
CA LYS D 11 -5.68 12.63 -19.01
C LYS D 11 -4.21 12.43 -19.32
N PRO D 12 -3.56 13.35 -20.05
CA PRO D 12 -2.13 13.20 -20.32
C PRO D 12 -1.26 13.09 -19.09
N THR D 13 -1.57 13.85 -18.03
CA THR D 13 -0.82 13.80 -16.79
C THR D 13 -0.99 12.47 -16.05
N VAL D 14 -1.83 11.58 -16.59
CA VAL D 14 -2.05 10.25 -16.05
C VAL D 14 -1.52 9.19 -17.00
N GLY D 15 -1.99 9.20 -18.25
CA GLY D 15 -1.56 8.21 -19.22
C GLY D 15 -0.08 8.27 -19.57
N LEU D 16 0.47 9.48 -19.73
CA LEU D 16 1.90 9.57 -20.06
C LEU D 16 2.80 9.09 -18.93
N PRO D 17 2.61 9.50 -17.67
CA PRO D 17 3.46 8.92 -16.61
C PRO D 17 3.29 7.42 -16.47
N LEU D 18 2.05 6.93 -16.56
CA LEU D 18 1.80 5.49 -16.47
C LEU D 18 2.44 4.74 -17.63
N LEU D 19 2.40 5.31 -18.83
CA LEU D 19 3.02 4.67 -19.99
C LEU D 19 4.54 4.60 -19.83
N LEU D 20 5.18 5.75 -19.59
CA LEU D 20 6.63 5.77 -19.42
C LEU D 20 7.05 4.92 -18.23
N GLY D 21 6.28 4.97 -17.14
CA GLY D 21 6.59 4.14 -15.98
C GLY D 21 6.41 2.65 -16.25
N SER D 22 5.34 2.28 -16.95
CA SER D 22 5.10 0.87 -17.25
C SER D 22 6.18 0.30 -18.16
N VAL D 23 6.56 1.03 -19.21
CA VAL D 23 7.63 0.57 -20.09
C VAL D 23 8.91 0.37 -19.30
N THR D 24 9.22 1.29 -18.41
CA THR D 24 10.42 1.17 -17.57
C THR D 24 10.34 -0.05 -16.66
N VAL D 25 9.18 -0.28 -16.04
CA VAL D 25 8.99 -1.43 -15.17
C VAL D 25 9.12 -2.73 -15.95
N ILE D 26 8.52 -2.80 -17.14
CA ILE D 26 8.64 -4.00 -17.96
C ILE D 26 10.10 -4.27 -18.32
N ALA D 27 10.83 -3.23 -18.71
CA ALA D 27 12.25 -3.39 -19.04
C ALA D 27 13.04 -3.92 -17.84
N ILE D 28 12.81 -3.35 -16.67
CA ILE D 28 13.48 -3.81 -15.45
C ILE D 28 13.13 -5.27 -15.16
N LEU D 29 11.85 -5.61 -15.28
CA LEU D 29 11.41 -6.99 -15.05
C LEU D 29 12.06 -7.98 -16.01
N VAL D 30 12.16 -7.61 -17.29
CA VAL D 30 12.82 -8.51 -18.25
C VAL D 30 14.31 -8.67 -17.91
N HIS D 31 14.99 -7.61 -17.50
CA HIS D 31 16.39 -7.73 -17.10
C HIS D 31 16.53 -8.67 -15.90
N PHE D 32 15.73 -8.47 -14.85
CA PHE D 32 15.79 -9.35 -13.69
C PHE D 32 15.42 -10.78 -14.04
N ALA D 33 14.47 -10.98 -14.95
CA ALA D 33 14.10 -12.33 -15.36
C ALA D 33 15.28 -13.06 -16.01
N VAL D 34 15.87 -12.44 -17.04
CA VAL D 34 17.00 -13.05 -17.74
C VAL D 34 18.20 -13.19 -16.80
N LEU D 35 18.38 -12.23 -15.90
CA LEU D 35 19.48 -12.30 -14.94
C LEU D 35 19.34 -13.48 -13.98
N SER D 36 18.12 -13.83 -13.60
CA SER D 36 17.92 -14.94 -12.68
C SER D 36 17.85 -16.29 -13.35
N HIS D 37 17.37 -16.36 -14.58
CA HIS D 37 17.20 -17.64 -15.28
C HIS D 37 18.30 -17.96 -16.28
N THR D 38 19.41 -17.23 -16.27
CA THR D 38 20.54 -17.55 -17.13
C THR D 38 21.84 -17.48 -16.32
N THR D 39 22.86 -18.16 -16.83
CA THR D 39 24.19 -18.14 -16.24
C THR D 39 25.10 -17.10 -16.88
N TRP D 40 24.98 -16.93 -18.20
CA TRP D 40 25.87 -16.02 -18.93
C TRP D 40 25.67 -14.55 -18.54
N PHE D 41 24.45 -14.15 -18.17
CA PHE D 41 24.26 -12.77 -17.75
C PHE D 41 24.99 -12.49 -16.43
N SER D 42 24.89 -13.41 -15.46
CA SER D 42 25.65 -13.25 -14.23
C SER D 42 27.15 -13.34 -14.49
N LYS D 43 27.56 -14.27 -15.35
CA LYS D 43 28.96 -14.44 -15.71
C LYS D 43 29.53 -13.17 -16.33
N TYR D 44 28.74 -12.52 -17.20
CA TYR D 44 29.16 -11.27 -17.82
C TYR D 44 29.52 -10.21 -16.78
N TRP D 45 28.69 -10.06 -15.73
CA TRP D 45 29.03 -9.09 -14.69
C TRP D 45 30.20 -9.56 -13.83
N ASN D 46 30.29 -10.87 -13.58
CA ASN D 46 31.38 -11.38 -12.75
C ASN D 46 32.72 -11.33 -13.47
N GLY D 47 32.71 -11.40 -14.79
CA GLY D 47 33.94 -11.34 -15.58
C GLY D 47 35.01 -12.30 -15.11
N LYS D 48 36.23 -11.76 -14.90
CA LYS D 48 37.34 -12.58 -14.41
C LYS D 48 37.07 -13.23 -13.06
N ALA D 49 36.14 -12.67 -12.28
CA ALA D 49 35.78 -13.21 -10.96
C ALA D 49 37.01 -13.39 -10.07
N ALA D 50 38.03 -12.57 -10.30
CA ALA D 50 39.29 -12.65 -9.55
C ALA D 50 39.08 -12.49 -8.06
N ALA E 2 -17.02 21.64 -33.16
CA ALA E 2 -16.11 21.30 -32.07
C ALA E 2 -16.84 21.27 -30.74
N ASP E 3 -16.30 20.52 -29.79
CA ASP E 3 -16.90 20.40 -28.47
C ASP E 3 -15.81 20.12 -27.45
N LYS E 4 -16.10 20.45 -26.20
CA LYS E 4 -15.14 20.22 -25.13
C LYS E 4 -14.98 18.73 -24.83
N THR E 5 -13.74 18.33 -24.55
CA THR E 5 -13.40 16.95 -24.25
C THR E 5 -13.28 16.76 -22.73
N LEU E 6 -13.21 15.50 -22.32
CA LEU E 6 -13.09 15.20 -20.89
C LEU E 6 -11.76 15.69 -20.31
N THR E 7 -10.68 15.65 -21.08
CA THR E 7 -9.37 16.06 -20.59
C THR E 7 -9.12 17.55 -20.77
N GLY E 8 -9.84 18.19 -21.69
CA GLY E 8 -9.65 19.58 -22.02
C GLY E 8 -8.87 19.82 -23.29
N LEU E 9 -8.12 18.82 -23.75
CA LEU E 9 -7.38 18.94 -25.00
C LEU E 9 -8.32 18.85 -26.18
N THR E 10 -8.10 19.69 -27.18
CA THR E 10 -8.87 19.58 -28.41
C THR E 10 -8.40 18.34 -29.18
N VAL E 11 -9.18 17.94 -30.18
CA VAL E 11 -8.79 16.82 -31.02
C VAL E 11 -7.44 17.10 -31.67
N GLU E 12 -7.24 18.33 -32.15
CA GLU E 12 -5.97 18.70 -32.78
C GLU E 12 -4.81 18.58 -31.81
N GLU E 13 -4.99 19.01 -30.56
CA GLU E 13 -3.92 18.90 -29.56
C GLU E 13 -3.65 17.45 -29.19
N SER E 14 -4.69 16.62 -29.13
CA SER E 14 -4.51 15.20 -28.82
C SER E 14 -3.71 14.50 -29.91
N GLU E 15 -4.02 14.80 -31.19
CA GLU E 15 -3.28 14.19 -32.28
C GLU E 15 -1.82 14.63 -32.29
N GLU E 16 -1.56 15.90 -31.98
CA GLU E 16 -0.19 16.37 -31.90
C GLU E 16 0.57 15.66 -30.79
N LEU E 17 -0.05 15.51 -29.62
CA LEU E 17 0.57 14.79 -28.52
C LEU E 17 0.88 13.35 -28.90
N HIS E 18 -0.07 12.68 -29.58
CA HIS E 18 0.14 11.30 -30.00
C HIS E 18 1.29 11.16 -30.99
N LYS E 19 1.57 12.20 -31.78
CA LYS E 19 2.72 12.12 -32.69
C LYS E 19 4.01 11.92 -31.90
N HIS E 20 4.15 12.61 -30.77
CA HIS E 20 5.31 12.43 -29.91
C HIS E 20 5.35 11.02 -29.34
N VAL E 21 4.18 10.48 -28.98
CA VAL E 21 4.09 9.12 -28.46
C VAL E 21 4.47 8.10 -29.53
N ILE E 22 3.96 8.28 -30.74
CA ILE E 22 4.30 7.37 -31.83
C ILE E 22 5.78 7.47 -32.16
N ASP E 23 6.31 8.70 -32.28
CA ASP E 23 7.73 8.89 -32.56
C ASP E 23 8.58 8.27 -31.45
N GLY E 24 8.20 8.51 -30.19
CA GLY E 24 8.93 7.91 -29.08
C GLY E 24 8.90 6.40 -29.09
N THR E 25 7.76 5.81 -29.47
CA THR E 25 7.67 4.35 -29.55
C THR E 25 8.56 3.82 -30.67
N ARG E 26 8.61 4.52 -31.80
CA ARG E 26 9.50 4.12 -32.89
C ARG E 26 10.97 4.23 -32.49
N ILE E 27 11.34 5.32 -31.81
CA ILE E 27 12.72 5.47 -31.34
C ILE E 27 13.05 4.36 -30.35
N PHE E 28 12.17 4.11 -29.39
CA PHE E 28 12.38 3.01 -28.45
C PHE E 28 12.53 1.68 -29.18
N GLY E 29 11.67 1.44 -30.17
CA GLY E 29 11.75 0.21 -30.94
C GLY E 29 13.06 0.07 -31.69
N ALA E 30 13.50 1.15 -32.34
CA ALA E 30 14.77 1.15 -33.07
C ALA E 30 15.94 0.81 -32.16
N ILE E 31 16.02 1.46 -31.00
CA ILE E 31 17.08 1.17 -30.05
C ILE E 31 16.98 -0.27 -29.53
N ALA E 32 15.76 -0.73 -29.27
CA ALA E 32 15.57 -2.11 -28.82
C ALA E 32 16.03 -3.12 -29.86
N ILE E 33 15.73 -2.86 -31.14
CA ILE E 33 16.19 -3.76 -32.21
C ILE E 33 17.71 -3.85 -32.22
N VAL E 34 18.39 -2.72 -32.07
CA VAL E 34 19.85 -2.71 -32.02
C VAL E 34 20.34 -3.49 -30.79
N ALA E 35 19.72 -3.25 -29.64
CA ALA E 35 20.09 -3.97 -28.42
C ALA E 35 19.91 -5.47 -28.57
N HIS E 36 18.87 -5.91 -29.28
CA HIS E 36 18.70 -7.34 -29.53
C HIS E 36 19.76 -7.87 -30.49
N PHE E 37 20.14 -7.07 -31.48
CA PHE E 37 21.20 -7.48 -32.40
C PHE E 37 22.53 -7.62 -31.66
N LEU E 38 22.86 -6.64 -30.82
CA LEU E 38 24.08 -6.72 -30.01
C LEU E 38 24.04 -7.93 -29.09
N ALA E 39 22.91 -8.15 -28.43
CA ALA E 39 22.75 -9.31 -27.54
C ALA E 39 22.91 -10.61 -28.30
N TYR E 40 22.33 -10.70 -29.50
CA TYR E 40 22.47 -11.91 -30.31
C TYR E 40 23.93 -12.14 -30.69
N VAL E 41 24.66 -11.09 -31.07
CA VAL E 41 26.05 -11.24 -31.46
C VAL E 41 26.93 -11.67 -30.28
N TYR E 42 26.78 -11.01 -29.13
CA TYR E 42 27.66 -11.29 -27.99
C TYR E 42 27.14 -12.36 -27.04
N SER E 43 25.83 -12.59 -26.97
CA SER E 43 25.38 -13.62 -26.03
C SER E 43 25.17 -14.95 -26.75
N PRO E 44 25.17 -16.06 -26.02
CA PRO E 44 24.94 -17.38 -26.65
C PRO E 44 23.52 -17.61 -27.12
N TRP E 45 22.61 -16.64 -26.96
CA TRP E 45 21.24 -16.78 -27.40
C TRP E 45 21.17 -16.89 -28.93
N LEU E 46 20.20 -17.67 -29.39
CA LEU E 46 19.92 -18.00 -30.79
C LEU E 46 21.09 -18.64 -31.52
N HIS E 47 22.14 -19.05 -30.83
CA HIS E 47 23.25 -19.72 -31.50
C HIS E 47 22.94 -21.18 -31.80
N CXM F 1 15.28 16.60 -26.32
CA CXM F 1 15.33 18.01 -26.59
CB CXM F 1 16.59 18.37 -27.42
CG CXM F 1 17.84 17.75 -26.85
SD CXM F 1 19.32 17.96 -27.83
CE CXM F 1 19.22 19.65 -28.34
C CXM F 1 14.10 18.54 -27.37
O CXM F 1 13.86 19.79 -27.39
CN CXM F 1 14.40 16.03 -25.35
ON1 CXM F 1 13.50 16.77 -24.85
ON2 CXM F 1 14.54 14.81 -25.01
N ASN F 2 13.33 17.64 -27.99
CA ASN F 2 12.12 18.00 -28.71
C ASN F 2 10.85 17.74 -27.90
N GLN F 3 11.02 17.29 -26.65
CA GLN F 3 9.91 16.99 -25.75
C GLN F 3 9.64 18.12 -24.77
N ALA F 4 10.26 19.29 -24.96
CA ALA F 4 10.17 20.39 -24.01
C ALA F 4 8.74 20.79 -23.64
N ARG F 5 7.78 20.58 -24.53
CA ARG F 5 6.40 20.94 -24.23
C ARG F 5 5.63 19.91 -23.42
N ILE F 6 6.26 18.80 -23.01
CA ILE F 6 5.56 17.80 -22.20
C ILE F 6 5.03 18.41 -20.91
N TRP F 7 5.76 19.36 -20.33
CA TRP F 7 5.37 20.03 -19.09
C TRP F 7 4.11 20.90 -19.22
N THR F 8 3.57 21.04 -20.42
CA THR F 8 2.30 21.73 -20.60
C THR F 8 1.11 20.81 -20.42
N VAL F 9 1.36 19.49 -20.42
CA VAL F 9 0.30 18.50 -20.25
C VAL F 9 0.56 17.58 -19.07
N VAL F 10 1.80 17.46 -18.60
CA VAL F 10 2.13 16.70 -17.40
C VAL F 10 2.55 17.68 -16.31
N LYS F 11 1.87 17.62 -15.18
CA LYS F 11 2.13 18.54 -14.07
C LYS F 11 3.56 18.38 -13.55
N PRO F 12 4.32 19.47 -13.45
CA PRO F 12 5.69 19.37 -12.91
C PRO F 12 5.75 18.78 -11.50
N THR F 13 4.78 19.10 -10.65
CA THR F 13 4.78 18.55 -9.29
C THR F 13 4.50 17.06 -9.27
N VAL F 14 4.21 16.47 -10.43
CA VAL F 14 3.99 15.04 -10.58
C VAL F 14 5.10 14.40 -11.40
N GLY F 15 5.36 14.92 -12.60
CA GLY F 15 6.39 14.36 -13.46
C GLY F 15 7.80 14.48 -12.93
N LEU F 16 8.14 15.64 -12.35
CA LEU F 16 9.49 15.80 -11.82
C LEU F 16 9.75 14.90 -10.62
N PRO F 17 8.89 14.82 -9.60
CA PRO F 17 9.16 13.86 -8.51
C PRO F 17 9.19 12.42 -8.98
N LEU F 18 8.34 12.05 -9.94
CA LEU F 18 8.35 10.70 -10.48
C LEU F 18 9.60 10.42 -11.29
N LEU F 19 10.09 11.43 -12.02
CA LEU F 19 11.32 11.25 -12.81
C LEU F 19 12.52 11.05 -11.90
N LEU F 20 12.77 12.00 -10.99
CA LEU F 20 13.89 11.89 -10.07
C LEU F 20 13.78 10.62 -9.22
N GLY F 21 12.58 10.30 -8.75
CA GLY F 21 12.39 9.10 -7.97
C GLY F 21 12.61 7.82 -8.75
N SER F 22 12.09 7.75 -9.97
CA SER F 22 12.31 6.56 -10.80
C SER F 22 13.79 6.33 -11.09
N VAL F 23 14.53 7.40 -11.42
CA VAL F 23 15.96 7.27 -11.68
C VAL F 23 16.68 6.71 -10.46
N THR F 24 16.36 7.23 -9.27
CA THR F 24 16.97 6.74 -8.05
C THR F 24 16.61 5.28 -7.78
N VAL F 25 15.34 4.91 -7.98
CA VAL F 25 14.91 3.53 -7.80
C VAL F 25 15.66 2.60 -8.75
N ILE F 26 15.79 2.99 -10.01
CA ILE F 26 16.54 2.17 -10.97
C ILE F 26 17.98 1.99 -10.51
N ALA F 27 18.64 3.07 -10.09
CA ALA F 27 20.01 2.98 -9.62
C ALA F 27 20.12 2.02 -8.44
N ILE F 28 19.21 2.12 -7.48
CA ILE F 28 19.20 1.21 -6.33
C ILE F 28 19.02 -0.23 -6.79
N LEU F 29 18.09 -0.46 -7.71
CA LEU F 29 17.83 -1.80 -8.23
C LEU F 29 19.05 -2.37 -8.95
N VAL F 30 19.78 -1.54 -9.71
CA VAL F 30 20.98 -2.03 -10.39
C VAL F 30 22.07 -2.38 -9.39
N HIS F 31 22.25 -1.56 -8.36
CA HIS F 31 23.25 -1.89 -7.33
C HIS F 31 22.91 -3.20 -6.63
N PHE F 32 21.64 -3.38 -6.23
CA PHE F 32 21.24 -4.63 -5.59
C PHE F 32 21.39 -5.82 -6.52
N ALA F 33 21.11 -5.65 -7.81
CA ALA F 33 21.27 -6.75 -8.76
C ALA F 33 22.73 -7.18 -8.86
N VAL F 34 23.64 -6.24 -9.12
CA VAL F 34 25.06 -6.59 -9.23
C VAL F 34 25.58 -7.13 -7.91
N LEU F 35 25.13 -6.56 -6.79
CA LEU F 35 25.56 -7.03 -5.48
C LEU F 35 25.12 -8.46 -5.21
N SER F 36 23.94 -8.84 -5.70
CA SER F 36 23.45 -10.20 -5.48
C SER F 36 24.02 -11.22 -6.46
N HIS F 37 24.24 -10.81 -7.71
CA HIS F 37 24.67 -11.74 -8.74
C HIS F 37 26.17 -11.69 -9.05
N THR F 38 26.99 -11.11 -8.18
CA THR F 38 28.43 -11.11 -8.40
C THR F 38 29.13 -11.38 -7.08
N THR F 39 30.34 -11.91 -7.18
CA THR F 39 31.20 -12.20 -6.03
C THR F 39 32.07 -11.03 -5.63
N TRP F 40 32.64 -10.32 -6.62
CA TRP F 40 33.60 -9.26 -6.36
C TRP F 40 32.98 -8.05 -5.66
N PHE F 41 31.72 -7.73 -5.94
CA PHE F 41 31.11 -6.58 -5.27
C PHE F 41 31.02 -6.82 -3.76
N SER F 42 30.54 -8.00 -3.36
CA SER F 42 30.51 -8.35 -1.94
C SER F 42 31.92 -8.42 -1.36
N LYS F 43 32.86 -8.99 -2.11
CA LYS F 43 34.25 -9.09 -1.67
C LYS F 43 34.86 -7.71 -1.43
N TYR F 44 34.50 -6.74 -2.28
CA TYR F 44 34.97 -5.37 -2.10
C TYR F 44 34.54 -4.79 -0.76
N TRP F 45 33.29 -4.99 -0.37
CA TRP F 45 32.84 -4.50 0.94
C TRP F 45 33.49 -5.25 2.09
N ASN F 46 33.69 -6.57 1.94
CA ASN F 46 34.35 -7.33 3.00
C ASN F 46 35.81 -6.91 3.16
N GLY F 47 36.49 -6.59 2.06
CA GLY F 47 37.90 -6.22 2.14
C GLY F 47 38.70 -7.33 2.80
N LYS F 48 39.43 -6.97 3.85
CA LYS F 48 40.18 -7.97 4.62
C LYS F 48 39.27 -8.93 5.37
N ALA F 49 37.98 -8.61 5.51
CA ALA F 49 37.01 -9.41 6.25
C ALA F 49 37.39 -9.62 7.71
N ALA F 50 38.28 -8.76 8.22
CA ALA F 50 38.72 -8.86 9.61
C ALA F 50 37.58 -8.55 10.58
N ALA G 2 -1.49 32.25 -27.64
CA ALA G 2 -1.34 31.25 -26.59
C ALA G 2 -2.60 31.19 -25.72
N ASP G 3 -2.84 30.03 -25.12
CA ASP G 3 -4.00 29.83 -24.26
C ASP G 3 -3.60 28.95 -23.08
N LYS G 4 -4.43 28.98 -22.04
CA LYS G 4 -4.18 28.21 -20.83
C LYS G 4 -3.96 26.73 -21.12
N THR G 5 -2.82 26.22 -20.66
CA THR G 5 -2.47 24.81 -20.81
C THR G 5 -3.11 24.00 -19.68
N LEU G 6 -3.04 22.67 -19.82
CA LEU G 6 -3.61 21.81 -18.79
C LEU G 6 -2.90 21.98 -17.46
N THR G 7 -1.59 22.27 -17.48
CA THR G 7 -0.81 22.42 -16.26
C THR G 7 -0.69 23.87 -15.81
N GLY G 8 -1.03 24.82 -16.68
CA GLY G 8 -0.88 26.22 -16.39
C GLY G 8 0.42 26.84 -16.84
N LEU G 9 1.44 26.04 -17.08
CA LEU G 9 2.71 26.55 -17.59
C LEU G 9 2.58 26.95 -19.05
N THR G 10 3.14 28.10 -19.39
CA THR G 10 3.17 28.52 -20.78
C THR G 10 4.19 27.69 -21.55
N VAL G 11 4.20 27.86 -22.88
CA VAL G 11 5.19 27.19 -23.71
C VAL G 11 6.60 27.57 -23.30
N GLU G 12 6.83 28.87 -23.05
CA GLU G 12 8.15 29.34 -22.63
C GLU G 12 8.56 28.74 -21.29
N GLU G 13 7.64 28.67 -20.33
CA GLU G 13 7.96 28.09 -19.03
C GLU G 13 8.24 26.60 -19.13
N SER G 14 7.47 25.88 -19.96
CA SER G 14 7.72 24.45 -20.13
C SER G 14 9.08 24.20 -20.77
N GLU G 15 9.44 25.02 -21.76
CA GLU G 15 10.73 24.88 -22.42
C GLU G 15 11.88 25.24 -21.49
N GLU G 16 11.71 26.29 -20.69
CA GLU G 16 12.74 26.65 -19.71
C GLU G 16 12.89 25.58 -18.64
N LEU G 17 11.78 24.95 -18.24
CA LEU G 17 11.84 23.85 -17.29
C LEU G 17 12.59 22.66 -17.88
N HIS G 18 12.22 22.28 -19.11
CA HIS G 18 12.86 21.14 -19.76
C HIS G 18 14.35 21.33 -19.94
N LYS G 19 14.81 22.58 -20.11
CA LYS G 19 16.25 22.82 -20.20
C LYS G 19 16.98 22.27 -18.97
N HIS G 20 16.40 22.46 -17.78
CA HIS G 20 17.03 21.89 -16.58
C HIS G 20 16.98 20.37 -16.60
N VAL G 21 15.92 19.79 -17.17
CA VAL G 21 15.80 18.34 -17.28
C VAL G 21 16.85 17.79 -18.24
N ILE G 22 17.03 18.45 -19.39
CA ILE G 22 18.04 18.01 -20.35
C ILE G 22 19.43 18.16 -19.76
N ASP G 23 19.73 19.32 -19.18
CA ASP G 23 21.02 19.52 -18.54
C ASP G 23 21.22 18.51 -17.41
N GLY G 24 20.19 18.27 -16.61
CA GLY G 24 20.29 17.29 -15.55
C GLY G 24 20.59 15.90 -16.06
N THR G 25 19.93 15.49 -17.14
CA THR G 25 20.20 14.19 -17.75
C THR G 25 21.64 14.13 -18.26
N ARG G 26 22.11 15.21 -18.86
CA ARG G 26 23.50 15.27 -19.33
C ARG G 26 24.49 15.18 -18.17
N ILE G 27 24.24 15.92 -17.09
CA ILE G 27 25.11 15.86 -15.93
C ILE G 27 25.10 14.46 -15.32
N PHE G 28 23.91 13.87 -15.18
CA PHE G 28 23.81 12.51 -14.67
C PHE G 28 24.55 11.53 -15.57
N GLY G 29 24.34 11.65 -16.89
CA GLY G 29 25.02 10.78 -17.84
C GLY G 29 26.53 10.90 -17.79
N ALA G 30 27.03 12.13 -17.69
CA ALA G 30 28.48 12.35 -17.62
C ALA G 30 29.08 11.71 -16.38
N ILE G 31 28.44 11.90 -15.21
CA ILE G 31 28.94 11.28 -13.98
C ILE G 31 28.84 9.75 -14.08
N ALA G 32 27.76 9.24 -14.66
CA ALA G 32 27.61 7.80 -14.84
C ALA G 32 28.72 7.22 -15.72
N ILE G 33 29.12 7.96 -16.76
CA ILE G 33 30.21 7.50 -17.61
C ILE G 33 31.50 7.39 -16.81
N VAL G 34 31.78 8.37 -15.96
CA VAL G 34 32.96 8.30 -15.09
C VAL G 34 32.88 7.12 -14.14
N ALA G 35 31.69 6.89 -13.56
CA ALA G 35 31.51 5.74 -12.68
C ALA G 35 31.72 4.43 -13.42
N HIS G 36 31.23 4.33 -14.66
CA HIS G 36 31.44 3.12 -15.44
C HIS G 36 32.92 2.94 -15.77
N PHE G 37 33.62 4.02 -16.09
CA PHE G 37 35.05 3.94 -16.36
C PHE G 37 35.81 3.47 -15.13
N LEU G 38 35.52 4.06 -13.97
CA LEU G 38 36.16 3.63 -12.73
C LEU G 38 35.86 2.17 -12.42
N ALA G 39 34.60 1.76 -12.63
CA ALA G 39 34.22 0.36 -12.42
C ALA G 39 34.99 -0.55 -13.37
N TYR G 40 35.06 -0.18 -14.64
CA TYR G 40 35.82 -0.98 -15.61
C TYR G 40 37.29 -1.10 -15.21
N VAL G 41 37.90 -0.01 -14.75
CA VAL G 41 39.30 -0.06 -14.35
C VAL G 41 39.52 -0.96 -13.13
N TYR G 42 38.73 -0.78 -12.08
CA TYR G 42 38.94 -1.52 -10.84
C TYR G 42 38.18 -2.83 -10.72
N SER G 43 37.18 -3.08 -11.55
CA SER G 43 36.49 -4.35 -11.40
C SER G 43 36.88 -5.33 -12.49
N PRO G 44 36.62 -6.63 -12.30
CA PRO G 44 36.94 -7.61 -13.35
C PRO G 44 36.01 -7.58 -14.55
N TRP G 45 35.04 -6.67 -14.58
CA TRP G 45 34.12 -6.57 -15.70
C TRP G 45 34.86 -6.16 -16.97
N LEU G 46 34.43 -6.75 -18.10
CA LEU G 46 35.01 -6.59 -19.42
C LEU G 46 36.45 -7.08 -19.55
N HIS G 47 37.04 -7.58 -18.47
CA HIS G 47 38.41 -8.09 -18.54
C HIS G 47 38.42 -9.52 -19.06
N CXM H 1 22.68 24.17 -6.95
CA CXM H 1 22.61 25.58 -6.68
CB CXM H 1 24.01 26.19 -6.44
CG CXM H 1 24.94 25.26 -5.72
SD CXM H 1 26.61 25.87 -5.52
CE CXM H 1 26.35 27.46 -4.82
C CXM H 1 21.93 26.42 -7.80
O CXM H 1 21.55 27.61 -7.54
CN CXM H 1 21.55 23.32 -6.99
ON1 CXM H 1 20.40 23.86 -6.95
ON2 CXM H 1 21.70 22.05 -7.07
N ASN H 2 21.79 25.84 -8.99
CA ASN H 2 21.10 26.51 -10.08
C ASN H 2 19.66 26.03 -10.22
N GLN H 3 19.27 25.08 -9.37
CA GLN H 3 17.93 24.52 -9.37
C GLN H 3 16.99 25.21 -8.39
N ALA H 4 17.44 26.32 -7.80
CA ALA H 4 16.68 27.05 -6.77
C ALA H 4 15.21 27.29 -7.11
N ARG H 5 14.86 27.37 -8.39
CA ARG H 5 13.46 27.63 -8.76
C ARG H 5 12.60 26.38 -8.90
N ILE H 6 13.14 25.18 -8.64
CA ILE H 6 12.33 23.96 -8.74
C ILE H 6 11.09 24.05 -7.85
N TRP H 7 11.20 24.73 -6.70
CA TRP H 7 10.10 24.90 -5.76
C TRP H 7 8.98 25.79 -6.29
N THR H 8 9.13 26.40 -7.46
CA THR H 8 8.04 27.15 -8.07
C THR H 8 7.11 26.25 -8.85
N VAL H 9 7.55 25.03 -9.18
CA VAL H 9 6.74 24.07 -9.92
C VAL H 9 6.52 22.79 -9.15
N VAL H 10 7.33 22.47 -8.15
CA VAL H 10 7.16 21.30 -7.30
C VAL H 10 6.78 21.79 -5.91
N LYS H 11 5.60 21.35 -5.44
CA LYS H 11 5.08 21.78 -4.15
C LYS H 11 6.02 21.43 -3.00
N PRO H 12 6.39 22.41 -2.17
CA PRO H 12 7.27 22.10 -1.01
C PRO H 12 6.73 21.03 -0.10
N THR H 13 5.42 21.02 0.19
CA THR H 13 4.83 20.01 1.05
C THR H 13 4.87 18.62 0.43
N VAL H 14 5.23 18.52 -0.84
CA VAL H 14 5.37 17.25 -1.55
C VAL H 14 6.85 16.93 -1.72
N GLY H 15 7.58 17.84 -2.37
CA GLY H 15 9.00 17.60 -2.63
C GLY H 15 9.88 17.51 -1.39
N LEU H 16 9.63 18.36 -0.38
CA LEU H 16 10.46 18.29 0.81
C LEU H 16 10.27 16.99 1.58
N PRO H 17 9.05 16.52 1.89
CA PRO H 17 8.94 15.22 2.56
C PRO H 17 9.46 14.07 1.71
N LEU H 18 9.18 14.10 0.41
CA LEU H 18 9.62 13.04 -0.50
C LEU H 18 11.13 13.04 -0.65
N LEU H 19 11.77 14.20 -0.58
CA LEU H 19 13.23 14.27 -0.62
C LEU H 19 13.84 13.66 0.64
N LEU H 20 13.48 14.23 1.80
CA LEU H 20 14.03 13.75 3.08
C LEU H 20 13.67 12.28 3.32
N GLY H 21 12.46 11.88 2.94
CA GLY H 21 12.07 10.49 3.08
C GLY H 21 12.85 9.55 2.19
N SER H 22 13.02 9.91 0.92
CA SER H 22 13.80 9.08 0.00
C SER H 22 15.25 8.98 0.43
N VAL H 23 15.85 10.08 0.88
CA VAL H 23 17.22 10.04 1.39
C VAL H 23 17.34 9.05 2.54
N THR H 24 16.40 9.11 3.49
CA THR H 24 16.42 8.18 4.62
C THR H 24 16.23 6.74 4.18
N VAL H 25 15.34 6.50 3.21
CA VAL H 25 15.14 5.15 2.69
C VAL H 25 16.42 4.62 2.06
N ILE H 26 17.14 5.46 1.31
CA ILE H 26 18.41 5.04 0.71
C ILE H 26 19.40 4.65 1.80
N ALA H 27 19.53 5.48 2.83
CA ALA H 27 20.45 5.17 3.93
C ALA H 27 20.09 3.84 4.58
N ILE H 28 18.80 3.62 4.84
CA ILE H 28 18.34 2.35 5.40
C ILE H 28 18.73 1.19 4.50
N LEU H 29 18.45 1.32 3.20
CA LEU H 29 18.76 0.26 2.24
C LEU H 29 20.26 -0.01 2.15
N VAL H 30 21.09 1.03 2.23
CA VAL H 30 22.54 0.81 2.19
C VAL H 30 23.02 0.08 3.44
N HIS H 31 22.48 0.42 4.62
CA HIS H 31 22.86 -0.30 5.83
C HIS H 31 22.44 -1.76 5.75
N PHE H 32 21.21 -2.03 5.30
CA PHE H 32 20.77 -3.42 5.14
C PHE H 32 21.58 -4.17 4.11
N ALA H 33 21.96 -3.51 3.01
CA ALA H 33 22.78 -4.16 1.99
C ALA H 33 24.14 -4.59 2.54
N VAL H 34 24.86 -3.66 3.18
CA VAL H 34 26.15 -3.99 3.75
C VAL H 34 26.02 -5.03 4.84
N LEU H 35 24.94 -4.95 5.64
CA LEU H 35 24.71 -5.92 6.70
C LEU H 35 24.44 -7.32 6.14
N SER H 36 23.73 -7.41 5.01
CA SER H 36 23.44 -8.71 4.42
C SER H 36 24.61 -9.29 3.63
N HIS H 37 25.48 -8.47 3.08
CA HIS H 37 26.57 -8.95 2.23
C HIS H 37 27.96 -8.77 2.83
N THR H 38 28.07 -8.69 4.16
CA THR H 38 29.37 -8.65 4.81
C THR H 38 29.30 -9.44 6.10
N THR H 39 30.47 -9.89 6.55
CA THR H 39 30.59 -10.61 7.82
C THR H 39 30.95 -9.69 8.97
N TRP H 40 31.81 -8.71 8.72
CA TRP H 40 32.31 -7.83 9.77
C TRP H 40 31.22 -6.93 10.36
N PHE H 41 30.20 -6.56 9.59
CA PHE H 41 29.13 -5.74 10.16
C PHE H 41 28.34 -6.54 11.19
N SER H 42 27.94 -7.76 10.85
CA SER H 42 27.27 -8.63 11.82
C SER H 42 28.20 -8.96 12.98
N LYS H 43 29.48 -9.20 12.68
CA LYS H 43 30.47 -9.51 13.71
C LYS H 43 30.62 -8.34 14.69
N TYR H 44 30.52 -7.11 14.19
CA TYR H 44 30.58 -5.94 15.05
C TYR H 44 29.44 -5.90 16.07
N TRP H 45 28.22 -6.20 15.62
CA TRP H 45 27.09 -6.23 16.55
C TRP H 45 27.15 -7.38 17.53
N ASN H 46 27.68 -8.54 17.12
CA ASN H 46 27.80 -9.65 18.05
C ASN H 46 28.87 -9.41 19.11
N GLY H 47 29.92 -8.68 18.77
CA GLY H 47 30.99 -8.39 19.71
C GLY H 47 31.55 -9.66 20.33
N LYS H 48 31.56 -9.72 21.67
CA LYS H 48 32.02 -10.90 22.37
C LYS H 48 31.16 -12.13 22.12
N ALA H 49 30.01 -11.96 21.45
CA ALA H 49 29.10 -13.06 21.13
C ALA H 49 28.61 -13.78 22.38
N ALA H 50 28.48 -13.05 23.48
CA ALA H 50 28.01 -13.62 24.74
C ALA H 50 26.51 -13.96 24.65
N ALA I 2 5.57 39.81 -12.69
CA ALA I 2 5.49 38.55 -11.97
C ALA I 2 4.06 38.00 -12.01
N ASP I 3 3.94 36.69 -11.78
CA ASP I 3 2.64 36.03 -11.76
C ASP I 3 2.71 34.86 -10.79
N LYS I 4 1.53 34.41 -10.37
CA LYS I 4 1.45 33.30 -9.41
C LYS I 4 2.03 32.01 -10.00
N THR I 5 3.00 31.44 -9.29
CA THR I 5 3.60 30.18 -9.68
C THR I 5 2.65 29.02 -9.35
N LEU I 6 2.96 27.85 -9.90
CA LEU I 6 2.11 26.68 -9.67
C LEU I 6 2.04 26.31 -8.20
N THR I 7 3.09 26.61 -7.43
CA THR I 7 3.12 26.27 -6.01
C THR I 7 2.71 27.44 -5.12
N GLY I 8 2.59 28.64 -5.67
CA GLY I 8 2.28 29.83 -4.92
C GLY I 8 3.49 30.54 -4.35
N LEU I 9 4.65 29.90 -4.34
CA LEU I 9 5.88 30.54 -3.87
C LEU I 9 6.44 31.47 -4.93
N THR I 10 6.89 32.65 -4.51
CA THR I 10 7.56 33.53 -5.44
C THR I 10 8.95 32.99 -5.75
N VAL I 11 9.63 33.61 -6.71
CA VAL I 11 10.99 33.22 -7.03
C VAL I 11 11.89 33.41 -5.81
N GLU I 12 11.75 34.54 -5.13
CA GLU I 12 12.55 34.81 -3.94
C GLU I 12 12.29 33.77 -2.85
N GLU I 13 11.02 33.40 -2.63
CA GLU I 13 10.71 32.39 -1.64
C GLU I 13 11.24 31.02 -2.04
N SER I 14 11.12 30.67 -3.31
CA SER I 14 11.63 29.37 -3.79
C SER I 14 13.14 29.30 -3.65
N GLU I 15 13.84 30.39 -3.95
CA GLU I 15 15.30 30.42 -3.82
C GLU I 15 15.72 30.41 -2.36
N GLU I 16 15.00 31.13 -1.50
CA GLU I 16 15.33 31.10 -0.08
C GLU I 16 15.08 29.73 0.53
N LEU I 17 14.07 29.01 0.03
CA LEU I 17 13.85 27.63 0.46
C LEU I 17 15.00 26.73 0.03
N HIS I 18 15.41 26.84 -1.23
CA HIS I 18 16.51 26.03 -1.76
C HIS I 18 17.80 26.24 -0.98
N LYS I 19 18.02 27.44 -0.46
CA LYS I 19 19.21 27.67 0.35
C LYS I 19 19.28 26.72 1.53
N HIS I 20 18.13 26.32 2.08
CA HIS I 20 18.13 25.34 3.16
C HIS I 20 18.41 23.94 2.62
N VAL I 21 17.90 23.65 1.42
CA VAL I 21 18.15 22.35 0.79
C VAL I 21 19.62 22.19 0.45
N ILE I 22 20.24 23.23 -0.11
CA ILE I 22 21.66 23.16 -0.43
C ILE I 22 22.48 23.05 0.85
N ASP I 23 22.20 23.93 1.83
CA ASP I 23 22.91 23.86 3.10
C ASP I 23 22.70 22.52 3.79
N GLY I 24 21.45 22.02 3.78
CA GLY I 24 21.17 20.73 4.37
C GLY I 24 21.91 19.59 3.68
N THR I 25 21.99 19.66 2.34
CA THR I 25 22.76 18.66 1.60
C THR I 25 24.24 18.72 1.95
N ARG I 26 24.80 19.94 2.03
CA ARG I 26 26.21 20.08 2.40
C ARG I 26 26.49 19.58 3.81
N ILE I 27 25.57 19.83 4.75
CA ILE I 27 25.75 19.33 6.10
C ILE I 27 25.67 17.81 6.13
N PHE I 28 24.70 17.24 5.41
CA PHE I 28 24.58 15.79 5.31
C PHE I 28 25.85 15.19 4.70
N GLY I 29 26.37 15.83 3.66
CA GLY I 29 27.61 15.36 3.04
C GLY I 29 28.78 15.37 3.99
N ALA I 30 28.95 16.47 4.74
CA ALA I 30 30.04 16.57 5.70
C ALA I 30 29.98 15.45 6.73
N ILE I 31 28.80 15.19 7.29
CA ILE I 31 28.65 14.10 8.26
C ILE I 31 28.93 12.76 7.60
N ALA I 32 28.39 12.54 6.39
CA ALA I 32 28.62 11.29 5.68
C ALA I 32 30.10 11.07 5.38
N ILE I 33 30.83 12.14 5.04
CA ILE I 33 32.26 12.01 4.79
C ILE I 33 32.98 11.53 6.04
N VAL I 34 32.67 12.12 7.19
CA VAL I 34 33.27 11.70 8.45
C VAL I 34 32.89 10.26 8.77
N ALA I 35 31.63 9.88 8.51
CA ALA I 35 31.19 8.50 8.73
C ALA I 35 31.99 7.53 7.87
N HIS I 36 32.28 7.90 6.63
CA HIS I 36 33.09 7.04 5.77
C HIS I 36 34.53 6.95 6.27
N PHE I 37 35.08 8.06 6.77
CA PHE I 37 36.43 8.04 7.32
C PHE I 37 36.52 7.09 8.51
N LEU I 38 35.55 7.16 9.42
CA LEU I 38 35.54 6.24 10.56
C LEU I 38 35.36 4.81 10.11
N ALA I 39 34.51 4.58 9.11
CA ALA I 39 34.32 3.23 8.58
C ALA I 39 35.62 2.69 7.99
N TYR I 40 36.38 3.54 7.32
CA TYR I 40 37.67 3.13 6.77
C TYR I 40 38.67 2.82 7.89
N VAL I 41 38.73 3.68 8.91
CA VAL I 41 39.68 3.49 10.00
C VAL I 41 39.36 2.24 10.82
N TYR I 42 38.08 1.93 11.05
CA TYR I 42 37.74 0.79 11.90
C TYR I 42 37.31 -0.47 11.17
N SER I 43 36.75 -0.39 9.98
CA SER I 43 36.35 -1.62 9.28
C SER I 43 37.47 -2.13 8.40
N PRO I 44 37.37 -3.37 7.93
CA PRO I 44 38.38 -3.91 6.99
C PRO I 44 38.23 -3.41 5.57
N TRP I 45 37.26 -2.53 5.29
CA TRP I 45 37.08 -1.98 3.96
C TRP I 45 38.30 -1.17 3.54
N LEU I 46 38.63 -1.25 2.24
CA LEU I 46 39.78 -0.62 1.61
C LEU I 46 41.12 -1.13 2.13
N HIS I 47 41.11 -2.08 3.06
CA HIS I 47 42.35 -2.67 3.56
C HIS I 47 42.70 -3.92 2.77
N CXM J 1 17.69 23.69 14.50
CA CXM J 1 17.27 24.90 15.14
CB CXM J 1 18.17 25.28 16.33
CG CXM J 1 18.43 24.11 17.24
SD CXM J 1 19.67 24.41 18.49
CE CXM J 1 19.34 26.08 18.98
C CXM J 1 17.22 26.15 14.19
O CXM J 1 17.01 27.29 14.69
CN CXM J 1 16.91 22.93 13.61
ON1 CXM J 1 15.85 23.47 13.14
ON2 CXM J 1 17.25 21.74 13.28
N ASN J 2 17.40 25.93 12.89
CA ASN J 2 17.32 27.01 11.91
C ASN J 2 16.28 26.70 10.84
N GLN J 3 15.73 25.49 10.88
CA GLN J 3 14.73 25.02 9.95
C GLN J 3 13.30 25.31 10.40
N ALA J 4 13.15 26.02 11.52
CA ALA J 4 11.83 26.26 12.12
C ALA J 4 10.76 26.72 11.15
N ARG J 5 11.13 27.43 10.09
CA ARG J 5 10.13 27.90 9.13
C ARG J 5 9.66 26.83 8.15
N ILE J 6 10.17 25.61 8.25
CA ILE J 6 9.73 24.52 7.35
C ILE J 6 8.22 24.30 7.44
N TRP J 7 7.62 24.54 8.61
CA TRP J 7 6.19 24.40 8.78
C TRP J 7 5.37 25.46 8.06
N THR J 8 5.99 26.49 7.50
CA THR J 8 5.27 27.46 6.69
C THR J 8 5.06 26.96 5.26
N VAL J 9 5.82 25.94 4.86
CA VAL J 9 5.73 25.37 3.53
C VAL J 9 5.37 23.90 3.54
N VAL J 10 5.59 23.18 4.64
CA VAL J 10 5.22 21.78 4.79
C VAL J 10 4.07 21.71 5.79
N LYS J 11 2.95 21.14 5.34
CA LYS J 11 1.75 21.03 6.16
C LYS J 11 2.01 20.23 7.44
N PRO J 12 1.75 20.78 8.62
CA PRO J 12 1.98 20.03 9.86
C PRO J 12 1.21 18.72 9.93
N THR J 13 -0.03 18.67 9.43
CA THR J 13 -0.80 17.44 9.46
C THR J 13 -0.25 16.37 8.53
N VAL J 14 0.77 16.70 7.74
CA VAL J 14 1.44 15.76 6.85
C VAL J 14 2.85 15.46 7.35
N GLY J 15 3.69 16.48 7.44
CA GLY J 15 5.08 16.26 7.84
C GLY J 15 5.28 15.80 9.27
N LEU J 16 4.51 16.35 10.21
CA LEU J 16 4.69 15.95 11.61
C LEU J 16 4.28 14.50 11.86
N PRO J 17 3.13 14.01 11.35
CA PRO J 17 2.86 12.57 11.50
C PRO J 17 3.86 11.72 10.75
N LEU J 18 4.28 12.16 9.58
CA LEU J 18 5.25 11.41 8.78
C LEU J 18 6.62 11.38 9.44
N LEU J 19 6.97 12.42 10.19
CA LEU J 19 8.23 12.42 10.94
C LEU J 19 8.19 11.41 12.07
N LEU J 20 7.17 11.49 12.93
CA LEU J 20 7.04 10.56 14.05
C LEU J 20 6.88 9.12 13.56
N GLY J 21 6.11 8.92 12.50
CA GLY J 21 5.97 7.60 11.93
C GLY J 21 7.27 7.04 11.36
N SER J 22 8.01 7.87 10.63
CA SER J 22 9.29 7.42 10.07
C SER J 22 10.29 7.07 11.17
N VAL J 23 10.40 7.93 12.19
CA VAL J 23 11.30 7.64 13.31
C VAL J 23 10.93 6.30 13.96
N THR J 24 9.63 6.03 14.08
CA THR J 24 9.19 4.77 14.66
C THR J 24 9.51 3.58 13.74
N VAL J 25 9.25 3.73 12.44
CA VAL J 25 9.58 2.68 11.47
C VAL J 25 11.08 2.38 11.48
N ILE J 26 11.91 3.42 11.58
CA ILE J 26 13.36 3.21 11.63
C ILE J 26 13.73 2.41 12.88
N ALA J 27 13.21 2.81 14.03
CA ALA J 27 13.49 2.09 15.28
C ALA J 27 13.08 0.63 15.20
N ILE J 28 11.91 0.35 14.60
CA ILE J 28 11.46 -1.03 14.41
C ILE J 28 12.46 -1.78 13.52
N LEU J 29 12.87 -1.15 12.42
CA LEU J 29 13.83 -1.78 11.50
C LEU J 29 15.17 -2.08 12.18
N VAL J 30 15.69 -1.14 12.99
CA VAL J 30 16.95 -1.39 13.68
C VAL J 30 16.82 -2.53 14.69
N HIS J 31 15.67 -2.65 15.35
CA HIS J 31 15.47 -3.80 16.25
C HIS J 31 15.43 -5.11 15.47
N PHE J 32 14.65 -5.17 14.39
CA PHE J 32 14.61 -6.37 13.57
C PHE J 32 15.97 -6.70 12.96
N ALA J 33 16.74 -5.68 12.58
CA ALA J 33 18.07 -5.92 12.02
C ALA J 33 18.99 -6.59 13.03
N VAL J 34 19.14 -5.99 14.21
CA VAL J 34 19.99 -6.55 15.25
C VAL J 34 19.48 -7.90 15.73
N LEU J 35 18.15 -8.08 15.74
CA LEU J 35 17.57 -9.35 16.14
C LEU J 35 17.87 -10.46 15.13
N SER J 36 17.87 -10.14 13.84
CA SER J 36 18.13 -11.16 12.82
C SER J 36 19.61 -11.47 12.64
N HIS J 37 20.49 -10.49 12.84
CA HIS J 37 21.92 -10.69 12.59
C HIS J 37 22.75 -10.87 13.85
N THR J 38 22.14 -11.22 14.98
CA THR J 38 22.90 -11.51 16.18
C THR J 38 22.28 -12.71 16.89
N THR J 39 23.08 -13.34 17.74
CA THR J 39 22.62 -14.46 18.56
C THR J 39 22.19 -14.02 19.96
N TRP J 40 22.90 -13.04 20.54
CA TRP J 40 22.63 -12.62 21.91
C TRP J 40 21.27 -11.95 22.08
N PHE J 41 20.76 -11.28 21.05
CA PHE J 41 19.42 -10.68 21.20
C PHE J 41 18.36 -11.77 21.28
N SER J 42 18.41 -12.77 20.40
CA SER J 42 17.49 -13.90 20.48
C SER J 42 17.71 -14.68 21.76
N LYS J 43 18.96 -14.85 22.16
CA LYS J 43 19.30 -15.57 23.39
C LYS J 43 18.72 -14.87 24.61
N TYR J 44 18.75 -13.53 24.62
CA TYR J 44 18.16 -12.77 25.72
C TYR J 44 16.67 -13.07 25.88
N TRP J 45 15.92 -13.15 24.77
CA TRP J 45 14.51 -13.48 24.86
C TRP J 45 14.27 -14.92 25.29
N ASN J 46 15.15 -15.85 24.90
CA ASN J 46 14.99 -17.23 25.34
C ASN J 46 15.33 -17.40 26.81
N GLY J 47 16.21 -16.57 27.35
CA GLY J 47 16.62 -16.71 28.74
C GLY J 47 17.14 -18.10 29.02
N LYS J 48 16.55 -18.77 30.02
CA LYS J 48 16.92 -20.15 30.32
C LYS J 48 16.52 -21.13 29.24
N ALA J 49 15.69 -20.72 28.28
CA ALA J 49 15.20 -21.58 27.20
C ALA J 49 14.39 -22.76 27.75
N ALA J 50 13.69 -22.53 28.86
CA ALA J 50 12.86 -23.57 29.48
C ALA J 50 11.76 -24.04 28.54
N ALA K 2 3.85 41.01 5.38
CA ALA K 2 3.42 39.66 5.71
C ALA K 2 2.36 39.18 4.72
N ASP K 3 2.26 37.85 4.57
CA ASP K 3 1.28 37.27 3.66
C ASP K 3 0.94 35.86 4.14
N LYS K 4 -0.20 35.36 3.67
CA LYS K 4 -0.63 34.01 4.01
C LYS K 4 0.33 32.98 3.44
N THR K 5 0.90 32.15 4.32
CA THR K 5 1.83 31.12 3.89
C THR K 5 1.07 29.99 3.17
N LEU K 6 1.84 29.05 2.62
CA LEU K 6 1.22 27.93 1.92
C LEU K 6 0.44 27.02 2.88
N THR K 7 0.88 26.90 4.13
CA THR K 7 0.22 26.06 5.11
C THR K 7 -0.78 26.81 5.98
N GLY K 8 -0.71 28.13 6.00
CA GLY K 8 -1.55 28.95 6.84
C GLY K 8 -0.95 29.33 8.17
N LEU K 9 0.12 28.66 8.59
CA LEU K 9 0.80 29.01 9.83
C LEU K 9 1.70 30.22 9.61
N THR K 10 1.64 31.17 10.55
CA THR K 10 2.53 32.30 10.46
C THR K 10 3.96 31.86 10.81
N VAL K 11 4.92 32.74 10.52
CA VAL K 11 6.31 32.45 10.87
C VAL K 11 6.45 32.21 12.37
N GLU K 12 5.74 33.02 13.17
CA GLU K 12 5.77 32.86 14.62
C GLU K 12 5.19 31.52 15.06
N GLU K 13 4.02 31.15 14.52
CA GLU K 13 3.41 29.88 14.85
C GLU K 13 4.29 28.70 14.43
N SER K 14 4.93 28.80 13.26
CA SER K 14 5.83 27.73 12.82
C SER K 14 7.03 27.59 13.74
N GLU K 15 7.61 28.71 14.17
CA GLU K 15 8.75 28.67 15.08
C GLU K 15 8.36 28.11 16.44
N GLU K 16 7.16 28.42 16.92
CA GLU K 16 6.69 27.85 18.18
C GLU K 16 6.43 26.36 18.03
N LEU K 17 5.94 25.93 16.86
CA LEU K 17 5.75 24.51 16.58
C LEU K 17 7.09 23.77 16.56
N HIS K 18 8.08 24.30 15.84
CA HIS K 18 9.38 23.66 15.74
C HIS K 18 10.06 23.51 17.10
N LYS K 19 9.78 24.40 18.06
CA LYS K 19 10.35 24.23 19.39
C LYS K 19 9.97 22.88 19.98
N HIS K 20 8.75 22.41 19.71
CA HIS K 20 8.35 21.09 20.19
C HIS K 20 9.09 19.98 19.43
N VAL K 21 9.32 20.20 18.14
CA VAL K 21 10.07 19.22 17.33
C VAL K 21 11.51 19.14 17.80
N ILE K 22 12.14 20.29 18.06
CA ILE K 22 13.51 20.30 18.54
C ILE K 22 13.59 19.66 19.93
N ASP K 23 12.70 20.07 20.84
CA ASP K 23 12.68 19.48 22.17
C ASP K 23 12.37 18.00 22.12
N GLY K 24 11.42 17.60 21.26
CA GLY K 24 11.14 16.19 21.08
C GLY K 24 12.35 15.39 20.61
N THR K 25 13.11 15.96 19.69
CA THR K 25 14.33 15.31 19.22
C THR K 25 15.38 15.21 20.32
N ARG K 26 15.55 16.27 21.12
CA ARG K 26 16.50 16.22 22.22
C ARG K 26 16.06 15.23 23.29
N ILE K 27 14.75 15.14 23.56
CA ILE K 27 14.25 14.15 24.51
C ILE K 27 14.49 12.74 24.00
N PHE K 28 14.11 12.48 22.75
CA PHE K 28 14.32 11.18 22.13
C PHE K 28 15.81 10.82 22.13
N GLY K 29 16.65 11.78 21.76
CA GLY K 29 18.09 11.54 21.74
C GLY K 29 18.67 11.21 23.10
N ALA K 30 18.24 11.94 24.14
CA ALA K 30 18.70 11.63 25.49
C ALA K 30 18.25 10.26 25.96
N ILE K 31 17.00 9.90 25.69
CA ILE K 31 16.52 8.56 26.05
C ILE K 31 17.30 7.50 25.29
N ALA K 32 17.52 7.71 23.99
CA ALA K 32 18.29 6.77 23.18
C ALA K 32 19.74 6.64 23.68
N ILE K 33 20.32 7.73 24.17
CA ILE K 33 21.65 7.66 24.75
C ILE K 33 21.67 6.72 25.95
N VAL K 34 20.67 6.82 26.82
CA VAL K 34 20.58 5.91 27.96
C VAL K 34 20.38 4.47 27.50
N ALA K 35 19.51 4.27 26.50
CA ALA K 35 19.29 2.94 25.96
C ALA K 35 20.57 2.34 25.39
N HIS K 36 21.43 3.17 24.79
CA HIS K 36 22.70 2.68 24.28
C HIS K 36 23.67 2.38 25.40
N PHE K 37 23.68 3.20 26.45
CA PHE K 37 24.52 2.91 27.62
C PHE K 37 24.11 1.60 28.28
N LEU K 38 22.80 1.37 28.44
CA LEU K 38 22.34 0.12 29.02
C LEU K 38 22.66 -1.07 28.12
N ALA K 39 22.45 -0.92 26.81
CA ALA K 39 22.77 -1.99 25.87
C ALA K 39 24.26 -2.29 25.87
N TYR K 40 25.09 -1.26 26.05
CA TYR K 40 26.53 -1.49 26.17
C TYR K 40 26.88 -2.25 27.44
N VAL K 41 26.40 -1.78 28.59
CA VAL K 41 26.71 -2.41 29.88
C VAL K 41 26.27 -3.88 29.93
N TYR K 42 25.15 -4.22 29.29
CA TYR K 42 24.67 -5.59 29.39
C TYR K 42 24.85 -6.45 28.15
N SER K 43 24.94 -5.89 26.96
CA SER K 43 25.16 -6.76 25.82
C SER K 43 26.65 -6.95 25.56
N PRO K 44 27.04 -7.96 24.77
CA PRO K 44 28.46 -8.15 24.44
C PRO K 44 28.99 -7.14 23.43
N TRP K 45 28.16 -6.19 22.99
CA TRP K 45 28.60 -5.16 22.08
C TRP K 45 29.71 -4.32 22.70
N LEU K 46 30.72 -4.00 21.89
CA LEU K 46 31.92 -3.26 22.26
C LEU K 46 32.75 -3.95 23.34
N HIS K 47 32.43 -5.19 23.71
CA HIS K 47 33.22 -5.92 24.70
C HIS K 47 34.29 -6.77 24.02
N CXM L 1 2.31 15.33 28.02
CA CXM L 1 1.41 16.19 28.72
CB CXM L 1 1.59 16.09 30.26
CG CXM L 1 1.52 14.66 30.74
SD CXM L 1 1.92 14.44 32.47
CE CXM L 1 0.89 15.63 33.28
C CXM L 1 1.58 17.70 28.35
O CXM L 1 0.72 18.54 28.76
CN CXM L 1 2.18 15.01 26.64
ON1 CXM L 1 1.34 15.68 25.97
ON2 CXM L 1 2.88 14.08 26.12
N ASN L 2 2.64 18.03 27.61
CA ASN L 2 2.87 19.39 27.15
C ASN L 2 2.63 19.53 25.65
N GLN L 3 2.24 18.44 25.00
CA GLN L 3 1.95 18.40 23.57
C GLN L 3 0.46 18.53 23.26
N ALA L 4 -0.35 18.86 24.27
CA ALA L 4 -1.81 18.92 24.13
C ALA L 4 -2.28 19.70 22.91
N ARG L 5 -1.54 20.70 22.46
CA ARG L 5 -1.96 21.48 21.31
C ARG L 5 -1.66 20.83 19.96
N ILE L 6 -1.07 19.63 19.94
CA ILE L 6 -0.74 18.97 18.67
C ILE L 6 -1.96 18.84 17.78
N TRP L 7 -3.14 18.63 18.38
CA TRP L 7 -4.40 18.47 17.64
C TRP L 7 -4.91 19.77 17.03
N THR L 8 -4.25 20.89 17.25
CA THR L 8 -4.60 22.12 16.54
C THR L 8 -3.97 22.18 15.16
N VAL L 9 -2.92 21.40 14.93
CA VAL L 9 -2.24 21.36 13.64
C VAL L 9 -2.31 19.99 12.97
N VAL L 10 -2.52 18.92 13.72
CA VAL L 10 -2.68 17.57 13.18
C VAL L 10 -4.14 17.17 13.31
N LYS L 11 -4.76 16.84 12.19
CA LYS L 11 -6.17 16.50 12.13
C LYS L 11 -6.47 15.25 12.95
N PRO L 12 -7.42 15.31 13.90
CA PRO L 12 -7.74 14.12 14.70
C PRO L 12 -8.17 12.91 13.88
N THR L 13 -8.90 13.12 12.79
CA THR L 13 -9.32 12.01 11.94
C THR L 13 -8.16 11.37 11.19
N VAL L 14 -6.94 11.84 11.42
CA VAL L 14 -5.72 11.32 10.82
C VAL L 14 -4.79 10.86 11.93
N GLY L 15 -4.45 11.77 12.84
CA GLY L 15 -3.55 11.44 13.93
C GLY L 15 -4.06 10.35 14.86
N LEU L 16 -5.34 10.38 15.22
CA LEU L 16 -5.86 9.35 16.11
C LEU L 16 -5.93 7.98 15.43
N PRO L 17 -6.43 7.83 14.20
CA PRO L 17 -6.33 6.52 13.55
C PRO L 17 -4.89 6.04 13.40
N LEU L 18 -3.97 6.94 13.04
CA LEU L 18 -2.57 6.56 12.91
C LEU L 18 -1.96 6.16 14.25
N LEU L 19 -2.28 6.88 15.33
CA LEU L 19 -1.75 6.53 16.65
C LEU L 19 -2.22 5.15 17.08
N LEU L 20 -3.53 4.93 17.08
CA LEU L 20 -4.07 3.63 17.51
C LEU L 20 -3.64 2.51 16.56
N GLY L 21 -3.65 2.78 15.25
CA GLY L 21 -3.20 1.78 14.29
C GLY L 21 -1.73 1.42 14.41
N SER L 22 -0.87 2.43 14.59
CA SER L 22 0.57 2.16 14.71
C SER L 22 0.88 1.35 15.97
N VAL L 23 0.31 1.76 17.11
CA VAL L 23 0.55 1.03 18.36
C VAL L 23 0.11 -0.43 18.23
N THR L 24 -1.01 -0.67 17.53
CA THR L 24 -1.46 -2.04 17.30
C THR L 24 -0.50 -2.79 16.38
N VAL L 25 -0.08 -2.16 15.28
CA VAL L 25 0.88 -2.77 14.37
C VAL L 25 2.19 -3.10 15.09
N ILE L 26 2.64 -2.20 15.97
CA ILE L 26 3.86 -2.45 16.74
C ILE L 26 3.68 -3.68 17.63
N ALA L 27 2.56 -3.76 18.34
CA ALA L 27 2.30 -4.91 19.20
C ALA L 27 2.29 -6.21 18.41
N ILE L 28 1.66 -6.21 17.23
CA ILE L 28 1.65 -7.39 16.37
C ILE L 28 3.07 -7.78 15.98
N LEU L 29 3.88 -6.78 15.61
CA LEU L 29 5.27 -7.04 15.23
C LEU L 29 6.09 -7.61 16.40
N VAL L 30 5.92 -7.07 17.60
CA VAL L 30 6.66 -7.58 18.75
C VAL L 30 6.25 -9.03 19.07
N HIS L 31 4.96 -9.35 18.95
CA HIS L 31 4.54 -10.73 19.13
C HIS L 31 5.16 -11.66 18.09
N PHE L 32 5.09 -11.28 16.82
CA PHE L 32 5.69 -12.10 15.76
C PHE L 32 7.20 -12.22 15.92
N ALA L 33 7.86 -11.17 16.40
CA ALA L 33 9.30 -11.23 16.60
C ALA L 33 9.67 -12.25 17.67
N VAL L 34 9.09 -12.13 18.86
CA VAL L 34 9.38 -13.07 19.93
C VAL L 34 8.94 -14.48 19.55
N LEU L 35 7.86 -14.60 18.80
CA LEU L 35 7.38 -15.89 18.34
C LEU L 35 8.37 -16.56 17.39
N SER L 36 8.98 -15.78 16.49
CA SER L 36 9.90 -16.36 15.52
C SER L 36 11.30 -16.59 16.08
N HIS L 37 11.71 -15.83 17.09
CA HIS L 37 13.07 -15.93 17.61
C HIS L 37 13.14 -16.57 19.00
N THR L 38 12.15 -17.38 19.37
CA THR L 38 12.18 -18.11 20.64
C THR L 38 11.54 -19.47 20.44
N THR L 39 11.87 -20.39 21.35
CA THR L 39 11.28 -21.73 21.35
C THR L 39 10.09 -21.85 22.30
N TRP L 40 10.20 -21.24 23.48
CA TRP L 40 9.17 -21.37 24.50
C TRP L 40 7.83 -20.76 24.08
N PHE L 41 7.83 -19.68 23.30
CA PHE L 41 6.56 -19.10 22.86
C PHE L 41 5.81 -20.09 21.96
N SER L 42 6.51 -20.72 21.01
CA SER L 42 5.89 -21.74 20.19
C SER L 42 5.52 -22.97 21.01
N LYS L 43 6.37 -23.34 21.97
CA LYS L 43 6.08 -24.49 22.83
C LYS L 43 4.82 -24.26 23.66
N TYR L 44 4.60 -23.01 24.10
CA TYR L 44 3.40 -22.68 24.86
C TYR L 44 2.14 -22.96 24.05
N TRP L 45 2.12 -22.54 22.78
CA TRP L 45 0.95 -22.82 21.95
C TRP L 45 0.86 -24.29 21.59
N ASN L 46 2.00 -24.96 21.40
CA ASN L 46 1.99 -26.37 21.03
C ASN L 46 1.59 -27.25 22.21
N GLY L 47 1.90 -26.83 23.43
CA GLY L 47 1.55 -27.59 24.62
C GLY L 47 2.04 -29.02 24.56
N LYS L 48 1.12 -29.96 24.80
CA LYS L 48 1.43 -31.38 24.72
C LYS L 48 1.66 -31.88 23.29
N ALA L 49 1.36 -31.07 22.27
CA ALA L 49 1.46 -31.44 20.86
C ALA L 49 0.51 -32.55 20.46
N ALA L 50 -0.43 -32.93 21.34
CA ALA L 50 -1.38 -34.00 21.05
C ALA L 50 -2.27 -33.67 19.85
N ALA M 2 -7.24 34.19 20.37
CA ALA M 2 -7.89 33.00 19.82
C ALA M 2 -8.24 33.20 18.35
N ASP M 3 -8.00 32.18 17.53
CA ASP M 3 -8.30 32.23 16.11
C ASP M 3 -8.46 30.81 15.59
N LYS M 4 -9.10 30.70 14.43
CA LYS M 4 -9.35 29.41 13.80
C LYS M 4 -8.04 28.67 13.52
N THR M 5 -7.89 27.50 14.12
CA THR M 5 -6.71 26.66 13.92
C THR M 5 -6.81 25.92 12.59
N LEU M 6 -5.69 25.34 12.17
CA LEU M 6 -5.66 24.61 10.90
C LEU M 6 -6.68 23.47 10.89
N THR M 7 -6.81 22.75 12.01
CA THR M 7 -7.72 21.62 12.08
C THR M 7 -9.14 22.03 12.45
N GLY M 8 -9.31 23.19 13.08
CA GLY M 8 -10.60 23.67 13.54
C GLY M 8 -10.80 23.53 15.03
N LEU M 9 -10.09 22.62 15.68
CA LEU M 9 -10.19 22.46 17.12
C LEU M 9 -9.54 23.64 17.82
N THR M 10 -10.27 24.25 18.75
CA THR M 10 -9.70 25.34 19.52
C THR M 10 -8.65 24.78 20.49
N VAL M 11 -7.93 25.69 21.13
CA VAL M 11 -6.94 25.30 22.13
C VAL M 11 -7.58 24.47 23.23
N GLU M 12 -8.74 24.90 23.71
CA GLU M 12 -9.44 24.15 24.76
C GLU M 12 -9.87 22.77 24.28
N GLU M 13 -10.42 22.67 23.07
CA GLU M 13 -10.83 21.37 22.54
C GLU M 13 -9.65 20.45 22.29
N SER M 14 -8.51 21.00 21.86
CA SER M 14 -7.32 20.17 21.64
C SER M 14 -6.76 19.65 22.95
N GLU M 15 -6.68 20.51 23.96
CA GLU M 15 -6.19 20.09 25.27
C GLU M 15 -7.09 19.05 25.90
N GLU M 16 -8.41 19.16 25.69
CA GLU M 16 -9.33 18.16 26.21
C GLU M 16 -9.18 16.83 25.49
N LEU M 17 -8.98 16.87 24.17
CA LEU M 17 -8.73 15.64 23.41
C LEU M 17 -7.46 14.95 23.88
N HIS M 18 -6.39 15.70 24.10
CA HIS M 18 -5.12 15.12 24.55
C HIS M 18 -5.25 14.45 25.91
N LYS M 19 -6.16 14.91 26.76
CA LYS M 19 -6.37 14.24 28.05
C LYS M 19 -6.75 12.78 27.83
N HIS M 20 -7.56 12.50 26.81
CA HIS M 20 -7.94 11.12 26.51
C HIS M 20 -6.75 10.34 25.96
N VAL M 21 -5.90 11.01 25.18
CA VAL M 21 -4.70 10.38 24.64
C VAL M 21 -3.71 10.08 25.76
N ILE M 22 -3.53 11.00 26.70
CA ILE M 22 -2.64 10.77 27.83
C ILE M 22 -3.20 9.66 28.72
N ASP M 23 -4.48 9.74 29.06
CA ASP M 23 -5.11 8.70 29.87
C ASP M 23 -5.09 7.36 29.14
N GLY M 24 -5.32 7.37 27.84
CA GLY M 24 -5.24 6.14 27.06
C GLY M 24 -3.85 5.54 27.07
N THR M 25 -2.82 6.37 26.98
CA THR M 25 -1.45 5.88 27.05
C THR M 25 -1.14 5.32 28.44
N ARG M 26 -1.55 6.03 29.49
CA ARG M 26 -1.32 5.55 30.85
C ARG M 26 -2.04 4.23 31.12
N ILE M 27 -3.24 4.06 30.56
CA ILE M 27 -3.93 2.77 30.71
C ILE M 27 -3.20 1.68 29.94
N PHE M 28 -2.81 1.97 28.70
CA PHE M 28 -2.04 1.01 27.91
C PHE M 28 -0.76 0.63 28.62
N GLY M 29 -0.08 1.62 29.23
CA GLY M 29 1.14 1.33 29.98
C GLY M 29 0.89 0.44 31.18
N ALA M 30 -0.15 0.74 31.95
CA ALA M 30 -0.48 -0.07 33.12
C ALA M 30 -0.79 -1.51 32.73
N ILE M 31 -1.59 -1.70 31.68
CA ILE M 31 -1.90 -3.05 31.20
C ILE M 31 -0.63 -3.74 30.70
N ALA M 32 0.20 -3.01 29.94
CA ALA M 32 1.44 -3.58 29.43
C ALA M 32 2.39 -3.98 30.56
N ILE M 33 2.48 -3.16 31.61
CA ILE M 33 3.32 -3.51 32.75
C ILE M 33 2.87 -4.82 33.38
N VAL M 34 1.56 -4.99 33.55
CA VAL M 34 1.02 -6.25 34.09
C VAL M 34 1.36 -7.41 33.17
N ALA M 35 1.15 -7.25 31.87
CA ALA M 35 1.48 -8.30 30.91
C ALA M 35 2.96 -8.68 30.95
N HIS M 36 3.84 -7.70 31.19
CA HIS M 36 5.26 -8.00 31.31
C HIS M 36 5.54 -8.80 32.58
N PHE M 37 4.88 -8.44 33.69
CA PHE M 37 5.05 -9.20 34.92
C PHE M 37 4.56 -10.64 34.75
N LEU M 38 3.39 -10.82 34.13
CA LEU M 38 2.87 -12.16 33.89
C LEU M 38 3.82 -12.95 32.99
N ALA M 39 4.34 -12.31 31.95
CA ALA M 39 5.30 -12.97 31.06
C ALA M 39 6.56 -13.36 31.82
N TYR M 40 7.04 -12.48 32.70
CA TYR M 40 8.22 -12.76 33.50
C TYR M 40 7.98 -13.94 34.45
N VAL M 41 6.85 -13.96 35.14
CA VAL M 41 6.58 -15.04 36.10
C VAL M 41 6.43 -16.39 35.41
N TYR M 42 5.82 -16.42 34.21
CA TYR M 42 5.59 -17.70 33.54
C TYR M 42 6.58 -18.03 32.42
N SER M 43 7.24 -17.06 31.83
CA SER M 43 8.20 -17.43 30.79
C SER M 43 9.61 -17.50 31.36
N PRO M 44 10.54 -18.17 30.65
CA PRO M 44 11.93 -18.22 31.13
C PRO M 44 12.72 -16.94 30.95
N TRP M 45 12.09 -15.88 30.44
CA TRP M 45 12.76 -14.60 30.26
C TRP M 45 13.23 -14.05 31.62
N LEU M 46 14.42 -13.45 31.62
CA LEU M 46 15.10 -12.91 32.79
C LEU M 46 15.42 -13.95 33.86
N HIS M 47 15.11 -15.22 33.62
CA HIS M 47 15.44 -16.26 34.59
C HIS M 47 16.88 -16.72 34.44
N CXM N 1 -15.95 3.02 27.36
CA CXM N 1 -17.24 3.55 27.68
CB CXM N 1 -17.83 2.87 28.94
CG CXM N 1 -17.85 1.37 28.83
SD CXM N 1 -18.35 0.52 30.33
CE CXM N 1 -19.80 1.40 30.83
C CXM N 1 -17.24 5.09 27.93
O CXM N 1 -18.35 5.71 27.96
CN CXM N 1 -15.30 3.20 26.10
ON1 CXM N 1 -15.80 4.06 25.31
ON2 CXM N 1 -14.27 2.51 25.79
N ASN N 2 -16.07 5.66 28.09
CA ASN N 2 -15.92 7.10 28.29
C ASN N 2 -15.35 7.81 27.07
N GLN N 3 -15.00 7.04 26.04
CA GLN N 3 -14.46 7.54 24.79
C GLN N 3 -15.55 7.81 23.75
N ALA N 4 -16.82 7.79 24.16
CA ALA N 4 -17.96 7.95 23.25
C ALA N 4 -17.90 9.18 22.36
N ARG N 5 -17.15 10.22 22.72
CA ARG N 5 -17.06 11.40 21.88
C ARG N 5 -16.00 11.31 20.78
N ILE N 6 -15.31 10.18 20.66
CA ILE N 6 -14.29 10.04 19.62
C ILE N 6 -14.86 10.28 18.22
N TRP N 7 -16.11 9.89 17.99
CA TRP N 7 -16.78 10.06 16.71
C TRP N 7 -17.09 11.51 16.37
N THR N 8 -16.87 12.44 17.28
CA THR N 8 -17.02 13.86 16.98
C THR N 8 -15.78 14.47 16.35
N VAL N 9 -14.64 13.80 16.45
CA VAL N 9 -13.38 14.29 15.89
C VAL N 9 -12.83 13.31 14.86
N VAL N 10 -13.18 12.02 14.99
CA VAL N 10 -12.79 11.01 14.01
C VAL N 10 -14.03 10.61 13.21
N LYS N 11 -13.93 10.77 11.89
CA LYS N 11 -15.06 10.52 10.99
C LYS N 11 -15.52 9.07 11.05
N PRO N 12 -16.81 8.82 11.31
CA PRO N 12 -17.32 7.44 11.37
C PRO N 12 -17.03 6.60 10.14
N THR N 13 -17.14 7.17 8.94
CA THR N 13 -16.86 6.42 7.71
C THR N 13 -15.39 6.04 7.58
N VAL N 14 -14.53 6.56 8.44
CA VAL N 14 -13.11 6.25 8.46
C VAL N 14 -12.81 5.29 9.60
N GLY N 15 -13.11 5.71 10.83
CA GLY N 15 -12.82 4.91 12.00
C GLY N 15 -13.55 3.57 12.07
N LEU N 16 -14.83 3.55 11.66
CA LEU N 16 -15.55 2.28 11.71
C LEU N 16 -15.00 1.24 10.73
N PRO N 17 -14.80 1.54 9.44
CA PRO N 17 -14.18 0.53 8.57
C PRO N 17 -12.80 0.10 9.03
N LEU N 18 -11.99 1.06 9.52
CA LEU N 18 -10.66 0.74 10.01
C LEU N 18 -10.72 -0.12 11.26
N LEU N 19 -11.70 0.10 12.13
CA LEU N 19 -11.83 -0.72 13.34
C LEU N 19 -12.22 -2.15 12.98
N LEU N 20 -13.31 -2.32 12.23
CA LEU N 20 -13.76 -3.66 11.85
C LEU N 20 -12.70 -4.38 11.02
N GLY N 21 -12.09 -3.68 10.06
CA GLY N 21 -11.03 -4.28 9.26
C GLY N 21 -9.82 -4.69 10.07
N SER N 22 -9.36 -3.82 10.98
CA SER N 22 -8.20 -4.15 11.79
C SER N 22 -8.46 -5.36 12.68
N VAL N 23 -9.64 -5.41 13.31
CA VAL N 23 -9.98 -6.55 14.15
C VAL N 23 -9.96 -7.84 13.34
N THR N 24 -10.54 -7.79 12.13
CA THR N 24 -10.54 -8.97 11.26
C THR N 24 -9.13 -9.35 10.83
N VAL N 25 -8.29 -8.35 10.53
CA VAL N 25 -6.90 -8.61 10.16
C VAL N 25 -6.15 -9.25 11.32
N ILE N 26 -6.31 -8.69 12.53
CA ILE N 26 -5.65 -9.26 13.71
C ILE N 26 -6.06 -10.72 13.90
N ALA N 27 -7.36 -11.02 13.75
CA ALA N 27 -7.84 -12.39 13.88
C ALA N 27 -7.18 -13.30 12.85
N ILE N 28 -7.14 -12.86 11.59
CA ILE N 28 -6.50 -13.65 10.53
C ILE N 28 -5.02 -13.89 10.85
N LEU N 29 -4.33 -12.85 11.32
CA LEU N 29 -2.92 -12.99 11.66
C LEU N 29 -2.70 -13.98 12.80
N VAL N 30 -3.55 -13.95 13.83
CA VAL N 30 -3.41 -14.91 14.93
C VAL N 30 -3.64 -16.34 14.46
N HIS N 31 -4.61 -16.55 13.57
CA HIS N 31 -4.84 -17.89 13.04
C HIS N 31 -3.63 -18.38 12.24
N PHE N 32 -3.09 -17.53 11.35
CA PHE N 32 -1.92 -17.90 10.58
C PHE N 32 -0.70 -18.14 11.48
N ALA N 33 -0.56 -17.33 12.54
CA ALA N 33 0.55 -17.52 13.47
C ALA N 33 0.48 -18.88 14.15
N VAL N 34 -0.66 -19.21 14.75
CA VAL N 34 -0.83 -20.49 15.43
C VAL N 34 -0.73 -21.65 14.44
N LEU N 35 -1.29 -21.46 13.24
CA LEU N 35 -1.22 -22.49 12.21
C LEU N 35 0.21 -22.79 11.79
N SER N 36 1.09 -21.79 11.79
CA SER N 36 2.47 -21.99 11.38
C SER N 36 3.34 -22.53 12.51
N HIS N 37 3.16 -22.02 13.73
CA HIS N 37 4.01 -22.39 14.85
C HIS N 37 3.47 -23.52 15.72
N THR N 38 2.51 -24.30 15.23
CA THR N 38 2.01 -25.45 15.98
C THR N 38 1.81 -26.62 15.03
N THR N 39 1.87 -27.83 15.59
CA THR N 39 1.67 -29.06 14.84
C THR N 39 0.21 -29.52 14.86
N TRP N 40 -0.48 -29.34 16.00
CA TRP N 40 -1.84 -29.84 16.14
C TRP N 40 -2.85 -29.09 15.26
N PHE N 41 -2.65 -27.79 15.04
CA PHE N 41 -3.59 -27.06 14.19
C PHE N 41 -3.58 -27.62 12.77
N SER N 42 -2.39 -27.88 12.22
CA SER N 42 -2.30 -28.51 10.91
C SER N 42 -2.86 -29.94 10.94
N LYS N 43 -2.55 -30.68 12.02
CA LYS N 43 -3.04 -32.04 12.15
C LYS N 43 -4.57 -32.09 12.19
N TYR N 44 -5.18 -31.09 12.84
CA TYR N 44 -6.64 -31.02 12.89
C TYR N 44 -7.23 -30.92 11.48
N TRP N 45 -6.68 -30.06 10.64
CA TRP N 45 -7.18 -29.95 9.27
C TRP N 45 -6.82 -31.18 8.45
N ASN N 46 -5.62 -31.74 8.67
CA ASN N 46 -5.20 -32.91 7.91
C ASN N 46 -6.00 -34.15 8.31
N GLY N 47 -6.46 -34.21 9.56
CA GLY N 47 -7.25 -35.33 10.03
C GLY N 47 -6.56 -36.66 9.84
N LYS N 48 -7.26 -37.61 9.21
CA LYS N 48 -6.69 -38.91 8.89
C LYS N 48 -5.64 -38.85 7.79
N ALA N 49 -5.42 -37.69 7.19
CA ALA N 49 -4.43 -37.52 6.11
C ALA N 49 -4.75 -38.40 4.91
N ALA N 50 -6.02 -38.71 4.70
CA ALA N 50 -6.43 -39.55 3.58
C ALA N 50 -6.15 -38.87 2.25
N ALA O 2 -24.77 24.18 21.69
CA ALA O 2 -24.02 23.25 20.86
C ALA O 2 -23.30 23.98 19.73
N ASP O 3 -22.30 23.32 19.14
CA ASP O 3 -21.54 23.91 18.04
C ASP O 3 -21.12 22.80 17.10
N LYS O 4 -20.76 23.20 15.88
CA LYS O 4 -20.34 22.24 14.86
C LYS O 4 -19.16 21.41 15.33
N THR O 5 -19.09 20.19 14.81
CA THR O 5 -18.04 19.24 15.11
C THR O 5 -17.28 18.91 13.83
N LEU O 6 -16.00 18.54 13.99
CA LEU O 6 -15.17 18.23 12.82
C LEU O 6 -15.83 17.21 11.91
N THR O 7 -16.50 16.22 12.50
CA THR O 7 -17.16 15.17 11.74
C THR O 7 -18.59 15.52 11.33
N GLY O 8 -19.15 16.58 11.90
CA GLY O 8 -20.54 16.92 11.63
C GLY O 8 -21.53 16.08 12.39
N LEU O 9 -21.05 15.26 13.32
CA LEU O 9 -21.89 14.40 14.14
C LEU O 9 -22.02 15.03 15.52
N THR O 10 -23.26 15.16 16.01
CA THR O 10 -23.46 15.79 17.31
C THR O 10 -22.99 14.87 18.43
N VAL O 11 -22.90 15.44 19.63
CA VAL O 11 -22.50 14.69 20.82
C VAL O 11 -23.47 13.55 21.11
N GLU O 12 -24.78 13.81 20.98
CA GLU O 12 -25.77 12.76 21.22
C GLU O 12 -25.63 11.63 20.19
N GLU O 13 -25.49 11.98 18.92
CA GLU O 13 -25.31 10.97 17.88
C GLU O 13 -24.02 10.20 18.07
N SER O 14 -22.97 10.88 18.53
CA SER O 14 -21.69 10.21 18.79
C SER O 14 -21.81 9.21 19.93
N GLU O 15 -22.45 9.61 21.03
CA GLU O 15 -22.63 8.69 22.15
C GLU O 15 -23.52 7.51 21.78
N GLU O 16 -24.51 7.73 20.91
CA GLU O 16 -25.35 6.63 20.47
C GLU O 16 -24.60 5.71 19.52
N LEU O 17 -23.73 6.28 18.67
CA LEU O 17 -22.89 5.47 17.80
C LEU O 17 -21.94 4.60 18.62
N HIS O 18 -21.32 5.18 19.64
CA HIS O 18 -20.39 4.43 20.48
C HIS O 18 -21.08 3.29 21.22
N LYS O 19 -22.38 3.43 21.52
CA LYS O 19 -23.10 2.33 22.17
C LYS O 19 -23.03 1.07 21.32
N HIS O 20 -23.14 1.20 20.00
CA HIS O 20 -23.02 0.04 19.13
C HIS O 20 -21.59 -0.51 19.15
N VAL O 21 -20.60 0.38 19.25
CA VAL O 21 -19.20 -0.03 19.30
C VAL O 21 -18.92 -0.78 20.59
N ILE O 22 -19.44 -0.29 21.72
CA ILE O 22 -19.24 -0.96 22.99
C ILE O 22 -19.95 -2.31 22.99
N ASP O 23 -21.22 -2.32 22.57
CA ASP O 23 -21.97 -3.57 22.50
C ASP O 23 -21.32 -4.56 21.54
N GLY O 24 -20.84 -4.06 20.39
CA GLY O 24 -20.13 -4.92 19.46
C GLY O 24 -18.87 -5.52 20.04
N THR O 25 -18.09 -4.71 20.75
CA THR O 25 -16.88 -5.22 21.40
C THR O 25 -17.23 -6.28 22.43
N ARG O 26 -18.27 -6.05 23.23
CA ARG O 26 -18.69 -7.01 24.23
C ARG O 26 -19.20 -8.30 23.60
N ILE O 27 -19.92 -8.20 22.48
CA ILE O 27 -20.38 -9.40 21.78
C ILE O 27 -19.21 -10.15 21.17
N PHE O 28 -18.25 -9.41 20.59
CA PHE O 28 -17.04 -10.05 20.07
C PHE O 28 -16.27 -10.73 21.19
N GLY O 29 -16.15 -10.06 22.34
CA GLY O 29 -15.46 -10.65 23.49
C GLY O 29 -16.12 -11.92 23.99
N ALA O 30 -17.45 -11.92 24.06
CA ALA O 30 -18.19 -13.11 24.49
C ALA O 30 -17.95 -14.30 23.57
N ILE O 31 -18.14 -14.09 22.26
CA ILE O 31 -17.89 -15.15 21.29
C ILE O 31 -16.43 -15.62 21.38
N ALA O 32 -15.50 -14.69 21.54
CA ALA O 32 -14.09 -15.04 21.67
C ALA O 32 -13.83 -15.87 22.92
N ILE O 33 -14.48 -15.54 24.04
CA ILE O 33 -14.32 -16.32 25.26
C ILE O 33 -14.76 -17.76 25.04
N VAL O 34 -15.92 -17.95 24.39
CA VAL O 34 -16.37 -19.30 24.09
C VAL O 34 -15.38 -20.02 23.18
N ALA O 35 -14.88 -19.32 22.16
CA ALA O 35 -13.88 -19.92 21.27
C ALA O 35 -12.62 -20.34 22.02
N HIS O 36 -12.19 -19.54 22.99
CA HIS O 36 -11.02 -19.93 23.78
C HIS O 36 -11.34 -21.12 24.68
N PHE O 37 -12.55 -21.17 25.24
CA PHE O 37 -12.94 -22.31 26.06
C PHE O 37 -12.98 -23.59 25.22
N LEU O 38 -13.56 -23.52 24.01
CA LEU O 38 -13.57 -24.66 23.12
C LEU O 38 -12.16 -25.06 22.72
N ALA O 39 -11.32 -24.08 22.39
CA ALA O 39 -9.93 -24.36 22.03
C ALA O 39 -9.20 -25.05 23.18
N TYR O 40 -9.43 -24.61 24.41
CA TYR O 40 -8.83 -25.25 25.58
C TYR O 40 -9.33 -26.67 25.77
N VAL O 41 -10.63 -26.91 25.61
CA VAL O 41 -11.18 -28.25 25.81
C VAL O 41 -10.67 -29.23 24.76
N TYR O 42 -10.62 -28.82 23.50
CA TYR O 42 -10.23 -29.74 22.43
C TYR O 42 -8.78 -29.68 22.00
N SER O 43 -8.07 -28.59 22.23
CA SER O 43 -6.68 -28.58 21.80
C SER O 43 -5.75 -28.93 22.95
N PRO O 44 -4.49 -29.31 22.66
CA PRO O 44 -3.53 -29.60 23.73
C PRO O 44 -3.01 -28.36 24.45
N TRP O 45 -3.45 -27.16 24.07
CA TRP O 45 -3.03 -25.94 24.74
C TRP O 45 -3.43 -25.97 26.21
N LEU O 46 -2.53 -25.45 27.06
CA LEU O 46 -2.67 -25.41 28.51
C LEU O 46 -2.69 -26.79 29.16
N HIS O 47 -2.53 -27.85 28.37
CA HIS O 47 -2.47 -29.20 28.93
C HIS O 47 -1.04 -29.59 29.25
N CXM P 1 -28.56 -7.54 12.83
CA CXM P 1 -29.93 -7.21 12.56
CB CXM P 1 -30.89 -8.35 12.99
CG CXM P 1 -30.82 -9.53 12.05
SD CXM P 1 -31.81 -10.94 12.53
CE CXM P 1 -33.31 -10.21 13.09
C CXM P 1 -30.41 -5.91 13.27
O CXM P 1 -31.55 -5.43 12.98
CN CXM P 1 -27.46 -6.90 12.23
ON1 CXM P 1 -27.69 -5.86 11.54
ON2 CXM P 1 -26.27 -7.36 12.38
N ASN P 2 -29.57 -5.36 14.13
CA ASN P 2 -29.86 -4.11 14.82
C ASN P 2 -28.93 -2.96 14.37
N GLN P 3 -27.95 -3.29 13.55
CA GLN P 3 -26.95 -2.34 13.05
C GLN P 3 -27.40 -1.61 11.79
N ALA P 4 -28.63 -1.82 11.33
CA ALA P 4 -29.16 -1.27 10.09
C ALA P 4 -28.84 0.21 9.82
N ARG P 5 -28.77 1.03 10.86
CA ARG P 5 -28.47 2.45 10.66
C ARG P 5 -26.99 2.73 10.39
N ILE P 6 -26.14 1.72 10.30
CA ILE P 6 -24.72 1.94 10.03
C ILE P 6 -24.52 2.69 8.72
N TRP P 7 -25.37 2.42 7.72
CA TRP P 7 -25.29 3.09 6.42
C TRP P 7 -25.66 4.57 6.46
N THR P 8 -26.07 5.09 7.61
CA THR P 8 -26.31 6.52 7.74
C THR P 8 -25.04 7.27 8.11
N VAL P 9 -24.03 6.55 8.57
CA VAL P 9 -22.75 7.15 8.96
C VAL P 9 -21.58 6.60 8.16
N VAL P 10 -21.68 5.40 7.59
CA VAL P 10 -20.65 4.82 6.74
C VAL P 10 -21.19 4.80 5.31
N LYS P 11 -20.46 5.44 4.40
CA LYS P 11 -20.89 5.58 3.01
C LYS P 11 -21.01 4.23 2.31
N PRO P 12 -22.17 3.93 1.71
CA PRO P 12 -22.34 2.65 1.01
C PRO P 12 -21.29 2.37 -0.06
N THR P 13 -20.86 3.38 -0.82
CA THR P 13 -19.83 3.16 -1.83
C THR P 13 -18.48 2.81 -1.23
N VAL P 14 -18.35 2.91 0.10
CA VAL P 14 -17.14 2.53 0.82
C VAL P 14 -17.36 1.23 1.58
N GLY P 15 -18.38 1.18 2.43
CA GLY P 15 -18.64 0.00 3.25
C GLY P 15 -19.00 -1.25 2.46
N LEU P 16 -19.86 -1.11 1.45
CA LEU P 16 -20.23 -2.29 0.66
C LEU P 16 -19.06 -2.89 -0.10
N PRO P 17 -18.23 -2.10 -0.82
CA PRO P 17 -17.07 -2.73 -1.48
C PRO P 17 -16.09 -3.34 -0.49
N LEU P 18 -15.85 -2.67 0.65
CA LEU P 18 -14.95 -3.21 1.65
C LEU P 18 -15.49 -4.49 2.28
N LEU P 19 -16.80 -4.56 2.50
CA LEU P 19 -17.41 -5.77 3.06
C LEU P 19 -17.29 -6.94 2.09
N LEU P 20 -17.83 -6.79 0.88
CA LEU P 20 -17.78 -7.87 -0.11
C LEU P 20 -16.35 -8.24 -0.46
N GLY P 21 -15.47 -7.24 -0.57
CA GLY P 21 -14.07 -7.52 -0.86
C GLY P 21 -13.36 -8.27 0.26
N SER P 22 -13.58 -7.86 1.52
CA SER P 22 -12.94 -8.53 2.65
C SER P 22 -13.41 -9.97 2.78
N VAL P 23 -14.72 -10.22 2.62
CA VAL P 23 -15.23 -11.58 2.70
C VAL P 23 -14.57 -12.46 1.64
N THR P 24 -14.42 -11.91 0.43
CA THR P 24 -13.76 -12.65 -0.65
C THR P 24 -12.30 -12.90 -0.34
N VAL P 25 -11.60 -11.88 0.15
CA VAL P 25 -10.19 -12.02 0.52
C VAL P 25 -10.00 -13.05 1.62
N ILE P 26 -10.90 -13.07 2.60
CA ILE P 26 -10.82 -14.08 3.66
C ILE P 26 -11.00 -15.48 3.09
N ALA P 27 -11.98 -15.66 2.21
CA ALA P 27 -12.19 -16.97 1.60
C ALA P 27 -10.94 -17.44 0.86
N ILE P 28 -10.30 -16.53 0.12
CA ILE P 28 -9.06 -16.87 -0.59
C ILE P 28 -7.98 -17.28 0.40
N LEU P 29 -7.79 -16.48 1.45
CA LEU P 29 -6.78 -16.76 2.46
C LEU P 29 -7.02 -18.10 3.16
N VAL P 30 -8.30 -18.45 3.40
CA VAL P 30 -8.59 -19.74 4.02
C VAL P 30 -8.26 -20.89 3.07
N HIS P 31 -8.61 -20.76 1.79
CA HIS P 31 -8.27 -21.81 0.82
C HIS P 31 -6.74 -21.98 0.71
N PHE P 32 -6.00 -20.88 0.64
CA PHE P 32 -4.55 -20.97 0.60
C PHE P 32 -3.98 -21.57 1.88
N ALA P 33 -4.57 -21.25 3.03
CA ALA P 33 -4.11 -21.82 4.29
C ALA P 33 -4.28 -23.34 4.31
N VAL P 34 -5.48 -23.82 4.02
CA VAL P 34 -5.74 -25.26 4.02
C VAL P 34 -4.90 -25.96 2.95
N LEU P 35 -4.76 -25.32 1.79
CA LEU P 35 -3.97 -25.89 0.69
C LEU P 35 -2.51 -26.06 1.07
N SER P 36 -1.93 -25.07 1.75
CA SER P 36 -0.52 -25.13 2.13
C SER P 36 -0.26 -25.87 3.43
N HIS P 37 -1.29 -26.16 4.23
CA HIS P 37 -1.08 -26.86 5.51
C HIS P 37 -1.77 -28.23 5.57
N THR P 38 -2.20 -28.78 4.44
CA THR P 38 -2.78 -30.12 4.42
C THR P 38 -2.23 -30.86 3.21
N THR P 39 -2.36 -32.19 3.26
CA THR P 39 -1.91 -33.05 2.18
C THR P 39 -3.04 -33.49 1.25
N TRP P 40 -4.25 -33.65 1.78
CA TRP P 40 -5.37 -34.16 0.99
C TRP P 40 -5.89 -33.14 -0.02
N PHE P 41 -5.79 -31.84 0.28
CA PHE P 41 -6.27 -30.84 -0.66
C PHE P 41 -5.43 -30.85 -1.93
N SER P 42 -4.10 -30.84 -1.78
CA SER P 42 -3.22 -30.94 -2.94
C SER P 42 -3.40 -32.28 -3.66
N LYS P 43 -3.57 -33.36 -2.91
CA LYS P 43 -3.79 -34.67 -3.50
C LYS P 43 -5.07 -34.70 -4.32
N TYR P 44 -6.11 -34.02 -3.84
CA TYR P 44 -7.36 -33.93 -4.59
C TYR P 44 -7.16 -33.28 -5.95
N TRP P 45 -6.35 -32.22 -6.01
CA TRP P 45 -6.08 -31.58 -7.30
C TRP P 45 -5.21 -32.46 -8.20
N ASN P 46 -4.26 -33.19 -7.61
CA ASN P 46 -3.43 -34.09 -8.42
C ASN P 46 -4.22 -35.29 -8.94
N GLY P 47 -5.21 -35.75 -8.19
CA GLY P 47 -5.98 -36.91 -8.61
C GLY P 47 -5.10 -38.12 -8.86
N LYS P 48 -5.18 -38.67 -10.07
CA LYS P 48 -4.33 -39.79 -10.45
C LYS P 48 -2.84 -39.45 -10.49
N ALA P 49 -2.49 -38.16 -10.44
CA ALA P 49 -1.11 -37.70 -10.48
C ALA P 49 -0.42 -38.07 -11.79
N ALA P 50 -1.19 -38.33 -12.84
CA ALA P 50 -0.62 -38.70 -14.14
C ALA P 50 0.17 -37.55 -14.75
N ALA Q 2 -37.07 14.78 9.77
CA ALA Q 2 -35.82 14.18 9.33
C ALA Q 2 -34.74 15.25 9.15
N ASP Q 3 -33.49 14.81 9.08
CA ASP Q 3 -32.36 15.71 8.91
C ASP Q 3 -31.32 15.03 8.02
N LYS Q 4 -30.49 15.84 7.38
CA LYS Q 4 -29.47 15.32 6.49
C LYS Q 4 -28.47 14.45 7.25
N THR Q 5 -28.32 13.21 6.80
CA THR Q 5 -27.38 12.29 7.42
C THR Q 5 -25.98 12.51 6.85
N LEU Q 6 -24.97 11.91 7.51
CA LEU Q 6 -23.60 12.04 7.04
C LEU Q 6 -23.42 11.45 5.64
N THR Q 7 -24.11 10.36 5.33
CA THR Q 7 -23.97 9.73 4.03
C THR Q 7 -25.00 10.22 3.02
N GLY Q 8 -26.08 10.84 3.47
CA GLY Q 8 -27.16 11.28 2.63
C GLY Q 8 -28.33 10.32 2.57
N LEU Q 9 -28.12 9.07 2.96
CA LEU Q 9 -29.21 8.09 3.02
C LEU Q 9 -30.03 8.30 4.29
N THR Q 10 -31.34 8.26 4.15
CA THR Q 10 -32.20 8.37 5.31
C THR Q 10 -32.16 7.06 6.11
N VAL Q 11 -32.70 7.12 7.33
CA VAL Q 11 -32.79 5.92 8.16
C VAL Q 11 -33.59 4.82 7.46
N GLU Q 12 -34.66 5.21 6.76
CA GLU Q 12 -35.47 4.24 6.03
C GLU Q 12 -34.67 3.59 4.89
N GLU Q 13 -33.91 4.40 4.14
CA GLU Q 13 -33.09 3.85 3.06
C GLU Q 13 -31.97 2.97 3.58
N SER Q 14 -31.36 3.36 4.71
CA SER Q 14 -30.30 2.55 5.30
C SER Q 14 -30.83 1.20 5.78
N GLU Q 15 -32.04 1.17 6.31
CA GLU Q 15 -32.65 -0.08 6.74
C GLU Q 15 -32.92 -1.02 5.56
N GLU Q 16 -33.41 -0.48 4.45
CA GLU Q 16 -33.65 -1.32 3.28
C GLU Q 16 -32.34 -1.84 2.70
N LEU Q 17 -31.27 -1.04 2.77
CA LEU Q 17 -29.96 -1.50 2.32
C LEU Q 17 -29.45 -2.63 3.21
N HIS Q 18 -29.56 -2.45 4.52
CA HIS Q 18 -29.12 -3.49 5.47
C HIS Q 18 -29.90 -4.78 5.31
N LYS Q 19 -31.15 -4.71 4.87
CA LYS Q 19 -31.91 -5.92 4.62
C LYS Q 19 -31.22 -6.79 3.57
N HIS Q 20 -30.62 -6.17 2.56
CA HIS Q 20 -29.88 -6.94 1.56
C HIS Q 20 -28.57 -7.47 2.14
N VAL Q 21 -27.96 -6.71 3.05
CA VAL Q 21 -26.73 -7.15 3.71
C VAL Q 21 -26.99 -8.35 4.61
N ILE Q 22 -28.06 -8.29 5.39
CA ILE Q 22 -28.41 -9.43 6.26
C ILE Q 22 -28.78 -10.64 5.40
N ASP Q 23 -29.61 -10.42 4.38
CA ASP Q 23 -29.98 -11.52 3.48
C ASP Q 23 -28.74 -12.11 2.82
N GLY Q 24 -27.84 -11.25 2.34
CA GLY Q 24 -26.61 -11.73 1.73
C GLY Q 24 -25.78 -12.56 2.69
N THR Q 25 -25.66 -12.12 3.94
CA THR Q 25 -24.93 -12.87 4.95
C THR Q 25 -25.60 -14.22 5.22
N ARG Q 26 -26.92 -14.24 5.31
CA ARG Q 26 -27.63 -15.50 5.55
C ARG Q 26 -27.50 -16.45 4.35
N ILE Q 27 -27.56 -15.91 3.14
CA ILE Q 27 -27.37 -16.75 1.95
C ILE Q 27 -25.95 -17.28 1.90
N PHE Q 28 -24.96 -16.41 2.13
CA PHE Q 28 -23.57 -16.83 2.18
C PHE Q 28 -23.35 -17.89 3.26
N GLY Q 29 -24.00 -17.73 4.40
CA GLY Q 29 -23.90 -18.71 5.47
C GLY Q 29 -24.48 -20.06 5.10
N ALA Q 30 -25.64 -20.06 4.42
CA ALA Q 30 -26.26 -21.31 4.00
C ALA Q 30 -25.40 -22.05 3.00
N ILE Q 31 -24.85 -21.34 2.01
CA ILE Q 31 -23.96 -21.96 1.03
C ILE Q 31 -22.70 -22.49 1.73
N ALA Q 32 -22.15 -21.71 2.66
CA ALA Q 32 -20.97 -22.14 3.41
C ALA Q 32 -21.24 -23.39 4.23
N ILE Q 33 -22.41 -23.47 4.87
CA ILE Q 33 -22.76 -24.65 5.66
C ILE Q 33 -22.77 -25.89 4.78
N VAL Q 34 -23.39 -25.80 3.60
CA VAL Q 34 -23.41 -26.93 2.67
C VAL Q 34 -21.99 -27.29 2.23
N ALA Q 35 -21.17 -26.28 1.94
CA ALA Q 35 -19.79 -26.53 1.56
C ALA Q 35 -19.02 -27.24 2.66
N HIS Q 36 -19.26 -26.87 3.92
CA HIS Q 36 -18.62 -27.55 5.04
C HIS Q 36 -19.11 -28.99 5.18
N PHE Q 37 -20.40 -29.22 4.94
CA PHE Q 37 -20.94 -30.57 5.00
C PHE Q 37 -20.31 -31.46 3.93
N LEU Q 38 -20.17 -30.93 2.71
CA LEU Q 38 -19.51 -31.69 1.64
C LEU Q 38 -18.06 -31.98 1.99
N ALA Q 39 -17.36 -31.01 2.56
CA ALA Q 39 -15.98 -31.21 2.98
C ALA Q 39 -15.88 -32.32 4.01
N TYR Q 40 -16.82 -32.36 4.96
CA TYR Q 40 -16.82 -33.43 5.95
C TYR Q 40 -17.09 -34.79 5.30
N VAL Q 41 -18.06 -34.87 4.40
CA VAL Q 41 -18.39 -36.14 3.75
C VAL Q 41 -17.23 -36.66 2.91
N TYR Q 42 -16.54 -35.79 2.18
CA TYR Q 42 -15.48 -36.25 1.28
C TYR Q 42 -14.06 -36.09 1.81
N SER Q 43 -13.78 -35.10 2.62
CA SER Q 43 -12.40 -34.98 3.10
C SER Q 43 -12.21 -35.75 4.39
N PRO Q 44 -10.95 -36.04 4.76
CA PRO Q 44 -10.69 -36.73 6.03
C PRO Q 44 -10.85 -35.84 7.25
N TRP Q 45 -11.30 -34.60 7.08
CA TRP Q 45 -11.52 -33.72 8.22
C TRP Q 45 -12.60 -34.27 9.13
N LEU Q 46 -12.35 -34.17 10.44
CA LEU Q 46 -13.24 -34.70 11.49
C LEU Q 46 -13.33 -36.23 11.44
N HIS Q 47 -12.31 -36.88 10.93
CA HIS Q 47 -12.28 -38.35 10.90
C HIS Q 47 -11.14 -38.89 11.76
N CXM R 1 -30.00 -11.29 -8.99
CA CXM R 1 -30.99 -10.65 -9.80
CB CXM R 1 -31.87 -11.67 -10.56
CG CXM R 1 -31.08 -12.84 -11.08
SD CXM R 1 -32.07 -14.19 -11.74
CE CXM R 1 -33.66 -13.46 -11.96
C CXM R 1 -31.96 -9.72 -9.01
O CXM R 1 -32.85 -9.08 -9.64
CN CXM R 1 -28.88 -10.64 -8.41
ON1 CXM R 1 -28.85 -9.36 -8.45
ON2 CXM R 1 -27.94 -11.30 -7.86
N ASN R 2 -31.79 -9.63 -7.69
CA ASN R 2 -32.60 -8.75 -6.87
C ASN R 2 -31.78 -7.61 -6.29
N GLN R 3 -30.47 -7.69 -6.44
CA GLN R 3 -29.54 -6.66 -5.99
C GLN R 3 -29.36 -5.54 -7.00
N ALA R 4 -30.15 -5.54 -8.08
CA ALA R 4 -30.04 -4.57 -9.17
C ALA R 4 -29.90 -3.12 -8.71
N ARG R 5 -30.46 -2.75 -7.57
CA ARG R 5 -30.37 -1.37 -7.10
C ARG R 5 -29.06 -1.05 -6.39
N ILE R 6 -28.12 -1.98 -6.30
CA ILE R 6 -26.84 -1.71 -5.64
C ILE R 6 -26.12 -0.54 -6.30
N TRP R 7 -26.29 -0.37 -7.62
CA TRP R 7 -25.68 0.72 -8.37
C TRP R 7 -26.24 2.09 -8.05
N THR R 8 -27.27 2.19 -7.21
CA THR R 8 -27.78 3.48 -6.77
C THR R 8 -27.02 4.01 -5.57
N VAL R 9 -26.25 3.15 -4.89
CA VAL R 9 -25.50 3.55 -3.71
C VAL R 9 -24.01 3.31 -3.87
N VAL R 10 -23.58 2.40 -4.73
CA VAL R 10 -22.16 2.15 -5.02
C VAL R 10 -21.88 2.71 -6.42
N LYS R 11 -20.93 3.63 -6.49
CA LYS R 11 -20.56 4.29 -7.75
C LYS R 11 -20.12 3.28 -8.81
N PRO R 12 -20.76 3.28 -10.00
CA PRO R 12 -20.35 2.34 -11.06
C PRO R 12 -18.87 2.42 -11.43
N THR R 13 -18.28 3.61 -11.44
CA THR R 13 -16.86 3.74 -11.77
C THR R 13 -15.96 3.16 -10.70
N VAL R 14 -16.52 2.77 -9.56
CA VAL R 14 -15.78 2.12 -8.48
C VAL R 14 -16.11 0.63 -8.41
N GLY R 15 -17.40 0.31 -8.32
CA GLY R 15 -17.81 -1.09 -8.20
C GLY R 15 -17.52 -1.95 -9.41
N LEU R 16 -17.77 -1.43 -10.62
CA LEU R 16 -17.49 -2.24 -11.81
C LEU R 16 -16.00 -2.52 -12.00
N PRO R 17 -15.09 -1.54 -11.90
CA PRO R 17 -13.67 -1.90 -11.98
C PRO R 17 -13.23 -2.84 -10.88
N LEU R 18 -13.73 -2.65 -9.66
CA LEU R 18 -13.41 -3.56 -8.56
C LEU R 18 -13.96 -4.96 -8.80
N LEU R 19 -15.16 -5.06 -9.38
CA LEU R 19 -15.74 -6.36 -9.68
C LEU R 19 -14.94 -7.08 -10.75
N LEU R 20 -14.80 -6.46 -11.93
CA LEU R 20 -14.06 -7.08 -13.03
C LEU R 20 -12.61 -7.34 -12.63
N GLY R 21 -12.00 -6.40 -11.90
CA GLY R 21 -10.63 -6.60 -11.43
C GLY R 21 -10.49 -7.76 -10.46
N SER R 22 -11.40 -7.85 -9.48
CA SER R 22 -11.34 -8.93 -8.50
C SER R 22 -11.58 -10.29 -9.15
N VAL R 23 -12.55 -10.40 -10.05
CA VAL R 23 -12.81 -11.67 -10.73
C VAL R 23 -11.56 -12.11 -11.49
N THR R 24 -10.87 -11.17 -12.13
CA THR R 24 -9.64 -11.49 -12.83
C THR R 24 -8.54 -11.90 -11.86
N VAL R 25 -8.40 -11.16 -10.75
CA VAL R 25 -7.39 -11.50 -9.74
C VAL R 25 -7.65 -12.88 -9.14
N ILE R 26 -8.91 -13.21 -8.88
CA ILE R 26 -9.24 -14.53 -8.35
C ILE R 26 -8.83 -15.63 -9.34
N ALA R 27 -9.19 -15.46 -10.61
CA ALA R 27 -8.82 -16.43 -11.63
C ALA R 27 -7.30 -16.62 -11.70
N ILE R 28 -6.55 -15.53 -11.64
CA ILE R 28 -5.09 -15.60 -11.64
C ILE R 28 -4.60 -16.40 -10.44
N LEU R 29 -5.11 -16.08 -9.25
CA LEU R 29 -4.71 -16.78 -8.03
C LEU R 29 -5.03 -18.27 -8.09
N VAL R 30 -6.18 -18.64 -8.64
CA VAL R 30 -6.53 -20.05 -8.76
C VAL R 30 -5.57 -20.78 -9.70
N HIS R 31 -5.18 -20.13 -10.80
CA HIS R 31 -4.20 -20.74 -11.71
C HIS R 31 -2.86 -20.96 -11.01
N PHE R 32 -2.36 -19.93 -10.31
CA PHE R 32 -1.09 -20.07 -9.59
C PHE R 32 -1.17 -21.14 -8.50
N ALA R 33 -2.32 -21.25 -7.83
CA ALA R 33 -2.47 -22.27 -6.79
C ALA R 33 -2.34 -23.67 -7.37
N VAL R 34 -3.10 -23.96 -8.43
CA VAL R 34 -3.05 -25.29 -9.04
C VAL R 34 -1.67 -25.55 -9.64
N LEU R 35 -1.07 -24.52 -10.24
CA LEU R 35 0.27 -24.64 -10.80
C LEU R 35 1.32 -24.96 -9.75
N SER R 36 1.18 -24.37 -8.55
CA SER R 36 2.17 -24.61 -7.51
C SER R 36 1.94 -25.89 -6.70
N HIS R 37 0.72 -26.46 -6.72
CA HIS R 37 0.44 -27.64 -5.91
C HIS R 37 0.08 -28.87 -6.74
N THR R 38 0.39 -28.87 -8.04
CA THR R 38 0.17 -30.04 -8.86
C THR R 38 1.39 -30.25 -9.76
N THR R 39 1.56 -31.50 -10.20
CA THR R 39 2.63 -31.85 -11.12
C THR R 39 2.18 -31.85 -12.57
N TRP R 40 0.94 -32.27 -12.81
CA TRP R 40 0.42 -32.38 -14.17
C TRP R 40 0.27 -31.03 -14.86
N PHE R 41 0.00 -29.95 -14.11
CA PHE R 41 -0.12 -28.65 -14.74
C PHE R 41 1.23 -28.17 -15.27
N SER R 42 2.28 -28.29 -14.45
CA SER R 42 3.63 -27.96 -14.93
C SER R 42 4.07 -28.92 -16.03
N LYS R 43 3.72 -30.19 -15.89
CA LYS R 43 4.06 -31.19 -16.90
C LYS R 43 3.41 -30.86 -18.23
N TYR R 44 2.20 -30.30 -18.20
CA TYR R 44 1.51 -29.90 -19.42
C TYR R 44 2.29 -28.81 -20.16
N TRP R 45 2.83 -27.84 -19.43
CA TRP R 45 3.63 -26.80 -20.08
C TRP R 45 5.00 -27.32 -20.51
N ASN R 46 5.62 -28.18 -19.69
CA ASN R 46 6.94 -28.70 -20.02
C ASN R 46 6.90 -29.62 -21.24
N GLY R 47 5.77 -30.27 -21.48
CA GLY R 47 5.61 -31.15 -22.63
C GLY R 47 6.72 -32.18 -22.76
N LYS R 48 7.31 -32.26 -23.95
CA LYS R 48 8.43 -33.16 -24.21
C LYS R 48 9.71 -32.79 -23.49
N ALA R 49 9.75 -31.67 -22.76
CA ALA R 49 10.93 -31.24 -22.03
C ALA R 49 12.14 -31.06 -22.95
N ALA R 50 11.89 -30.50 -24.14
CA ALA R 50 12.96 -30.26 -25.11
C ALA R 50 14.04 -29.35 -24.56
N ALA S 2 -39.49 9.82 -8.92
CA ALA S 2 -38.26 9.35 -8.30
C ALA S 2 -37.46 10.51 -7.69
N ASP S 3 -36.31 10.19 -7.11
CA ASP S 3 -35.46 11.18 -6.47
C ASP S 3 -34.01 10.88 -6.82
N LYS S 4 -33.15 11.89 -6.62
CA LYS S 4 -31.74 11.73 -6.92
C LYS S 4 -31.08 10.77 -5.92
N THR S 5 -30.24 9.88 -6.44
CA THR S 5 -29.54 8.89 -5.65
C THR S 5 -28.12 9.36 -5.35
N LEU S 6 -27.42 8.58 -4.52
CA LEU S 6 -26.04 8.92 -4.17
C LEU S 6 -25.12 8.86 -5.39
N THR S 7 -25.36 7.93 -6.30
CA THR S 7 -24.51 7.77 -7.48
C THR S 7 -25.03 8.54 -8.69
N GLY S 8 -26.21 9.14 -8.59
CA GLY S 8 -26.83 9.84 -9.68
C GLY S 8 -27.59 8.97 -10.65
N LEU S 9 -27.44 7.65 -10.56
CA LEU S 9 -28.18 6.73 -11.41
C LEU S 9 -29.60 6.55 -10.88
N THR S 10 -30.58 6.65 -11.77
CA THR S 10 -31.95 6.36 -11.39
C THR S 10 -32.12 4.86 -11.16
N VAL S 11 -33.25 4.49 -10.56
CA VAL S 11 -33.54 3.08 -10.34
C VAL S 11 -33.55 2.33 -11.66
N GLU S 12 -34.14 2.93 -12.70
CA GLU S 12 -34.20 2.29 -14.01
C GLU S 12 -32.79 2.15 -14.61
N GLU S 13 -31.95 3.17 -14.45
CA GLU S 13 -30.57 3.08 -14.94
C GLU S 13 -29.78 2.03 -14.20
N SER S 14 -29.96 1.95 -12.87
CA SER S 14 -29.26 0.94 -12.09
C SER S 14 -29.69 -0.47 -12.48
N GLU S 15 -30.98 -0.66 -12.77
CA GLU S 15 -31.47 -1.97 -13.19
C GLU S 15 -30.95 -2.36 -14.56
N GLU S 16 -30.89 -1.39 -15.49
CA GLU S 16 -30.35 -1.69 -16.81
C GLU S 16 -28.86 -1.99 -16.76
N LEU S 17 -28.13 -1.35 -15.84
CA LEU S 17 -26.72 -1.67 -15.63
C LEU S 17 -26.55 -3.07 -15.09
N HIS S 18 -27.33 -3.44 -14.08
CA HIS S 18 -27.24 -4.77 -13.47
C HIS S 18 -27.55 -5.88 -14.46
N LYS S 19 -28.40 -5.61 -15.47
CA LYS S 19 -28.65 -6.63 -16.49
C LYS S 19 -27.36 -7.05 -17.17
N HIS S 20 -26.45 -6.11 -17.40
CA HIS S 20 -25.15 -6.45 -17.98
C HIS S 20 -24.31 -7.26 -17.00
N VAL S 21 -24.38 -6.91 -15.72
CA VAL S 21 -23.64 -7.63 -14.68
C VAL S 21 -24.14 -9.06 -14.54
N ILE S 22 -25.46 -9.26 -14.55
CA ILE S 22 -26.01 -10.61 -14.45
C ILE S 22 -25.68 -11.40 -15.71
N ASP S 23 -25.92 -10.83 -16.88
CA ASP S 23 -25.60 -11.52 -18.13
C ASP S 23 -24.11 -11.82 -18.23
N GLY S 24 -23.27 -10.88 -17.79
CA GLY S 24 -21.84 -11.13 -17.76
C GLY S 24 -21.47 -12.28 -16.83
N THR S 25 -22.08 -12.32 -15.65
CA THR S 25 -21.84 -13.42 -14.72
C THR S 25 -22.29 -14.75 -15.31
N ARG S 26 -23.42 -14.76 -16.01
CA ARG S 26 -23.89 -15.99 -16.64
C ARG S 26 -23.00 -16.42 -17.80
N ILE S 27 -22.49 -15.45 -18.57
CA ILE S 27 -21.55 -15.79 -19.64
C ILE S 27 -20.24 -16.31 -19.06
N PHE S 28 -19.73 -15.64 -18.02
CA PHE S 28 -18.51 -16.11 -17.36
C PHE S 28 -18.72 -17.51 -16.81
N GLY S 29 -19.87 -17.76 -16.18
CA GLY S 29 -20.16 -19.08 -15.66
C GLY S 29 -20.27 -20.14 -16.73
N ALA S 30 -20.91 -19.82 -17.86
CA ALA S 30 -21.05 -20.76 -18.96
C ALA S 30 -19.69 -21.15 -19.53
N ILE S 31 -18.81 -20.17 -19.74
CA ILE S 31 -17.46 -20.46 -20.23
C ILE S 31 -16.68 -21.26 -19.19
N ALA S 32 -16.78 -20.87 -17.92
CA ALA S 32 -16.09 -21.58 -16.85
C ALA S 32 -16.53 -23.04 -16.74
N ILE S 33 -17.82 -23.31 -16.96
CA ILE S 33 -18.30 -24.69 -16.92
C ILE S 33 -17.66 -25.51 -18.02
N VAL S 34 -17.60 -24.96 -19.24
CA VAL S 34 -16.94 -25.65 -20.34
C VAL S 34 -15.46 -25.86 -20.04
N ALA S 35 -14.81 -24.86 -19.43
CA ALA S 35 -13.41 -25.00 -19.05
C ALA S 35 -13.21 -26.11 -18.03
N HIS S 36 -14.14 -26.25 -17.08
CA HIS S 36 -14.04 -27.33 -16.10
C HIS S 36 -14.29 -28.68 -16.75
N PHE S 37 -15.21 -28.74 -17.72
CA PHE S 37 -15.45 -29.99 -18.43
C PHE S 37 -14.21 -30.42 -19.22
N LEU S 38 -13.60 -29.49 -19.96
CA LEU S 38 -12.39 -29.82 -20.70
C LEU S 38 -11.25 -30.19 -19.75
N ALA S 39 -11.14 -29.47 -18.63
CA ALA S 39 -10.12 -29.80 -17.64
C ALA S 39 -10.31 -31.22 -17.12
N TYR S 40 -11.56 -31.61 -16.86
CA TYR S 40 -11.85 -32.97 -16.42
C TYR S 40 -11.52 -33.99 -17.50
N VAL S 41 -11.97 -33.75 -18.74
CA VAL S 41 -11.72 -34.69 -19.83
C VAL S 41 -10.23 -34.89 -20.10
N TYR S 42 -9.40 -33.88 -19.86
CA TYR S 42 -7.97 -34.01 -20.16
C TYR S 42 -7.05 -34.06 -18.95
N SER S 43 -7.44 -33.51 -17.80
CA SER S 43 -6.53 -33.61 -16.68
C SER S 43 -6.86 -34.83 -15.82
N PRO S 44 -5.92 -35.25 -14.96
CA PRO S 44 -6.20 -36.39 -14.08
C PRO S 44 -7.14 -36.07 -12.92
N TRP S 45 -7.66 -34.85 -12.85
CA TRP S 45 -8.58 -34.45 -11.80
C TRP S 45 -9.85 -35.29 -11.84
N LEU S 46 -10.31 -35.69 -10.65
CA LEU S 46 -11.48 -36.53 -10.41
C LEU S 46 -11.36 -37.93 -11.03
N HIS S 47 -10.22 -38.26 -11.62
CA HIS S 47 -10.03 -39.60 -12.18
C HIS S 47 -9.50 -40.56 -11.12
MG BCL T . 6.22 -13.75 -24.86
CHA BCL T . 3.13 -12.66 -25.95
CHB BCL T . 7.34 -10.53 -25.06
CHC BCL T . 9.40 -14.87 -24.53
CHD BCL T . 5.25 -17.03 -25.66
NA BCL T . 5.32 -11.86 -25.44
C1A BCL T . 4.01 -11.61 -25.84
C2A BCL T . 3.76 -10.15 -26.05
C3A BCL T . 5.18 -9.54 -25.98
C4A BCL T . 6.00 -10.66 -25.41
CMA BCL T . 5.69 -9.14 -27.36
CAA BCL T . 2.81 -9.56 -25.01
CBA BCL T . 2.27 -8.18 -25.38
CGA BCL T . 1.65 -7.45 -24.26
O1A BCL T . 1.58 -7.82 -23.16
O2A BCL T . 1.17 -6.30 -24.60
NB BCL T . 8.09 -12.86 -24.87
C1B BCL T . 8.32 -11.49 -24.78
C2B BCL T . 9.63 -11.23 -24.38
C3B BCL T . 10.30 -12.47 -24.23
C4B BCL T . 9.27 -13.46 -24.55
CMB BCL T . 10.16 -9.82 -24.18
CAB BCL T . 11.67 -12.84 -23.85
OBB BCL T . 12.13 -13.97 -24.03
CBB BCL T . 12.62 -11.86 -23.19
NC BCL T . 7.17 -15.66 -25.05
C1C BCL T . 8.51 -15.89 -24.91
C2C BCL T . 8.86 -17.32 -24.87
C3C BCL T . 7.59 -17.99 -25.37
C4C BCL T . 6.60 -16.86 -25.41
CMC BCL T . 10.10 -17.67 -25.69
CAC BCL T . 7.14 -19.20 -24.50
CBC BCL T . 6.67 -18.82 -23.11
ND BCL T . 4.60 -14.68 -25.67
C1D BCL T . 4.27 -16.02 -25.86
C2D BCL T . 2.93 -16.17 -26.29
C3D BCL T . 2.41 -14.89 -26.33
C4D BCL T . 3.44 -14.02 -25.96
CMD BCL T . 2.26 -17.49 -26.61
CAD BCL T . 1.22 -14.12 -26.37
OBD BCL T . 0.04 -14.47 -26.52
CBD BCL T . 1.61 -12.63 -26.18
CGD BCL T . 1.12 -11.82 -27.31
O1D BCL T . 1.43 -11.98 -28.47
O2D BCL T . 0.27 -10.88 -26.95
CED BCL T . -0.26 -10.00 -27.98
C1 BCL T . 0.53 -5.54 -23.55
C2 BCL T . 0.31 -4.17 -24.12
C3 BCL T . -0.71 -3.36 -24.04
C4 BCL T . -2.05 -3.72 -23.38
C5 BCL T . -0.65 -1.93 -24.56
C6 BCL T . -0.11 -0.88 -23.59
C7 BCL T . 1.34 -1.14 -23.18
C8 BCL T . 1.98 -0.15 -22.21
C9 BCL T . 3.49 -0.43 -22.08
C10 BCL T . 1.30 -0.26 -20.84
C11 BCL T . 0.47 0.95 -20.48
C12 BCL T . -0.23 0.79 -19.13
C13 BCL T . -0.64 2.10 -18.42
C14 BCL T . -1.11 1.85 -16.99
C15 BCL T . -1.76 2.84 -19.18
C16 BCL T . -1.47 3.83 -20.29
C17 BCL T . -2.66 4.62 -20.88
C18 BCL T . -2.27 5.38 -22.13
C19 BCL T . -3.41 6.37 -22.38
C20 BCL T . -2.07 4.50 -23.36
MG BCL U . -17.14 -8.77 -25.35
CHA BCL U . -15.99 -8.24 -22.13
CHB BCL U . -14.03 -7.99 -26.49
CHC BCL U . -17.94 -10.14 -28.36
CHD BCL U . -20.07 -10.15 -24.02
NA BCL U . -15.27 -8.23 -24.41
C1A BCL U . -15.04 -7.96 -23.07
C2A BCL U . -13.66 -7.41 -22.84
C3A BCL U . -13.18 -7.10 -24.27
C4A BCL U . -14.15 -7.85 -25.12
CMA BCL U . -13.24 -5.61 -24.57
CAA BCL U . -12.77 -8.42 -22.12
CBA BCL U . -12.85 -9.85 -22.66
CGA BCL U . -11.98 -10.81 -21.92
O1A BCL U . -11.30 -10.52 -20.99
O2A BCL U . -11.95 -12.01 -22.44
NB BCL U . -16.14 -9.06 -27.14
C1B BCL U . -14.86 -8.60 -27.44
C2B BCL U . -14.56 -8.83 -28.79
C3B BCL U . -15.67 -9.47 -29.38
C4B BCL U . -16.65 -9.59 -28.30
CMB BCL U . -13.24 -8.42 -29.42
CAB BCL U . -15.76 -9.89 -30.78
OBB BCL U . -15.06 -9.40 -31.67
CBB BCL U . -16.74 -10.95 -31.24
NC BCL U . -18.75 -9.99 -26.07
C1C BCL U . -18.92 -10.36 -27.37
C2C BCL U . -20.29 -10.84 -27.67
C3C BCL U . -21.01 -10.70 -26.32
C4C BCL U . -19.88 -10.37 -25.38
CMC BCL U . -20.96 -10.09 -28.80
CAC BCL U . -21.84 -11.95 -25.92
CBC BCL U . -21.00 -13.15 -25.55
ND BCL U . -17.87 -9.20 -23.50
C1D BCL U . -19.13 -9.63 -23.07
C2D BCL U . -19.29 -9.46 -21.68
C3D BCL U . -18.09 -8.91 -21.24
C4D BCL U . -17.27 -8.77 -22.36
CMD BCL U . -20.53 -9.81 -20.89
CAD BCL U . -17.32 -8.52 -20.12
OBD BCL U . -17.59 -8.55 -18.89
CBD BCL U . -15.95 -7.99 -20.62
CGD BCL U . -15.72 -6.60 -20.22
O1D BCL U . -14.68 -6.17 -19.76
O2D BCL U . -16.75 -5.81 -20.43
CED BCL U . -16.58 -4.41 -20.10
C1 BCL U . -11.03 -12.95 -21.80
C2 BCL U . -11.27 -14.28 -22.47
C3 BCL U . -12.13 -15.18 -22.06
C4 BCL U . -13.04 -15.04 -20.85
C5 BCL U . -12.28 -16.49 -22.82
C6 BCL U . -13.25 -16.49 -23.99
C7 BCL U . -13.48 -17.91 -24.53
C8 BCL U . -14.37 -17.99 -25.77
C9 BCL U . -15.83 -17.66 -25.40
C10 BCL U . -14.32 -19.38 -26.44
C11 BCL U . -14.64 -20.61 -25.60
C12 BCL U . -13.43 -21.34 -25.01
C13 BCL U . -13.82 -22.61 -24.23
C14 BCL U . -13.08 -22.72 -22.89
C15 BCL U . -13.52 -23.90 -25.03
C16 BCL U . -14.25 -24.11 -26.34
C17 BCL U . -14.41 -25.57 -26.78
C18 BCL U . -13.15 -26.37 -27.04
C19 BCL U . -12.50 -25.73 -28.27
C20 BCL U . -13.42 -27.86 -27.30
C1 IRM V . 1.87 19.70 -27.21
C10 IRM V . 6.45 9.88 -25.30
C11 IRM V . 7.33 8.76 -25.31
C12 IRM V . 6.88 7.51 -25.47
C13 IRM V . 7.62 6.26 -25.48
C14 IRM V . 6.95 5.12 -25.68
C15 IRM V . 7.47 3.78 -25.65
C16 IRM V . 6.65 2.72 -25.81
C17 IRM V . 7.03 1.36 -25.67
C18 IRM V . 6.21 0.28 -25.68
C19 IRM V . 6.70 -1.00 -25.23
C2 IRM V . 1.93 18.28 -26.63
C20 IRM V . 5.97 -2.07 -24.93
C21 IRM V . 6.50 -3.30 -24.45
C22 IRM V . 5.80 -4.37 -23.99
C23 IRM V . 6.53 -5.54 -23.54
C24 IRM V . 6.03 -6.65 -23.00
C25 IRM V . 6.84 -7.74 -22.60
C26 IRM V . 6.41 -8.86 -22.00
C27 IRM V . 7.35 -10.00 -21.71
C28 IRM V . 7.49 -10.29 -20.21
C29 IRM V . 8.47 -11.39 -19.97
C3 IRM V . 3.31 17.77 -26.24
C30 IRM V . 1.98 20.75 -26.10
C31 IRM V . 2.94 19.90 -28.26
C33 IRM V . 5.77 16.55 -25.66
C34 IRM V . 8.17 11.69 -25.01
C35 IRM V . 9.11 6.33 -25.25
C36 IRM V . 4.75 0.38 -26.03
C37 IRM V . 4.31 -4.39 -23.89
C38 IRM V . 4.99 -9.06 -21.52
C39 IRM V . 9.19 -11.60 -18.87
C4 IRM V . 3.23 16.35 -25.69
C40 IRM V . 10.17 -12.71 -18.75
C41 IRM V . 9.10 -10.70 -17.67
C5 IRM V . 4.57 15.66 -25.56
C6 IRM V . 4.63 14.33 -25.41
C7 IRM V . 5.78 13.50 -25.31
C8 IRM V . 5.68 12.17 -25.27
C9 IRM V . 6.76 11.19 -25.18
O32 IRM V . 0.59 19.86 -27.84
MG BCL W . -1.49 -18.68 -23.91
CHA BCL W . -1.42 -15.25 -23.44
CHB BCL W . -4.87 -18.57 -23.52
CHC BCL W . -1.53 -22.04 -23.59
CHD BCL W . 1.95 -18.76 -23.25
NA BCL W . -2.93 -17.10 -23.50
C1A BCL W . -2.71 -15.74 -23.48
C2A BCL W . -3.99 -14.96 -23.47
C3A BCL W . -5.07 -16.04 -23.33
C4A BCL W . -4.30 -17.32 -23.50
CMA BCL W . -5.78 -15.98 -21.99
CAA BCL W . -4.20 -14.09 -24.73
CBA BCL W . -5.38 -13.12 -24.59
CGA BCL W . -5.95 -12.57 -25.86
O1A BCL W . -5.77 -12.99 -26.95
O2A BCL W . -6.69 -11.52 -25.58
NB BCL W . -2.97 -20.11 -23.64
C1B BCL W . -4.30 -19.85 -23.37
C2B BCL W . -4.97 -21.01 -22.98
C3B BCL W . -4.02 -22.07 -22.98
C4B BCL W . -2.78 -21.44 -23.42
CMB BCL W . -6.46 -21.03 -22.64
CAB BCL W . -4.12 -23.49 -22.62
OBB BCL W . -3.17 -24.29 -22.80
CBB BCL W . -5.35 -24.11 -22.00
NC BCL W . 0.00 -20.17 -23.49
C1C BCL W . -0.24 -21.52 -23.45
C2C BCL W . 0.99 -22.33 -23.58
C3C BCL W . 2.10 -21.30 -23.37
C4C BCL W . 1.35 -19.99 -23.29
CMC BCL W . 1.03 -23.48 -22.58
CAC BCL W . 3.19 -21.31 -24.47
CBC BCL W . 4.09 -22.52 -24.42
ND BCL W . -0.02 -17.34 -23.47
C1D BCL W . 1.34 -17.49 -23.18
C2D BCL W . 1.93 -16.25 -22.85
C3D BCL W . 0.90 -15.32 -22.92
C4D BCL W . -0.25 -16.01 -23.30
CMD BCL W . 3.37 -16.05 -22.47
CAD BCL W . 0.57 -13.94 -22.93
OBD BCL W . 1.27 -12.93 -22.75
CBD BCL W . -0.95 -13.80 -23.23
CGD BCL W . -1.62 -13.05 -22.16
O1D BCL W . -1.64 -13.38 -20.98
O2D BCL W . -2.21 -11.94 -22.58
CED BCL W . -2.91 -11.15 -21.58
C1 BCL W . -7.38 -10.75 -26.61
C2 BCL W . -8.54 -11.57 -27.16
C3 BCL W . -9.59 -11.94 -26.45
C4 BCL W . -9.79 -11.63 -24.97
C5 BCL W . -10.77 -12.69 -27.07
C6 BCL W . -11.07 -12.35 -28.53
C7 BCL W . -12.52 -12.57 -28.92
C8 BCL W . -13.13 -13.97 -28.84
C9 BCL W . -12.56 -14.87 -29.96
C10 BCL W . -14.66 -13.90 -28.97
C11 BCL W . -15.47 -14.17 -27.71
C12 BCL W . -15.30 -13.09 -26.62
C13 BCL W . -15.93 -13.52 -25.29
C14 BCL W . -17.43 -13.75 -25.40
C15 BCL W . -15.69 -12.44 -24.22
C16 BCL W . -15.75 -13.00 -22.80
C17 BCL W . -16.56 -12.19 -21.78
C18 BCL W . -16.41 -12.71 -20.37
C19 BCL W . -17.72 -12.31 -19.64
C20 BCL W . -15.19 -12.18 -19.62
MG BCL X . -22.87 -7.60 29.70
CHA BCL X . -24.37 -6.90 32.76
CHB BCL X . -20.28 -5.67 30.66
CHC BCL X . -20.86 -9.28 27.53
CHD BCL X . -25.38 -9.89 29.05
NA BCL X . -22.44 -6.39 31.46
C1A BCL X . -23.12 -6.35 32.66
C2A BCL X . -22.19 -6.01 33.77
C3A BCL X . -21.13 -5.18 33.03
C4A BCL X . -21.24 -5.73 31.64
CMA BCL X . -21.42 -3.68 33.08
CAA BCL X . -21.56 -7.26 34.40
CBA BCL X . -20.60 -6.97 35.58
CGA BCL X . -19.85 -8.15 36.08
O1A BCL X . -18.71 -8.37 35.84
O2A BCL X . -20.59 -8.93 36.86
NB BCL X . -20.88 -7.45 29.12
C1B BCL X . -19.92 -6.69 29.78
C2B BCL X . -18.64 -7.16 29.51
C3B BCL X . -18.75 -8.23 28.60
C4B BCL X . -20.19 -8.37 28.37
CMB BCL X . -17.40 -6.56 30.17
CAB BCL X . -17.76 -9.10 27.93
OBB BCL X . -18.09 -10.12 27.32
CBB BCL X . -16.28 -8.80 27.93
NC BCL X . -23.09 -9.34 28.47
C1C BCL X . -22.14 -9.84 27.63
C2C BCL X . -22.65 -10.89 26.72
C3C BCL X . -24.06 -11.16 27.25
C4C BCL X . -24.21 -10.12 28.34
CMC BCL X . -22.63 -10.48 25.25
CAC BCL X . -24.27 -12.61 27.75
CBC BCL X . -24.31 -13.63 26.62
ND BCL X . -24.52 -8.30 30.67
C1D BCL X . -25.51 -9.20 30.29
C2D BCL X . -26.53 -9.29 31.26
C3D BCL X . -26.14 -8.40 32.27
C4D BCL X . -24.94 -7.83 31.88
CMD BCL X . -27.76 -10.16 31.17
CAD BCL X . -26.33 -8.06 33.64
OBD BCL X . -27.17 -8.45 34.47
CBD BCL X . -25.24 -7.02 34.02
CGD BCL X . -25.85 -5.77 34.49
O1D BCL X . -26.82 -5.22 33.99
O2D BCL X . -25.27 -5.27 35.57
CED BCL X . -25.83 -4.06 36.14
C1 BCL X . -20.01 -10.15 37.45
C2 BCL X . -19.77 -11.12 36.30
C3 BCL X . -20.64 -11.79 35.59
C4 BCL X . -22.16 -11.76 35.79
C5 BCL X . -20.16 -12.69 34.45
C6 BCL X . -20.08 -12.03 33.07
C7 BCL X . -19.57 -12.98 31.99
C8 BCL X . -19.46 -12.37 30.59
C9 BCL X . -20.85 -11.97 30.06
C10 BCL X . -18.78 -13.38 29.65
C11 BCL X . -19.78 -14.42 29.19
C12 BCL X . -19.15 -15.67 28.60
C13 BCL X . -20.21 -16.55 27.91
C14 BCL X . -19.77 -18.00 27.75
C15 BCL X . -20.47 -15.91 26.54
C16 BCL X . -21.57 -16.48 25.67
C17 BCL X . -21.52 -16.00 24.21
C18 BCL X . -22.59 -16.65 23.36
C19 BCL X . -22.14 -16.43 21.90
C20 BCL X . -23.99 -16.08 23.59
MG BCL Y . 31.21 24.74 2.80
CHA BCL Y . 33.11 27.54 1.94
CHB BCL Y . 30.79 24.13 -0.51
CHC BCL Y . 30.42 21.51 3.51
CHD BCL Y . 32.24 25.12 6.10
NA BCL Y . 31.88 25.73 0.97
C1A BCL Y . 32.64 26.89 0.83
C2A BCL Y . 32.95 27.17 -0.62
C3A BCL Y . 31.99 26.21 -1.36
C4A BCL Y . 31.54 25.27 -0.30
CMA BCL Y . 30.81 26.95 -1.99
CAA BCL Y . 34.42 26.95 -1.00
CBA BCL Y . 34.82 27.41 -2.41
CGA BCL Y . 36.19 26.98 -2.78
O1A BCL Y . 37.14 27.68 -2.84
O2A BCL Y . 36.25 25.74 -3.14
NB BCL Y . 30.64 23.08 1.69
C1B BCL Y . 30.67 23.00 0.30
C2B BCL Y . 30.56 21.67 -0.14
C3B BCL Y . 30.44 20.86 1.02
C4B BCL Y . 30.50 21.80 2.14
CMB BCL Y . 30.57 21.28 -1.61
CAB BCL Y . 30.31 19.40 1.21
OBB BCL Y . 30.42 18.87 2.33
CBB BCL Y . 30.01 18.45 0.08
NC BCL Y . 31.31 23.51 4.55
C1C BCL Y . 30.93 22.19 4.62
C2C BCL Y . 30.68 21.75 6.02
C3C BCL Y . 31.47 22.79 6.83
C4C BCL Y . 31.77 23.86 5.80
CMC BCL Y . 29.21 21.68 6.36
CAC BCL Y . 32.71 22.16 7.54
CBC BCL Y . 33.41 23.08 8.51
ND BCL Y . 32.43 26.00 3.83
C1D BCL Y . 32.73 26.11 5.20
C2D BCL Y . 33.51 27.25 5.47
C3D BCL Y . 33.70 27.87 4.23
C4D BCL Y . 33.04 27.10 3.28
CMD BCL Y . 34.00 27.67 6.84
CAD BCL Y . 34.34 28.92 3.53
OBD BCL Y . 34.93 29.93 3.95
CBD BCL Y . 34.19 28.63 2.02
CGD BCL Y . 33.96 29.87 1.25
O1D BCL Y . 34.37 30.08 0.12
O2D BCL Y . 33.23 30.76 1.90
CED BCL Y . 33.21 32.11 1.34
C1 BCL Y . 37.21 24.68 -3.14
C2 BCL Y . 37.14 24.08 -1.75
C3 BCL Y . 36.11 23.37 -1.32
C4 BCL Y . 34.88 23.04 -2.17
C5 BCL Y . 36.06 22.79 0.09
C6 BCL Y . 34.80 23.16 0.88
C7 BCL Y . 34.75 22.61 2.31
C8 BCL Y . 34.80 21.11 2.58
C9 BCL Y . 33.91 20.33 1.58
C10 BCL Y . 34.32 20.82 4.02
C11 BCL Y . 34.52 19.41 4.54
C12 BCL Y . 33.85 19.17 5.90
C13 BCL Y . 34.31 17.87 6.59
C14 BCL Y . 34.15 16.65 5.68
C15 BCL Y . 33.53 17.61 7.90
C16 BCL Y . 33.25 18.67 8.98
C17 BCL Y . 32.85 18.19 10.40
C18 BCL Y . 31.37 18.06 10.80
C19 BCL Y . 30.72 16.95 9.96
C20 BCL Y . 30.56 19.37 10.67
MG BCL Z . -1.86 7.36 37.43
CHA BCL Z . -1.71 9.39 40.24
CHB BCL Z . 0.76 9.07 36.16
CHC BCL Z . -1.19 4.74 35.36
CHD BCL Z . -4.17 5.34 39.09
NA BCL Z . -0.65 9.02 38.13
C1A BCL Z . -0.75 9.74 39.31
C2A BCL Z . 0.14 10.96 39.30
C3A BCL Z . 0.72 10.94 37.88
C4A BCL Z . 0.37 9.58 37.37
CMA BCL Z . 0.12 12.03 36.99
CAA BCL Z . 1.22 10.99 40.40
CBA BCL Z . 2.09 9.73 40.56
CGA BCL Z . 1.75 8.96 41.79
O1A BCL Z . 1.43 9.43 42.84
O2A BCL Z . 1.76 7.67 41.59
NB BCL Z . -0.46 6.97 35.94
C1B BCL Z . 0.64 7.77 35.66
C2B BCL Z . 1.59 7.07 34.89
C3B BCL Z . 1.07 5.79 34.64
C4B BCL Z . -0.24 5.77 35.32
CMB BCL Z . 2.91 7.68 34.47
CAB BCL Z . 1.72 4.74 33.84
OBB BCL Z . 2.68 4.97 33.10
CBB BCL Z . 1.29 3.29 33.89
NC BCL Z . -2.57 5.33 37.27
C1C BCL Z . -2.19 4.45 36.29
C2C BCL Z . -3.19 3.37 36.09
C3C BCL Z . -4.01 3.43 37.39
C4C BCL Z . -3.55 4.73 38.01
CMC BCL Z . -4.03 3.54 34.82
CAC BCL Z . -3.81 2.18 38.29
CBC BCL Z . -4.89 1.99 39.32
ND BCL Z . -2.76 7.33 39.26
C1D BCL Z . -3.69 6.46 39.83
C2D BCL Z . -4.04 6.87 41.14
C3D BCL Z . -3.29 8.02 41.37
C4D BCL Z . -2.54 8.27 40.23
CMD BCL Z . -5.01 6.15 42.05
CAD BCL Z . -2.96 9.04 42.31
OBD BCL Z . -3.40 9.25 43.46
CBD BCL Z . -1.91 9.97 41.65
CGD BCL Z . -2.33 11.37 41.73
O1D BCL Z . -3.10 11.92 40.96
O2D BCL Z . -1.79 12.03 42.74
CED BCL Z . -2.14 13.44 42.89
C1 BCL Z . 1.28 6.77 42.63
C2 BCL Z . 1.44 5.36 42.04
C3 BCL Z . 0.87 4.91 40.94
C4 BCL Z . -0.04 5.71 40.00
C5 BCL Z . 1.04 3.47 40.47
C6 BCL Z . 2.17 3.22 39.47
C7 BCL Z . 2.35 1.74 39.09
C8 BCL Z . 1.60 1.16 37.85
C9 BCL Z . 0.19 1.77 37.65
C10 BCL Z . 1.60 -0.39 37.91
C11 BCL Z . 0.92 -1.27 36.86
C12 BCL Z . -0.59 -1.52 37.01
C13 BCL Z . -1.08 -1.88 38.43
C14 BCL Z . -0.55 -3.23 38.89
C15 BCL Z . -2.63 -1.92 38.46
C16 BCL Z . -3.53 -2.76 37.52
C17 BCL Z . -3.92 -2.11 36.18
C18 BCL Z . -5.12 -2.70 35.47
C19 BCL Z . -4.72 -4.13 35.10
C20 BCL Z . -5.53 -1.91 34.22
MG BCL AA . -33.85 -18.00 6.94
CHA BCL AA . -36.85 -18.40 8.65
CHB BCL AA . -32.57 -16.62 9.76
CHC BCL AA . -30.72 -18.66 5.82
CHD BCL AA . -35.07 -20.15 4.48
NA BCL AA . -34.64 -17.55 8.92
C1A BCL AA . -35.90 -17.81 9.44
C2A BCL AA . -36.00 -17.40 10.89
C3A BCL AA . -34.75 -16.53 11.06
C4A BCL AA . -33.89 -16.95 9.92
CMA BCL AA . -35.08 -15.04 11.00
CAA BCL AA . -36.05 -18.58 11.89
CBA BCL AA . -35.02 -19.72 11.70
CGA BCL AA . -35.37 -20.79 10.70
O1A BCL AA . -36.47 -21.15 10.46
O2A BCL AA . -34.34 -21.25 10.05
NB BCL AA . -31.93 -17.63 7.63
C1B BCL AA . -31.62 -17.21 8.93
C2B BCL AA . -30.29 -17.51 9.25
C3B BCL AA . -29.71 -18.14 8.14
C4B BCL AA . -30.77 -18.16 7.14
CMB BCL AA . -29.66 -17.18 10.60
CAB BCL AA . -28.32 -18.62 8.05
OBB BCL AA . -27.41 -18.18 8.77
CBB BCL AA . -27.92 -19.70 7.07
NC BCL AA . -33.02 -19.22 5.37
C1C BCL AA . -31.69 -19.31 5.07
C2C BCL AA . -31.43 -19.92 3.73
C3C BCL AA . -32.83 -20.36 3.28
C4C BCL AA . -33.70 -20.00 4.46
CMC BCL AA . -30.74 -18.95 2.78
CAC BCL AA . -32.93 -21.85 2.87
CBC BCL AA . -32.00 -22.23 1.74
ND BCL AA . -35.59 -19.01 6.56
C1D BCL AA . -35.92 -19.97 5.60
C2D BCL AA . -37.12 -20.66 5.93
C3D BCL AA . -37.54 -20.07 7.12
C4D BCL AA . -36.61 -19.10 7.46
CMD BCL AA . -37.76 -21.76 5.13
CAD BCL AA . -38.53 -20.05 8.14
OBD BCL AA . -39.48 -20.84 8.38
CBD BCL AA . -38.28 -18.81 9.03
CGD BCL AA . -39.31 -17.80 8.79
O1D BCL AA . -39.11 -16.61 8.60
O2D BCL AA . -40.54 -18.29 8.81
CED BCL AA . -41.64 -17.38 8.52
C1 BCL AA . -34.63 -22.18 8.95
C2 BCL AA . -33.30 -22.83 8.60
C3 BCL AA . -32.84 -23.91 9.18
C4 BCL AA . -33.51 -24.64 10.33
C5 BCL AA . -31.54 -24.57 8.70
C6 BCL AA . -31.15 -24.28 7.24
C7 BCL AA . -30.21 -25.34 6.66
C8 BCL AA . -29.66 -25.02 5.28
C9 BCL AA . -28.53 -23.98 5.39
C10 BCL AA . -30.75 -24.52 4.31
C11 BCL AA . -31.91 -25.48 4.06
C12 BCL AA . -31.51 -26.65 3.16
C13 BCL AA . -31.24 -26.27 1.69
C14 BCL AA . -31.99 -27.19 0.71
C15 BCL AA . -29.74 -26.34 1.34
C16 BCL AA . -29.36 -25.50 0.11
C17 BCL AA . -29.01 -24.02 0.26
C18 BCL AA . -28.73 -23.36 -1.08
C19 BCL AA . -27.36 -23.94 -1.51
C20 BCL AA . -28.67 -21.83 -1.07
MG BCL BA . 19.24 20.39 27.12
CHA BCL BA . 20.64 23.16 28.70
CHB BCL BA . 20.90 21.27 24.32
CHC BCL BA . 19.08 17.16 26.03
CHD BCL BA . 18.04 19.32 30.20
NA BCL BA . 20.56 22.05 26.59
C1A BCL BA . 21.09 23.03 27.42
C2A BCL BA . 22.05 23.93 26.66
C3A BCL BA . 22.11 23.29 25.26
C4A BCL BA . 21.17 22.14 25.35
CMA BCL BA . 21.69 24.27 24.16
CAA BCL BA . 23.46 24.11 27.31
CBA BCL BA . 24.68 24.15 26.37
CGA BCL BA . 25.45 22.88 26.26
O1A BCL BA . 26.63 22.80 26.13
O2A BCL BA . 24.70 21.81 26.38
NB BCL BA . 19.86 19.37 25.42
C1B BCL BA . 20.60 19.91 24.39
C2B BCL BA . 21.00 18.91 23.48
C3B BCL BA . 20.49 17.68 23.95
C4B BCL BA . 19.77 18.02 25.18
CMB BCL BA . 21.80 19.23 22.22
CAB BCL BA . 20.61 16.30 23.46
OBB BCL BA . 19.87 15.38 23.87
CBB BCL BA . 21.64 15.87 22.44
NC BCL BA . 18.63 18.52 27.99
C1C BCL BA . 18.67 17.31 27.37
C2C BCL BA . 17.98 16.25 28.14
C3C BCL BA . 18.01 16.83 29.56
C4C BCL BA . 18.20 18.31 29.28
CMC BCL BA . 16.59 15.95 27.61
CAC BCL BA . 19.10 16.14 30.43
CBC BCL BA . 19.24 16.68 31.85
ND BCL BA . 19.29 21.06 29.05
C1D BCL BA . 18.77 20.54 30.24
C2D BCL BA . 19.12 21.34 31.35
C3D BCL BA . 19.85 22.40 30.82
C4D BCL BA . 19.93 22.20 29.44
CMD BCL BA . 18.75 21.06 32.79
CAD BCL BA . 20.36 23.70 31.06
OBD BCL BA . 20.32 24.42 32.08
CBD BCL BA . 21.05 24.19 29.76
CGD BCL BA . 20.70 25.58 29.46
O1D BCL BA . 19.58 26.00 29.21
O2D BCL BA . 21.74 26.41 29.48
CED BCL BA . 21.50 27.81 29.22
C1 BCL BA . 25.33 20.50 26.43
C2 BCL BA . 24.22 19.55 26.87
C3 BCL BA . 23.65 19.53 28.05
C4 BCL BA . 24.01 20.43 29.24
C5 BCL BA . 22.48 18.59 28.32
C6 BCL BA . 22.54 17.22 27.66
C7 BCL BA . 23.57 16.28 28.29
C8 BCL BA . 23.46 14.87 27.70
C9 BCL BA . 23.91 14.87 26.22
C10 BCL BA . 22.01 14.34 27.82
C11 BCL BA . 21.81 12.83 27.83
C12 BCL BA . 22.17 12.17 29.15
C13 BCL BA . 21.23 12.47 30.33
C14 BCL BA . 21.93 12.34 31.69
C15 BCL BA . 20.04 11.49 30.29
C16 BCL BA . 18.89 11.74 31.29
C17 BCL BA . 17.79 10.66 31.46
C18 BCL BA . 16.48 10.76 30.69
C19 BCL BA . 15.96 9.32 30.65
C20 BCL BA . 16.57 11.30 29.26
MG BCL CA . -29.55 -18.97 -19.78
CHA BCL CA . -32.93 -19.57 -20.23
CHB BCL CA . -30.16 -18.68 -16.45
CHC BCL CA . -26.26 -19.46 -19.16
CHD BCL CA . -29.00 -20.05 -23.05
NA BCL CA . -31.33 -19.09 -18.54
C1A BCL CA . -32.64 -19.39 -18.91
C2A BCL CA . -33.57 -19.40 -17.74
C3A BCL CA . -32.70 -18.81 -16.61
C4A BCL CA . -31.31 -18.96 -17.16
CMA BCL CA . -33.03 -17.36 -16.31
CAA BCL CA . -34.15 -20.78 -17.35
CBA BCL CA . -33.14 -21.94 -17.20
CGA BCL CA . -32.89 -22.80 -18.38
O1A BCL CA . -33.57 -23.74 -18.69
O2A BCL CA . -31.80 -22.50 -19.05
NB BCL CA . -28.37 -19.02 -18.07
C1B BCL CA . -28.83 -18.99 -16.77
C2B BCL CA . -27.82 -19.33 -15.86
C3B BCL CA . -26.64 -19.57 -16.60
C4B BCL CA . -27.04 -19.36 -18.00
CMB BCL CA . -28.03 -19.40 -14.36
CAB BCL CA . -25.33 -19.92 -16.04
OBB BCL CA . -25.04 -19.76 -14.85
CBB BCL CA . -24.23 -20.52 -16.88
NC BCL CA . -27.88 -19.65 -20.94
C1C BCL CA . -26.59 -19.75 -20.48
C2C BCL CA . -25.60 -19.81 -21.58
C3C BCL CA . -26.47 -20.09 -22.81
C4C BCL CA . -27.87 -20.03 -22.26
CMC BCL CA . -24.76 -18.55 -21.70
CAC BCL CA . -26.13 -21.43 -23.52
CBC BCL CA . -24.79 -21.39 -24.23
ND BCL CA . -30.68 -19.66 -21.33
C1D BCL CA . -30.36 -20.08 -22.63
C2D BCL CA . -31.51 -20.51 -23.33
C3D BCL CA . -32.56 -20.33 -22.45
C4D BCL CA . -32.03 -19.82 -21.27
CMD BCL CA . -31.52 -21.03 -24.75
CAD BCL CA . -33.95 -20.51 -22.21
OBD BCL CA . -34.83 -21.14 -22.85
CBD BCL CA . -34.30 -19.76 -20.90
CGD BCL CA . -35.02 -18.51 -21.22
O1D BCL CA . -34.90 -17.46 -20.61
O2D BCL CA . -35.83 -18.61 -22.25
CED BCL CA . -36.52 -17.42 -22.69
C1 BCL CA . -31.36 -23.36 -20.14
C2 BCL CA . -30.80 -24.61 -19.47
C3 BCL CA . -29.94 -25.47 -19.96
C4 BCL CA . -29.37 -25.43 -21.37
C5 BCL CA . -29.43 -26.63 -19.10
C6 BCL CA . -28.10 -26.39 -18.36
C7 BCL CA . -28.10 -25.10 -17.54
C8 BCL CA . -26.86 -24.66 -16.74
C9 BCL CA . -27.28 -23.94 -15.45
C10 BCL CA . -25.95 -23.75 -17.59
C11 BCL CA . -25.34 -24.35 -18.85
C12 BCL CA . -24.25 -23.49 -19.48
C13 BCL CA . -23.55 -24.23 -20.63
C14 BCL CA . -22.46 -25.18 -20.12
C15 BCL CA . -22.89 -23.24 -21.59
C16 BCL CA . -22.28 -23.88 -22.83
C17 BCL CA . -23.24 -24.79 -23.62
C18 BCL CA . -22.66 -25.27 -24.95
C19 BCL CA . -22.85 -24.08 -25.91
C20 BCL CA . -23.34 -26.52 -25.52
C1 IRM DA . -13.30 9.08 -29.00
C10 IRM DA . -7.92 0.20 -26.56
C11 IRM DA . -7.20 -1.03 -26.65
C12 IRM DA . -7.62 -2.15 -26.07
C13 IRM DA . -6.95 -3.44 -26.04
C14 IRM DA . -7.55 -4.46 -25.38
C15 IRM DA . -7.03 -5.76 -25.13
C16 IRM DA . -7.72 -6.66 -24.39
C17 IRM DA . -7.25 -7.92 -23.97
C18 IRM DA . -7.88 -8.78 -23.14
C19 IRM DA . -7.14 -9.89 -22.57
C2 IRM DA . -12.00 8.77 -28.27
C20 IRM DA . -7.53 -10.66 -21.54
C21 IRM DA . -6.78 -11.71 -20.97
C22 IRM DA . -7.06 -12.42 -19.85
C23 IRM DA . -6.19 -13.51 -19.45
C24 IRM DA . -6.30 -14.26 -18.35
C25 IRM DA . -5.42 -15.32 -18.05
C26 IRM DA . -5.48 -16.08 -16.95
C27 IRM DA . -4.55 -17.26 -16.75
C28 IRM DA . -3.51 -17.01 -15.65
C29 IRM DA . -2.55 -18.14 -15.56
C3 IRM DA . -11.45 7.35 -28.44
C30 IRM DA . -13.32 8.48 -30.39
C31 IRM DA . -14.50 8.60 -28.18
C33 IRM DA . -8.55 6.27 -29.09
C34 IRM DA . -6.41 1.59 -28.01
C35 IRM DA . -5.63 -3.56 -26.73
C36 IRM DA . -9.29 -8.58 -22.67
C37 IRM DA . -8.24 -12.11 -18.97
C38 IRM DA . -6.41 -15.80 -15.81
C39 IRM DA . -1.38 -18.16 -14.93
C4 IRM DA . -10.34 7.04 -27.46
C40 IRM DA . -0.50 -19.37 -14.89
C41 IRM DA . -0.83 -16.95 -14.25
C5 IRM DA . -9.42 5.94 -27.90
C6 IRM DA . -9.40 4.75 -27.28
C7 IRM DA . -8.49 3.69 -27.58
C8 IRM DA . -8.53 2.50 -26.97
C9 IRM DA . -7.64 1.38 -27.15
O32 IRM DA . -13.41 10.51 -29.13
MG BCL EA . -0.47 1.40 -32.48
CHA BCL EA . -1.20 0.74 -29.16
CHB BCL EA . 2.59 2.51 -31.51
CHC BCL EA . 0.56 1.29 -35.71
CHD BCL EA . -3.33 -0.40 -33.41
NA BCL EA . 0.54 1.58 -30.57
C1A BCL EA . 0.04 1.30 -29.31
C2A BCL EA . 1.01 1.71 -28.23
C3A BCL EA . 2.13 2.42 -29.01
C4A BCL EA . 1.80 2.13 -30.44
CMA BCL EA . 2.14 3.93 -28.75
CAA BCL EA . 1.51 0.53 -27.39
CBA BCL EA . 1.88 -0.70 -28.24
CGA BCL EA . 2.36 -1.86 -27.44
O1A BCL EA . 2.39 -1.92 -26.26
O2A BCL EA . 2.78 -2.83 -28.19
NB BCL EA . 1.30 1.81 -33.47
C1B BCL EA . 2.47 2.28 -32.88
C2B BCL EA . 3.45 2.51 -33.85
C3B BCL EA . 2.92 2.14 -35.10
C4B BCL EA . 1.55 1.73 -34.81
CMB BCL EA . 4.83 3.05 -33.52
CAB BCL EA . 3.62 2.21 -36.38
OBB BCL EA . 4.64 2.91 -36.55
CBB BCL EA . 3.18 1.41 -37.60
NC BCL EA . -1.25 0.53 -34.28
C1C BCL EA . -0.71 0.72 -35.53
C2C BCL EA . -1.68 0.49 -36.62
C3C BCL EA . -2.97 0.14 -35.87
C4C BCL EA . -2.48 -0.06 -34.45
CMC BCL EA . -1.82 1.69 -37.55
CAC BCL EA . -3.72 -1.07 -36.48
CBC BCL EA . -3.02 -2.39 -36.28
ND BCL EA . -1.91 0.31 -31.54
C1D BCL EA . -3.11 -0.24 -32.01
C2D BCL EA . -3.97 -0.55 -30.94
C3D BCL EA . -3.29 -0.20 -29.79
C4D BCL EA . -2.05 0.31 -30.19
CMD BCL EA . -5.36 -1.15 -31.08
CAD BCL EA . -3.27 -0.24 -28.37
OBD BCL EA . -4.11 -0.69 -27.56
CBD BCL EA . -1.96 0.42 -27.88
CGD BCL EA . -2.22 1.59 -27.02
O1D BCL EA . -1.64 1.84 -25.99
O2D BCL EA . -3.19 2.36 -27.47
CED BCL EA . -3.51 3.53 -26.68
C1 BCL EA . 3.37 -4.01 -27.55
C2 BCL EA . 3.38 -5.06 -28.62
C3 BCL EA . 2.45 -5.93 -28.91
C4 BCL EA . 1.17 -6.11 -28.12
C5 BCL EA . 2.57 -6.83 -30.13
C6 BCL EA . 3.57 -6.37 -31.17
C7 BCL EA . 3.32 -7.03 -32.53
C8 BCL EA . 4.54 -7.07 -33.45
C9 BCL EA . 4.91 -5.64 -33.90
C10 BCL EA . 4.27 -7.96 -34.68
C11 BCL EA . 4.68 -9.43 -34.64
C12 BCL EA . 3.90 -10.30 -33.63
C13 BCL EA . 4.10 -11.81 -33.81
C14 BCL EA . 3.44 -12.62 -32.68
C15 BCL EA . 5.61 -12.12 -33.82
C16 BCL EA . 6.44 -11.76 -32.59
C17 BCL EA . 7.98 -11.76 -32.67
C18 BCL EA . 8.65 -13.10 -32.90
C19 BCL EA . 10.00 -12.98 -32.17
C20 BCL EA . 8.88 -13.50 -34.36
MG BCL FA . 19.79 -4.10 -20.91
CHA BCL FA . 17.55 -2.62 -23.07
CHB BCL FA . 20.16 -1.09 -19.35
CHC BCL FA . 22.46 -5.32 -19.24
CHD BCL FA . 20.08 -6.77 -23.16
NA BCL FA . 18.94 -2.12 -21.20
C1A BCL FA . 18.02 -1.71 -22.15
C2A BCL FA . 17.67 -0.27 -21.99
C3A BCL FA . 18.68 0.23 -20.94
C4A BCL FA . 19.27 -1.04 -20.41
CMA BCL FA . 19.75 1.11 -21.58
CAA BCL FA . 16.20 -0.04 -21.57
CBA BCL FA . 15.80 1.42 -21.54
CGA BCL FA . 14.39 1.61 -21.11
O1A BCL FA . 13.61 0.76 -20.91
O2A BCL FA . 14.09 2.86 -20.93
NB BCL FA . 21.15 -3.32 -19.56
C1B BCL FA . 21.04 -2.09 -18.93
C2B BCL FA . 21.90 -2.02 -17.82
C3B BCL FA . 22.61 -3.24 -17.75
C4B BCL FA . 22.10 -4.02 -18.87
CMB BCL FA . 21.98 -0.79 -16.93
CAB BCL FA . 23.64 -3.74 -16.83
OBB BCL FA . 24.33 -4.74 -17.09
CBB BCL FA . 23.92 -3.11 -15.48
NC BCL FA . 21.06 -5.80 -21.16
C1C BCL FA . 22.13 -6.11 -20.35
C2C BCL FA . 22.63 -7.49 -20.56
C3C BCL FA . 21.94 -7.91 -21.86
C4C BCL FA . 21.01 -6.77 -22.15
CMC BCL FA . 24.16 -7.57 -20.60
CAC BCL FA . 21.26 -9.29 -21.77
CBC BCL FA . 20.02 -9.32 -20.90
ND BCL FA . 19.05 -4.60 -22.75
C1D BCL FA . 19.14 -5.76 -23.51
C2D BCL FA . 18.23 -5.74 -24.59
C3D BCL FA . 17.55 -4.53 -24.47
C4D BCL FA . 18.08 -3.87 -23.37
CMD BCL FA . 18.06 -6.83 -25.62
CAD BCL FA . 16.43 -3.78 -24.89
OBD BCL FA . 15.56 -4.03 -25.75
CBD BCL FA . 16.39 -2.47 -24.07
CGD BCL FA . 16.42 -1.30 -24.97
O1D BCL FA . 17.26 -1.11 -25.83
O2D BCL FA . 15.43 -0.45 -24.76
CED BCL FA . 15.34 0.69 -25.65
C1 BCL FA . 12.74 3.15 -20.46
C2 BCL FA . 12.64 4.65 -20.47
C3 BCL FA . 11.58 5.38 -20.72
C4 BCL FA . 10.23 4.84 -21.13
C5 BCL FA . 11.64 6.90 -20.59
C6 BCL FA . 11.38 7.47 -19.18
C7 BCL FA . 12.49 7.10 -18.20
C8 BCL FA . 12.37 7.55 -16.75
C9 BCL FA . 13.63 7.19 -15.96
C10 BCL FA . 11.13 6.91 -16.10
C11 BCL FA . 10.03 7.91 -15.83
C12 BCL FA . 8.72 7.27 -15.36
C13 BCL FA . 7.74 8.20 -14.62
C14 BCL FA . 6.59 7.44 -13.96
C15 BCL FA . 7.13 9.26 -15.58
C16 BCL FA . 7.83 10.60 -15.80
C17 BCL FA . 7.09 11.59 -16.70
C18 BCL FA . 7.91 12.82 -17.00
C19 BCL FA . 6.92 13.78 -17.68
C20 BCL FA . 9.11 12.57 -17.93
MG BCL GA . 13.73 -8.89 -26.05
CHA BCL GA . 12.92 -5.91 -24.49
CHB BCL GA . 10.70 -8.79 -27.61
CHC BCL GA . 14.09 -12.14 -26.90
CHD BCL GA . 16.30 -9.33 -23.71
NA BCL GA . 12.03 -7.52 -26.01
C1A BCL GA . 11.95 -6.29 -25.38
C2A BCL GA . 10.74 -5.53 -25.82
C3A BCL GA . 9.98 -6.53 -26.70
C4A BCL GA . 10.93 -7.68 -26.84
CMA BCL GA . 8.65 -6.98 -26.08
CAA BCL GA . 11.06 -4.22 -26.56
CBA BCL GA . 9.82 -3.34 -26.76
CGA BCL GA . 9.88 -2.32 -27.85
O1A BCL GA . 10.66 -2.27 -28.73
O2A BCL GA . 8.92 -1.44 -27.64
NB BCL GA . 12.60 -10.26 -27.13
C1B BCL GA . 11.30 -10.06 -27.58
C2B BCL GA . 10.73 -11.27 -28.00
C3B BCL GA . 11.68 -12.29 -27.79
C4B BCL GA . 12.85 -11.59 -27.27
CMB BCL GA . 9.32 -11.33 -28.57
CAB BCL GA . 11.64 -13.74 -27.99
OBB BCL GA . 12.65 -14.46 -27.87
CBB BCL GA . 10.38 -14.50 -28.34
NC BCL GA . 15.00 -10.50 -25.39
C1C BCL GA . 15.01 -11.75 -25.93
C2C BCL GA . 16.27 -12.49 -25.65
C3C BCL GA . 16.95 -11.61 -24.60
C4C BCL GA . 16.01 -10.45 -24.46
CMC BCL GA . 16.01 -13.91 -25.18
CAC BCL GA . 18.39 -11.19 -24.99
CBC BCL GA . 19.39 -12.32 -24.90
ND BCL GA . 14.48 -7.88 -24.44
C1D BCL GA . 15.52 -8.16 -23.56
C2D BCL GA . 15.65 -7.14 -22.58
C3D BCL GA . 14.65 -6.21 -22.88
C4D BCL GA . 13.98 -6.70 -24.01
CMD BCL GA . 16.66 -7.13 -21.46
CAD BCL GA . 14.15 -4.91 -22.63
OBD BCL GA . 14.52 -4.05 -21.82
CBD BCL GA . 12.96 -4.66 -23.60
CGD BCL GA . 11.75 -4.35 -22.83
O1D BCL GA . 11.29 -5.04 -21.94
O2D BCL GA . 11.17 -3.21 -23.18
CED BCL GA . 9.97 -2.81 -22.47
C1 BCL GA . 8.73 -0.27 -28.49
C2 BCL GA . 8.17 -0.72 -29.82
C3 BCL GA . 6.98 -1.24 -30.01
C4 BCL GA . 5.98 -1.55 -28.91
C5 BCL GA . 6.47 -1.56 -31.41
C6 BCL GA . 7.02 -0.65 -32.50
C7 BCL GA . 6.02 -0.43 -33.64
C8 BCL GA . 5.72 -1.63 -34.54
C9 BCL GA . 6.47 -1.49 -35.87
C10 BCL GA . 4.21 -1.73 -34.81
C11 BCL GA . 3.30 -2.15 -33.68
C12 BCL GA . 1.86 -2.26 -34.18
C13 BCL GA . 0.96 -3.18 -33.33
C14 BCL GA . -0.41 -3.39 -33.96
C15 BCL GA . 0.80 -2.58 -31.92
C16 BCL GA . 0.08 -3.45 -30.89
C17 BCL GA . -1.40 -3.17 -30.59
C18 BCL GA . -1.95 -4.07 -29.50
C19 BCL GA . -3.48 -3.99 -29.65
C20 BCL GA . -1.52 -3.68 -28.08
MG BCL HA . 15.34 13.00 -25.28
CHA BCL HA . 13.25 11.01 -23.37
CHB BCL HA . 17.22 13.53 -22.50
CHC BCL HA . 17.87 14.07 -27.26
CHD BCL HA . 13.64 11.93 -28.13
NA BCL HA . 15.23 12.32 -23.22
C1A BCL HA . 14.25 11.55 -22.62
C2A BCL HA . 14.55 11.30 -21.18
C3A BCL HA . 15.63 12.36 -20.88
C4A BCL HA . 16.11 12.75 -22.24
CMA BCL HA . 15.05 13.56 -20.13
CAA BCL HA . 15.04 9.86 -20.92
CBA BCL HA . 16.20 9.34 -21.78
CGA BCL HA . 16.49 7.90 -21.51
O1A BCL HA . 15.96 7.24 -20.70
O2A BCL HA . 17.45 7.36 -22.27
NB BCL HA . 17.25 13.69 -24.96
C1B BCL HA . 17.86 13.84 -23.71
C2B BCL HA . 19.18 14.33 -23.86
C3B BCL HA . 19.41 14.50 -25.23
C4B BCL HA . 18.17 14.08 -25.89
CMB BCL HA . 20.10 14.60 -22.68
CAB BCL HA . 20.65 15.01 -25.83
OBB BCL HA . 21.47 15.69 -25.20
CBB BCL HA . 21.03 14.74 -27.27
NC BCL HA . 15.69 13.00 -27.39
C1C BCL HA . 16.82 13.48 -27.99
C2C BCL HA . 16.72 13.53 -29.47
C3C BCL HA . 15.50 12.66 -29.74
C4C BCL HA . 14.88 12.50 -28.38
CMC BCL HA . 16.59 14.94 -30.02
CAC BCL HA . 15.84 11.30 -30.43
CBC BCL HA . 16.29 11.47 -31.86
ND BCL HA . 13.85 11.69 -25.72
C1D BCL HA . 13.13 11.46 -26.89
C2D BCL HA . 11.92 10.77 -26.64
C3D BCL HA . 11.90 10.55 -25.27
C4D BCL HA . 13.07 11.11 -24.75
CMD BCL HA . 10.90 10.38 -27.67
CAD BCL HA . 11.24 9.92 -24.19
OBD BCL HA . 10.23 9.19 -24.17
CBD BCL HA . 12.01 10.25 -22.89
CGD BCL HA . 11.17 10.99 -21.94
O1D BCL HA . 11.06 10.75 -20.75
O2D BCL HA . 10.48 11.98 -22.49
CED BCL HA . 9.66 12.79 -21.61
C1 BCL HA . 17.71 5.94 -22.01
C2 BCL HA . 18.88 5.55 -22.89
C3 BCL HA . 18.93 4.67 -23.86
C4 BCL HA . 17.74 3.86 -24.37
C5 BCL HA . 20.26 4.33 -24.55
C6 BCL HA . 20.85 5.37 -25.50
C7 BCL HA . 20.03 5.57 -26.77
C8 BCL HA . 20.70 6.41 -27.86
C9 BCL HA . 19.73 6.68 -29.03
C10 BCL HA . 21.98 5.73 -28.39
C11 BCL HA . 21.92 4.24 -28.66
C12 BCL HA . 22.95 3.78 -29.70
C13 BCL HA . 23.38 2.31 -29.58
C14 BCL HA . 22.20 1.37 -29.34
C15 BCL HA . 24.34 2.20 -28.38
C16 BCL HA . 25.26 1.00 -28.51
C17 BCL HA . 26.36 1.23 -29.55
C18 BCL HA . 26.60 0.02 -30.43
C19 BCL HA . 27.98 0.26 -31.07
C20 BCL HA . 25.53 -0.18 -31.51
MG BCL IA . 27.40 2.78 -7.28
CHA BCL IA . 26.34 5.10 -9.61
CHB BCL IA . 26.47 4.96 -4.83
CHC BCL IA . 29.04 0.88 -5.02
CHD BCL IA . 29.17 1.14 -9.82
NA BCL IA . 26.54 4.78 -7.26
C1A BCL IA . 26.13 5.56 -8.34
C2A BCL IA . 25.46 6.81 -7.88
C3A BCL IA . 25.76 6.84 -6.37
C4A BCL IA . 26.22 5.44 -6.09
CMA BCL IA . 26.85 7.86 -6.03
CAA BCL IA . 23.96 6.85 -8.18
CBA BCL IA . 23.28 8.11 -7.66
CGA BCL IA . 21.89 8.26 -8.17
O1A BCL IA . 21.31 7.47 -8.82
O2A BCL IA . 21.35 9.40 -7.88
NB BCL IA . 27.77 2.92 -5.25
C1B BCL IA . 27.16 3.82 -4.38
C2B BCL IA . 27.33 3.42 -3.05
C3B BCL IA . 28.09 2.23 -3.06
C4B BCL IA . 28.34 1.96 -4.47
CMB BCL IA . 26.73 4.20 -1.89
CAB BCL IA . 28.59 1.38 -1.98
OBB BCL IA . 29.51 0.56 -2.16
CBB BCL IA . 28.02 1.39 -0.58
NC BCL IA . 28.88 1.24 -7.41
C1C BCL IA . 29.43 0.59 -6.34
C2C BCL IA . 30.23 -0.60 -6.71
C3C BCL IA . 30.37 -0.45 -8.23
C4C BCL IA . 29.46 0.72 -8.55
CMC BCL IA . 31.57 -0.67 -5.99
CAC BCL IA . 30.03 -1.75 -9.00
CBC BCL IA . 28.57 -2.14 -8.99
ND BCL IA . 27.76 3.05 -9.27
C1D BCL IA . 28.41 2.27 -10.23
C2D BCL IA . 28.19 2.77 -11.54
C3D BCL IA . 27.38 3.88 -11.37
C4D BCL IA . 27.15 4.03 -10.00
CMD BCL IA . 28.76 2.17 -12.79
CAD BCL IA . 26.54 4.82 -12.02
OBD BCL IA . 26.30 4.99 -13.23
CBD BCL IA . 25.89 5.72 -10.95
CGD BCL IA . 26.24 7.12 -11.18
O1D BCL IA . 27.36 7.59 -11.15
O2D BCL IA . 25.20 7.89 -11.44
CED BCL IA . 25.43 9.30 -11.69
C1 BCL IA . 20.02 9.63 -8.43
C2 BCL IA . 19.63 10.99 -7.94
C3 BCL IA . 18.81 11.85 -8.49
C4 BCL IA . 18.13 11.65 -9.84
C5 BCL IA . 18.43 13.14 -7.77
C6 BCL IA . 17.30 12.98 -6.76
C7 BCL IA . 17.81 12.52 -5.40
C8 BCL IA . 16.81 12.36 -4.26
C9 BCL IA . 17.53 11.85 -2.99
C10 BCL IA . 15.70 11.36 -4.65
C11 BCL IA . 14.36 11.85 -5.17
C12 BCL IA . 13.49 12.43 -4.07
C13 BCL IA . 12.03 12.69 -4.51
C14 BCL IA . 11.45 11.51 -5.28
C15 BCL IA . 11.98 13.92 -5.42
C16 BCL IA . 12.67 15.16 -4.88
C17 BCL IA . 12.15 16.48 -5.46
C18 BCL IA . 13.14 17.64 -5.37
C19 BCL IA . 13.76 17.61 -3.97
C20 BCL IA . 12.50 19.00 -5.64
MG BCL JA . 25.77 0.58 -16.05
CHA BCL JA . 23.82 2.80 -14.25
CHB BCL JA . 23.97 1.43 -18.83
CHC BCL JA . 27.08 -2.07 -17.68
CHD BCL JA . 26.80 -0.86 -13.04
NA BCL JA . 24.10 1.93 -16.44
C1A BCL JA . 23.50 2.83 -15.59
C2A BCL JA . 22.79 3.91 -16.33
C3A BCL JA . 22.64 3.31 -17.74
C4A BCL JA . 23.60 2.16 -17.72
CMA BCL JA . 21.22 2.83 -18.02
CAA BCL JA . 23.55 5.24 -16.33
CBA BCL JA . 22.67 6.50 -16.44
CGA BCL JA . 22.28 6.97 -17.80
O1A BCL JA . 22.63 6.53 -18.83
O2A BCL JA . 21.38 7.93 -17.68
NB BCL JA . 25.59 -0.19 -17.96
C1B BCL JA . 24.71 0.24 -18.95
C2B BCL JA . 24.67 -0.66 -20.03
C3B BCL JA . 25.58 -1.70 -19.72
C4B BCL JA . 26.13 -1.36 -18.42
CMB BCL JA . 23.78 -0.44 -21.23
CAB BCL JA . 25.97 -2.92 -20.46
OBB BCL JA . 26.92 -3.65 -20.09
CBB BCL JA . 25.26 -3.41 -21.69
NC BCL JA . 26.77 -1.21 -15.44
C1C BCL JA . 27.30 -2.13 -16.29
C2C BCL JA . 28.35 -2.96 -15.67
C3C BCL JA . 28.23 -2.61 -14.19
C4C BCL JA . 27.15 -1.57 -14.17
CMC BCL JA . 28.17 -4.44 -15.96
CAC BCL JA . 29.56 -2.14 -13.54
CBC BCL JA . 30.53 -3.28 -13.28
ND BCL JA . 25.41 0.86 -14.07
C1D BCL JA . 25.88 0.21 -12.92
C2D BCL JA . 25.32 0.77 -11.75
C3D BCL JA . 24.50 1.80 -12.20
C4D BCL JA . 24.58 1.83 -13.59
CMD BCL JA . 25.60 0.30 -10.35
CAD BCL JA . 23.75 2.95 -11.82
OBD BCL JA . 23.48 3.41 -10.69
CBD BCL JA . 23.24 3.64 -13.11
CGD BCL JA . 21.78 3.79 -13.08
O1D BCL JA . 20.99 2.87 -13.01
O2D BCL JA . 21.36 5.05 -13.14
CED BCL JA . 19.94 5.28 -13.19
C1 BCL JA . 20.68 8.45 -18.85
C2 BCL JA . 21.62 9.42 -19.54
C3 BCL JA . 21.38 9.82 -20.76
C4 BCL JA . 20.17 9.36 -21.59
C5 BCL JA . 22.23 10.86 -21.47
C6 BCL JA . 23.17 10.32 -22.54
C7 BCL JA . 23.44 11.31 -23.67
C8 BCL JA . 22.67 11.04 -24.97
C9 BCL JA . 23.14 12.00 -26.08
C10 BCL JA . 21.15 11.15 -24.78
C11 BCL JA . 20.36 10.40 -25.84
C12 BCL JA . 18.86 10.35 -25.56
C13 BCL JA . 18.12 9.38 -26.50
C14 BCL JA . 18.11 9.86 -27.95
C15 BCL JA . 16.66 9.27 -26.02
C16 BCL JA . 16.00 7.92 -26.30
C17 BCL JA . 14.49 7.93 -26.02
C18 BCL JA . 13.88 6.54 -26.05
C19 BCL JA . 12.45 6.78 -26.55
C20 BCL JA . 13.88 5.81 -24.69
C1 IRM KA . 11.18 27.07 -14.06
C10 IRM KA . 15.71 18.14 -13.50
C11 IRM KA . 16.63 17.04 -13.41
C12 IRM KA . 16.62 15.99 -14.24
C13 IRM KA . 17.49 14.83 -14.20
C14 IRM KA . 17.29 13.82 -15.08
C15 IRM KA . 17.93 12.54 -15.10
C16 IRM KA . 17.59 11.59 -15.99
C17 IRM KA . 18.07 10.25 -16.00
C18 IRM KA . 17.67 9.23 -16.81
C19 IRM KA . 18.07 7.87 -16.51
C2 IRM KA . 10.78 25.72 -13.47
C20 IRM KA . 17.56 6.77 -17.06
C21 IRM KA . 17.94 5.44 -16.73
C22 IRM KA . 17.37 4.29 -17.15
C23 IRM KA . 17.95 3.02 -16.76
C24 IRM KA . 17.51 1.79 -17.07
C25 IRM KA . 18.15 0.61 -16.62
C26 IRM KA . 17.75 -0.65 -16.86
C27 IRM KA . 18.56 -1.82 -16.38
C28 IRM KA . 17.75 -2.79 -15.50
C29 IRM KA . 18.61 -3.94 -15.05
C3 IRM KA . 11.85 24.63 -13.44
C30 IRM KA . 11.77 26.92 -15.46
C31 IRM KA . 10.00 28.02 -14.09
C33 IRM KA . 15.03 24.06 -11.24
C34 IRM KA . 16.59 19.41 -11.52
C35 IRM KA . 18.56 14.80 -13.14
C36 IRM KA . 16.74 9.46 -17.96
C37 IRM KA . 16.12 4.26 -18.01
C38 IRM KA . 16.47 -0.98 -17.57
C39 IRM KA . 18.71 -4.43 -13.82
C4 IRM KA . 13.02 24.94 -12.49
C40 IRM KA . 19.64 -5.56 -13.49
C41 IRM KA . 17.94 -3.87 -12.67
C5 IRM KA . 13.92 23.77 -12.22
C6 IRM KA . 13.77 22.56 -12.76
C7 IRM KA . 14.70 21.51 -12.43
C8 IRM KA . 14.73 20.31 -13.00
C9 IRM KA . 15.68 19.24 -12.70
O32 IRM KA . 12.18 27.68 -13.23
MG BCL LA . 22.83 20.40 -7.32
CHA BCL LA . 20.36 18.00 -7.72
CHB BCL LA . 22.82 19.70 -3.99
CHC BCL LA . 25.78 22.02 -7.03
CHD BCL LA . 23.18 20.51 -10.78
NA BCL LA . 21.74 19.00 -6.05
C1A BCL LA . 20.72 18.15 -6.41
C2A BCL LA . 20.15 17.45 -5.23
C3A BCL LA . 20.78 18.19 -4.05
C4A BCL LA . 21.89 18.97 -4.68
CMA BCL LA . 19.77 19.13 -3.36
CAA BCL LA . 20.48 15.94 -5.23
CBA BCL LA . 21.94 15.57 -5.51
CGA BCL LA . 22.19 14.10 -5.56
O1A BCL LA . 21.38 13.27 -5.32
O2A BCL LA . 23.43 13.76 -5.82
NB BCL LA . 24.13 20.79 -5.77
C1B BCL LA . 23.93 20.45 -4.43
C2B BCL LA . 24.96 20.95 -3.63
C3B BCL LA . 25.86 21.63 -4.46
C4B BCL LA . 25.29 21.51 -5.81
CMB BCL LA . 25.02 20.73 -2.12
CAB BCL LA . 27.09 22.31 -4.02
OBB BCL LA . 27.31 22.62 -2.84
CBB BCL LA . 28.20 22.68 -4.98
NC BCL LA . 24.26 21.15 -8.71
C1C BCL LA . 25.42 21.80 -8.36
C2C BCL LA . 26.11 22.44 -9.51
C3C BCL LA . 25.32 21.90 -10.72
C4C BCL LA . 24.21 21.09 -10.08
CMC BCL LA . 26.13 23.95 -9.43
CAC BCL LA . 26.20 21.07 -11.69
CBC BCL LA . 27.30 21.89 -12.33
ND BCL LA . 22.03 19.44 -8.92
C1D BCL LA . 22.17 19.64 -10.30
C2D BCL LA . 21.20 18.91 -11.03
C3D BCL LA . 20.44 18.24 -10.06
C4D BCL LA . 20.98 18.58 -8.82
CMD BCL LA . 21.04 18.91 -12.52
CAD BCL LA . 19.28 17.46 -9.80
OBD BCL LA . 18.54 16.81 -10.55
CBD BCL LA . 19.02 17.54 -8.27
CGD BCL LA . 17.89 18.44 -7.99
O1D BCL LA . 17.74 19.55 -8.47
O2D BCL LA . 17.00 17.97 -7.12
CED BCL LA . 16.83 16.53 -6.99
C1 BCL LA . 23.73 12.33 -5.79
C2 BCL LA . 25.12 12.19 -6.37
C3 BCL LA . 25.44 11.99 -7.62
C4 BCL LA . 24.46 11.79 -8.76
C5 BCL LA . 26.90 11.99 -8.06
C6 BCL LA . 27.86 12.78 -7.18
C7 BCL LA . 29.15 13.12 -7.94
C8 BCL LA . 30.32 13.55 -7.05
C9 BCL LA . 29.89 14.71 -6.12
C10 BCL LA . 31.52 13.97 -7.91
C11 BCL LA . 32.05 12.96 -8.91
C12 BCL LA . 32.31 11.56 -8.31
C13 BCL LA . 33.26 10.70 -9.17
C14 BCL LA . 33.05 9.21 -8.98
C15 BCL LA . 34.71 11.08 -8.76
C16 BCL LA . 35.86 10.29 -9.38
C17 BCL LA . 37.25 10.89 -9.17
C18 BCL LA . 38.37 10.01 -9.68
C19 BCL LA . 38.50 8.88 -8.64
C20 BCL LA . 39.72 10.72 -9.85
MG BCL MA . 25.50 3.80 9.70
CHA BCL MA . 25.43 6.83 8.05
CHB BCL MA . 23.06 4.97 11.78
CHC BCL MA . 25.95 1.13 11.70
CHD BCL MA . 28.65 3.18 8.28
NA BCL MA . 24.41 5.68 9.87
C1A BCL MA . 24.50 6.80 9.06
C2A BCL MA . 23.51 7.85 9.47
C3A BCL MA . 22.97 7.32 10.80
C4A BCL MA . 23.42 5.89 10.81
CMA BCL MA . 23.52 8.07 12.01
CAA BCL MA . 22.41 8.09 8.43
CBA BCL MA . 21.54 9.30 8.77
CGA BCL MA . 20.37 9.46 7.87
O1A BCL MA . 20.03 8.72 7.04
O2A BCL MA . 19.73 10.55 8.10
NB BCL MA . 24.69 3.17 11.50
C1B BCL MA . 23.57 3.71 12.11
C2B BCL MA . 23.06 2.84 13.08
C3B BCL MA . 23.88 1.70 13.12
C4B BCL MA . 24.89 1.95 12.09
CMB BCL MA . 21.81 3.17 13.89
CAB BCL MA . 23.86 0.47 13.92
OBB BCL MA . 24.84 -0.30 13.99
CBB BCL MA . 22.65 0.03 14.71
NC BCL MA . 27.06 2.35 9.93
C1C BCL MA . 27.06 1.36 10.87
C2C BCL MA . 28.19 0.41 10.73
C3C BCL MA . 29.01 1.03 9.59
C4C BCL MA . 28.28 2.31 9.28
CMC BCL MA . 28.96 0.21 12.02
CAC BCL MA . 29.19 0.10 8.36
CBC BCL MA . 27.91 -0.13 7.58
ND BCL MA . 26.81 4.78 8.49
C1D BCL MA . 28.02 4.39 7.90
C2D BCL MA . 28.45 5.34 6.93
C3D BCL MA . 27.46 6.33 6.94
C4D BCL MA . 26.51 5.96 7.88
CMD BCL MA . 29.71 5.24 6.11
CAD BCL MA . 26.97 7.47 6.27
OBD BCL MA . 27.43 8.12 5.31
CBD BCL MA . 25.66 7.90 6.97
CGD BCL MA . 25.74 9.31 7.42
O1D BCL MA . 26.41 9.71 8.34
O2D BCL MA . 24.99 10.12 6.70
CED BCL MA . 24.94 11.51 7.12
C1 BCL MA . 18.57 10.80 7.25
C2 BCL MA . 17.90 12.02 7.84
C3 BCL MA . 17.30 12.97 7.18
C4 BCL MA . 17.20 13.02 5.66
C5 BCL MA . 16.55 14.09 7.91
C6 BCL MA . 15.07 13.82 8.19
C7 BCL MA . 14.87 12.63 9.14
C8 BCL MA . 13.48 12.04 9.22
C9 BCL MA . 13.36 11.09 10.43
C10 BCL MA . 13.19 11.26 7.93
C11 BCL MA . 11.71 11.20 7.60
C12 BCL MA . 11.21 12.50 6.99
C13 BCL MA . 9.72 12.44 6.62
C14 BCL MA . 9.48 11.61 5.38
C15 BCL MA . 9.27 13.88 6.37
C16 BCL MA . 9.03 14.63 7.64
C17 BCL MA . 8.58 16.10 7.57
C18 BCL MA . 9.65 17.14 7.36
C19 BCL MA . 9.28 18.30 8.29
C20 BCL MA . 9.73 17.63 5.90
MG BCL NA . 29.13 5.11 1.38
CHA BCL NA . 26.14 6.53 2.35
CHB BCL NA . 28.96 6.93 -1.49
CHC BCL NA . 31.58 3.21 0.05
CHD BCL NA . 28.68 2.64 3.82
NA BCL NA . 27.69 6.53 0.55
C1A BCL NA . 26.59 7.07 1.17
C2A BCL NA . 25.99 8.19 0.37
C3A BCL NA . 26.83 8.20 -0.91
C4A BCL NA . 27.93 7.22 -0.63
CMA BCL NA . 26.01 7.78 -2.13
CAA BCL NA . 26.02 9.55 1.09
CBA BCL NA . 25.16 10.59 0.39
CGA BCL NA . 25.42 12.00 0.77
O1A BCL NA . 26.40 12.39 1.27
O2A BCL NA . 24.45 12.77 0.36
NB BCL NA . 30.17 5.10 -0.42
C1B BCL NA . 29.81 5.83 -1.54
C2B BCL NA . 30.41 5.30 -2.70
C3B BCL NA . 31.19 4.19 -2.29
C4B BCL NA . 31.02 4.13 -0.85
CMB BCL NA . 30.19 5.90 -4.08
CAB BCL NA . 32.00 3.21 -3.05
OBB BCL NA . 32.77 2.42 -2.48
CBB BCL NA . 31.96 3.10 -4.55
NC BCL NA . 30.00 3.20 1.86
C1C BCL NA . 31.04 2.63 1.19
C2C BCL NA . 31.70 1.53 1.96
C3C BCL NA . 30.77 1.36 3.17
C4C BCL NA . 29.69 2.38 2.92
CMC BCL NA . 31.85 0.26 1.14
CAC BCL NA . 31.51 1.53 4.53
CBC BCL NA . 32.38 0.36 4.87
ND BCL NA . 27.74 4.64 2.79
C1D BCL NA . 27.65 3.61 3.72
C2D BCL NA . 26.45 3.71 4.47
C3D BCL NA . 25.81 4.84 3.99
C4D BCL NA . 26.60 5.37 2.99
CMD BCL NA . 26.03 2.74 5.55
CAD BCL NA . 24.76 5.77 4.22
OBD BCL NA . 23.85 5.79 5.08
CBD BCL NA . 24.88 6.91 3.16
CGD BCL NA . 23.62 7.02 2.40
O1D BCL NA . 23.08 6.11 1.81
O2D BCL NA . 23.11 8.24 2.42
CED BCL NA . 21.89 8.46 1.67
C1 BCL NA . 24.57 14.21 0.49
C2 BCL NA . 24.93 14.75 -0.88
C3 BCL NA . 26.09 15.17 -1.31
C4 BCL NA . 27.39 15.16 -0.51
C5 BCL NA . 26.20 15.76 -2.72
C6 BCL NA . 26.27 17.29 -2.80
C7 BCL NA . 27.69 17.84 -2.71
C8 BCL NA . 28.47 17.70 -4.01
C9 BCL NA . 29.98 17.76 -3.73
C10 BCL NA . 28.07 18.83 -4.97
C11 BCL NA . 27.82 18.46 -6.42
C12 BCL NA . 26.44 17.84 -6.63
C13 BCL NA . 26.28 17.27 -8.05
C14 BCL NA . 26.80 18.21 -9.13
C15 BCL NA . 24.80 16.98 -8.34
C16 BCL NA . 24.56 15.91 -9.36
C17 BCL NA . 23.29 16.12 -10.19
C18 BCL NA . 22.77 14.85 -10.82
C19 BCL NA . 21.98 15.30 -12.06
C20 BCL NA . 21.88 14.01 -9.88
C1 IRM OA . 11.04 29.76 3.74
C10 IRM OA . 16.35 20.45 3.71
C11 IRM OA . 17.33 19.44 3.90
C12 IRM OA . 17.83 18.74 2.88
C13 IRM OA . 18.82 17.67 2.95
C14 IRM OA . 19.18 17.05 1.81
C15 IRM OA . 20.02 15.91 1.66
C16 IRM OA . 20.27 15.38 0.45
C17 IRM OA . 20.97 14.17 0.22
C18 IRM OA . 21.15 13.55 -0.97
C19 IRM OA . 21.62 12.18 -1.00
C2 IRM OA . 10.89 28.24 3.75
C20 IRM OA . 21.58 11.37 -2.06
C21 IRM OA . 22.02 10.01 -2.05
C22 IRM OA . 21.90 9.10 -3.03
C23 IRM OA . 22.48 7.78 -2.84
C24 IRM OA . 22.44 6.76 -3.70
C25 IRM OA . 23.04 5.50 -3.40
C26 IRM OA . 22.99 4.43 -4.21
C27 IRM OA . 23.71 3.16 -3.84
C28 IRM OA . 22.73 1.98 -3.69
C29 IRM OA . 23.45 0.73 -3.28
C3 IRM OA . 12.03 27.46 4.41
C30 IRM OA . 12.38 30.18 3.16
C31 IRM OA . 9.90 30.41 2.97
C33 IRM OA . 13.24 25.56 6.53
C34 IRM OA . 16.11 21.14 6.11
C35 IRM OA . 19.34 17.28 4.30
C36 IRM OA . 20.78 14.20 -2.27
C37 IRM OA . 21.18 9.38 -4.32
C38 IRM OA . 22.20 4.39 -5.48
C39 IRM OA . 23.00 -0.24 -2.52
C4 IRM OA . 11.66 25.99 4.58
C40 IRM OA . 23.84 -1.43 -2.13
C41 IRM OA . 21.61 -0.26 -1.95
C5 IRM OA . 12.78 25.15 5.16
C6 IRM OA . 13.30 24.12 4.49
C7 IRM OA . 14.28 23.21 4.99
C8 IRM OA . 14.82 22.25 4.24
C9 IRM OA . 15.78 21.25 4.66
O32 IRM OA . 10.97 30.23 5.10
MG BCL PA . 14.92 -1.58 22.03
CHA BCL PA . 15.15 1.85 21.73
CHB BCL PA . 11.57 -1.22 22.59
CHC BCL PA . 14.76 -4.82 22.97
CHD BCL PA . 18.40 -1.70 22.48
NA BCL PA . 13.56 0.12 22.16
C1A BCL PA . 13.85 1.46 21.94
C2A BCL PA . 12.64 2.33 22.17
C3A BCL PA . 11.57 1.32 22.62
C4A BCL PA . 12.20 -0.01 22.36
CMA BCL PA . 11.21 1.48 24.11
CAA BCL PA . 12.22 3.09 20.90
CBA BCL PA . 11.17 4.18 21.10
CGA BCL PA . 10.64 4.68 19.80
O1A BCL PA . 10.92 4.24 18.77
O2A BCL PA . 9.79 5.68 19.87
NB BCL PA . 13.42 -2.82 22.73
C1B BCL PA . 12.07 -2.52 22.75
C2B BCL PA . 11.31 -3.68 22.96
C3B BCL PA . 12.19 -4.76 23.09
C4B BCL PA . 13.52 -4.17 22.95
CMB BCL PA . 9.78 -3.64 23.03
CAB BCL PA . 11.99 -6.20 23.32
OBB BCL PA . 12.92 -6.96 23.65
CBB BCL PA . 10.65 -6.88 23.14
NC BCL PA . 16.37 -3.04 22.63
C1C BCL PA . 16.08 -4.33 22.98
C2C BCL PA . 17.28 -5.20 23.06
C3C BCL PA . 18.43 -4.20 22.91
C4C BCL PA . 17.73 -2.88 22.75
CMC BCL PA . 17.34 -6.04 24.33
CAC BCL PA . 19.42 -4.56 21.77
CBC BCL PA . 18.84 -4.41 20.38
ND BCL PA . 16.46 -0.26 22.16
C1D BCL PA . 17.84 -0.42 22.22
C2D BCL PA . 18.52 0.80 22.02
C3D BCL PA . 17.53 1.75 21.81
C4D BCL PA . 16.31 1.09 21.90
CMD BCL PA . 20.03 0.99 22.03
CAD BCL PA . 17.24 3.06 21.38
OBD BCL PA . 17.99 3.99 21.04
CBD BCL PA . 15.69 3.24 21.36
CGD BCL PA . 15.32 4.36 22.23
O1D BCL PA . 15.55 4.44 23.43
O2D BCL PA . 14.68 5.33 21.60
CED BCL PA . 14.29 6.51 22.36
C1 BCL PA . 9.36 6.10 18.55
C2 BCL PA . 8.33 7.15 18.71
C3 BCL PA . 7.85 8.24 18.19
C4 BCL PA . 8.62 9.05 17.16
C5 BCL PA . 6.50 8.88 18.54
C6 BCL PA . 5.42 8.14 19.34
C7 BCL PA . 5.02 6.75 18.84
C8 BCL PA . 3.76 6.60 18.00
C9 BCL PA . 3.34 5.11 17.90
C10 BCL PA . 3.99 7.22 16.61
C11 BCL PA . 3.10 6.67 15.52
C12 BCL PA . 3.08 7.50 14.23
C13 BCL PA . 1.77 8.25 13.94
C14 BCL PA . 1.77 8.91 12.56
C15 BCL PA . 1.52 9.34 15.00
C16 BCL PA . 0.15 9.98 14.88
C17 BCL PA . -0.25 11.04 15.93
C18 BCL PA . -0.23 12.48 15.46
C19 BCL PA . 1.22 12.90 15.18
C20 BCL PA . -0.88 13.46 16.45
MG BCL QA . 18.68 20.40 13.17
CHA BCL QA . 17.23 18.40 10.76
CHB BCL QA . 17.09 18.53 15.53
CHC BCL QA . 20.67 21.78 15.54
CHD BCL QA . 20.79 21.73 10.72
NA BCL QA . 17.36 18.68 13.11
C1A BCL QA . 16.82 18.04 12.01
C2A BCL QA . 15.80 17.02 12.38
C3A BCL QA . 15.61 17.27 13.89
C4A BCL QA . 16.77 18.14 14.24
CMA BCL QA . 14.28 17.95 14.19
CAA BCL QA . 16.27 15.61 12.06
CBA BCL QA . 17.66 15.24 12.56
CGA BCL QA . 18.12 13.88 12.13
O1A BCL QA . 17.46 13.12 11.52
O2A BCL QA . 19.33 13.57 12.51
NB BCL QA . 18.87 20.20 15.21
C1B BCL QA . 18.11 19.35 16.02
C2B BCL QA . 18.54 19.45 17.35
C3B BCL QA . 19.59 20.38 17.42
C4B BCL QA . 19.77 20.82 16.03
CMB BCL QA . 17.89 18.65 18.48
CAB BCL QA . 20.32 20.78 18.63
OBB BCL QA . 19.87 20.60 19.77
CBB BCL QA . 21.68 21.43 18.58
NC BCL QA . 20.48 21.54 13.13
C1C BCL QA . 21.07 22.09 14.23
C2C BCL QA . 21.87 23.29 13.88
C3C BCL QA . 22.25 22.97 12.44
C4C BCL QA . 21.14 22.05 12.03
CMC BCL QA . 21.10 24.60 14.03
CAC BCL QA . 23.69 22.41 12.39
CBC BCL QA . 24.14 21.90 11.03
ND BCL QA . 19.04 20.09 11.19
C1D BCL QA . 19.80 20.80 10.26
C2D BCL QA . 19.45 20.48 8.94
C3D BCL QA . 18.44 19.52 9.05
C4D BCL QA . 18.22 19.33 10.41
CMD BCL QA . 20.06 21.06 7.70
CAD BCL QA . 17.60 18.61 8.36
OBD BCL QA . 17.52 18.34 7.15
CBD BCL QA . 16.71 17.90 9.40
CGD BCL QA . 15.29 18.15 9.16
O1D BCL QA . 14.73 19.21 9.27
O2D BCL QA . 14.62 17.06 8.79
CED BCL QA . 13.19 17.20 8.63
C1 BCL QA . 19.78 12.23 12.15
C2 BCL QA . 21.22 12.14 12.62
C3 BCL QA . 22.28 12.36 11.89
C4 BCL QA . 22.29 12.76 10.43
C5 BCL QA . 23.67 12.20 12.52
C6 BCL QA . 24.29 13.44 13.16
C7 BCL QA . 25.80 13.32 13.28
C8 BCL QA . 26.55 14.45 13.99
C9 BCL QA . 25.92 15.82 13.66
C10 BCL QA . 28.03 14.43 13.55
C11 BCL QA . 28.71 13.11 13.81
C12 BCL QA . 30.16 13.10 13.35
C13 BCL QA . 30.93 11.84 13.76
C14 BCL QA . 30.19 10.56 13.42
C15 BCL QA . 31.10 11.93 15.29
C16 BCL QA . 32.32 11.26 15.89
C17 BCL QA . 33.57 12.12 15.65
C18 BCL QA . 34.86 11.53 16.21
C19 BCL QA . 34.69 11.62 17.74
C20 BCL QA . 36.12 12.28 15.78
MG BCL RA . 21.97 2.63 18.04
CHA BCL RA . 18.68 3.65 17.62
CHB BCL RA . 22.96 5.46 16.41
CHC BCL RA . 25.05 1.29 17.62
CHD BCL RA . 20.80 -0.57 18.85
NA BCL RA . 20.92 4.31 17.12
C1A BCL RA . 19.57 4.60 17.16
C2A BCL RA . 19.27 5.96 16.58
C3A BCL RA . 20.64 6.44 16.08
C4A BCL RA . 21.59 5.41 16.59
CMA BCL RA . 20.67 6.55 14.56
CAA BCL RA . 18.63 6.95 17.59
CBA BCL RA . 18.16 8.23 16.89
CGA BCL RA . 17.91 9.35 17.83
O1A BCL RA . 18.05 9.30 19.00
O2A BCL RA . 17.52 10.45 17.24
NB BCL RA . 23.75 3.27 17.19
C1B BCL RA . 23.92 4.44 16.44
C2B BCL RA . 25.15 4.43 15.77
C3B BCL RA . 25.79 3.21 16.08
C4B BCL RA . 24.88 2.53 17.00
CMB BCL RA . 25.61 5.59 14.90
CAB BCL RA . 27.06 2.61 15.64
OBB BCL RA . 27.58 1.64 16.22
CBB BCL RA . 27.83 3.12 14.44
NC BCL RA . 22.79 0.65 18.21
C1C BCL RA . 24.11 0.34 18.05
C2C BCL RA . 24.49 -0.95 18.68
C3C BCL RA . 23.13 -1.54 19.07
C4C BCL RA . 22.15 -0.49 18.60
CMC BCL RA . 25.31 -1.83 17.78
CAC BCL RA . 23.00 -1.89 20.57
CBC BCL RA . 23.78 -3.13 20.95
ND BCL RA . 20.16 1.71 18.22
C1D BCL RA . 19.80 0.39 18.52
C2D BCL RA . 18.40 0.21 18.45
C3D BCL RA . 17.89 1.47 18.11
C4D BCL RA . 18.97 2.34 17.97
CMD BCL RA . 17.68 -1.08 18.71
CAD BCL RA . 16.72 2.27 18.05
OBD BCL RA . 15.53 1.99 18.25
CBD BCL RA . 17.14 3.72 17.68
CGD BCL RA . 16.45 4.16 16.47
O1D BCL RA . 16.45 3.57 15.40
O2D BCL RA . 15.79 5.30 16.61
CED BCL RA . 15.15 5.85 15.44
C1 BCL RA . 17.29 11.55 18.18
C2 BCL RA . 18.32 12.60 17.87
C3 BCL RA . 19.56 12.83 18.19
C4 BCL RA . 20.48 11.86 18.90
C5 BCL RA . 20.20 14.17 17.84
C6 BCL RA . 20.63 14.98 19.06
C7 BCL RA . 20.84 16.46 18.78
C8 BCL RA . 21.88 16.78 17.71
C9 BCL RA . 22.85 17.87 18.22
C10 BCL RA . 21.20 17.27 16.43
C11 BCL RA . 22.20 17.11 15.32
C12 BCL RA . 21.63 17.50 13.97
C13 BCL RA . 22.78 17.67 12.98
C14 BCL RA . 23.68 18.85 13.30
C15 BCL RA . 22.18 17.88 11.59
C16 BCL RA . 21.74 16.65 10.86
C17 BCL RA . 21.37 17.24 9.52
C18 BCL RA . 21.29 16.24 8.42
C19 BCL RA . 21.29 17.14 7.18
C20 BCL RA . 20.08 15.30 8.48
C1 IRM SA . 1.72 25.06 18.44
C10 IRM SA . 7.28 16.47 18.03
C11 IRM SA . 8.19 15.45 18.41
C12 IRM SA . 9.23 15.10 17.65
C13 IRM SA . 10.20 14.05 17.89
C14 IRM SA . 11.21 13.89 17.00
C15 IRM SA . 12.22 12.89 16.99
C16 IRM SA . 13.13 12.83 16.00
C17 IRM SA . 14.11 11.83 15.81
C18 IRM SA . 14.95 11.70 14.75
C19 IRM SA . 15.66 10.45 14.54
C2 IRM SA . 2.25 23.63 18.50
C20 IRM SA . 16.29 10.10 13.41
C21 IRM SA . 16.95 8.86 13.21
C22 IRM SA . 17.50 8.40 12.06
C23 IRM SA . 18.17 7.12 12.05
C24 IRM SA . 18.68 6.48 10.99
C25 IRM SA . 19.34 5.23 11.09
C26 IRM SA . 19.80 4.53 10.04
C27 IRM SA . 20.58 3.26 10.24
C28 IRM SA . 19.80 2.01 9.77
C29 IRM SA . 20.52 0.76 10.16
C3 IRM SA . 1.23 22.54 18.20
C30 IRM SA . 2.78 26.06 18.90
C31 IRM SA . 1.25 25.41 17.03
C33 IRM SA . 2.33 20.54 19.97
C34 IRM SA . 5.85 16.43 20.10
C35 IRM SA . 10.06 13.21 19.13
C36 IRM SA . 15.08 12.76 13.71
C37 IRM SA . 17.36 9.13 10.74
C38 IRM SA . 19.58 4.94 8.61
C39 IRM SA . 20.19 -0.49 9.86
C4 IRM SA . 1.84 21.28 17.58
C40 IRM SA . 20.97 -1.68 10.32
C41 IRM SA . 18.98 -0.81 9.02
C5 IRM SA . 2.68 20.45 18.52
C6 IRM SA . 3.67 19.68 18.05
C7 IRM SA . 4.44 18.71 18.75
C8 IRM SA . 5.43 18.02 18.16
C9 IRM SA . 6.23 16.95 18.74
O32 IRM SA . 0.60 25.17 19.32
MG BCL TA . 0.67 -10.83 24.04
CHA BCL TA . 0.45 -7.56 25.10
CHB BCL TA . -2.49 -10.56 22.80
CHC BCL TA . 0.61 -14.18 23.54
CHD BCL TA . 3.38 -11.29 26.22
NA BCL TA . -0.81 -9.24 23.97
C1A BCL TA . -0.70 -7.95 24.47
C2A BCL TA . -1.95 -7.16 24.21
C3A BCL TA . -2.95 -8.23 23.73
C4A BCL TA . -2.06 -9.39 23.39
CMA BCL TA . -3.97 -8.59 24.79
CAA BCL TA . -1.76 -6.04 23.19
CBA BCL TA . -2.97 -5.12 23.07
CGA BCL TA . -2.87 -4.16 21.94
O1A BCL TA . -1.98 -4.09 21.18
O2A BCL TA . -3.91 -3.39 21.83
NB BCL TA . -0.74 -12.18 23.35
C1B BCL TA . -1.94 -11.84 22.73
C2B BCL TA . -2.49 -12.95 22.06
C3B BCL TA . -1.61 -14.04 22.27
C4B BCL TA . -0.53 -13.50 23.08
CMB BCL TA . -3.77 -12.86 21.26
CAB BCL TA . -1.66 -15.44 21.83
OBB BCL TA . -0.96 -16.33 22.34
CBB BCL TA . -2.56 -15.93 20.71
NC BCL TA . 1.82 -12.48 24.79
C1C BCL TA . 1.64 -13.78 24.41
C2C BCL TA . 2.76 -14.67 24.82
C3C BCL TA . 3.53 -13.79 25.81
C4C BCL TA . 2.91 -12.44 25.63
CMC BCL TA . 2.30 -15.99 25.40
CAC BCL TA . 5.07 -13.84 25.61
CBC BCL TA . 5.55 -13.12 24.36
ND BCL TA . 1.67 -9.73 25.43
C1D BCL TA . 2.84 -9.97 26.16
C2D BCL TA . 3.33 -8.79 26.75
C3D BCL TA . 2.45 -7.79 26.38
C4D BCL TA . 1.46 -8.39 25.59
CMD BCL TA . 4.58 -8.68 27.61
CAD BCL TA . 2.19 -6.39 26.35
OBD BCL TA . 2.82 -5.44 26.85
CBD BCL TA . 0.88 -6.15 25.54
CGD BCL TA . -0.08 -5.37 26.34
O1D BCL TA . -0.58 -5.74 27.39
O2D BCL TA . -0.35 -4.19 25.82
CED BCL TA . -1.35 -3.38 26.49
C1 BCL TA . -3.89 -2.47 20.70
C2 BCL TA . -5.23 -1.78 20.73
C3 BCL TA . -5.42 -0.49 20.74
C4 BCL TA . -4.31 0.55 20.78
C5 BCL TA . -6.83 0.10 20.65
C6 BCL TA . -7.72 -0.52 19.59
C7 BCL TA . -7.07 -0.55 18.20
C8 BCL TA . -7.96 -1.05 17.07
C9 BCL TA . -8.38 -2.51 17.30
C10 BCL TA . -7.21 -0.91 15.75
C11 BCL TA . -7.78 -0.07 14.63
C12 BCL TA . -7.90 1.41 14.95
C13 BCL TA . -8.15 2.24 13.68
C14 BCL TA . -6.93 2.29 12.76
C15 BCL TA . -8.49 3.64 14.20
C16 BCL TA . -9.95 3.90 14.45
C17 BCL TA . -10.40 3.99 15.91
C18 BCL TA . -11.76 4.62 16.04
C19 BCL TA . -11.40 6.10 15.88
C20 BCL TA . -12.49 4.45 17.37
MG BCL UA . 4.39 12.67 26.43
CHA BCL UA . 4.84 11.87 23.10
CHB BCL UA . 2.19 10.08 26.64
CHC BCL UA . 4.52 12.87 29.79
CHD BCL UA . 7.21 14.72 26.27
NA BCL UA . 3.65 11.17 25.03
C1A BCL UA . 3.92 11.04 23.68
C2A BCL UA . 3.16 9.92 23.06
C3A BCL UA . 2.12 9.58 24.15
C4A BCL UA . 2.69 10.24 25.37
CMA BCL UA . 0.74 10.13 23.81
CAA BCL UA . 4.03 8.72 22.69
CBA BCL UA . 5.02 8.26 23.77
CGA BCL UA . 5.87 7.11 23.34
O1A BCL UA . 5.79 6.54 22.30
O2A BCL UA . 6.78 6.77 24.21
NB BCL UA . 3.51 11.64 27.99
C1B BCL UA . 2.61 10.58 27.87
C2B BCL UA . 2.22 10.12 29.14
C3B BCL UA . 2.89 10.90 30.10
C4B BCL UA . 3.68 11.85 29.32
CMB BCL UA . 1.26 8.97 29.34
CAB BCL UA . 2.75 10.76 31.56
OBB BCL UA . 1.79 10.20 32.08
CBB BCL UA . 3.78 11.31 32.52
NC BCL UA . 5.69 13.64 27.82
C1C BCL UA . 5.51 13.63 29.17
C2C BCL UA . 6.17 14.79 29.83
C3C BCL UA . 7.20 15.22 28.79
C4C BCL UA . 6.76 14.46 27.55
CMC BCL UA . 5.21 15.89 30.23
CAC BCL UA . 8.62 14.93 29.33
CBC BCL UA . 9.76 15.26 28.40
ND BCL UA . 5.80 13.15 25.04
C1D BCL UA . 6.81 14.11 25.04
C2D BCL UA . 7.31 14.32 23.73
C3D BCL UA . 6.58 13.48 22.90
C4D BCL UA . 5.68 12.78 23.73
CMD BCL UA . 8.42 15.29 23.36
CAD BCL UA . 6.37 13.01 21.58
OBD BCL UA . 6.92 13.33 20.52
CBD BCL UA . 5.24 11.95 21.62
CGD BCL UA . 4.15 12.30 20.69
O1D BCL UA . 3.58 13.37 20.64
O2D BCL UA . 3.82 11.31 19.88
CED BCL UA . 2.67 11.51 19.02
C1 BCL UA . 7.70 5.69 23.83
C2 BCL UA . 8.51 5.40 25.07
C3 BCL UA . 9.80 5.56 25.21
C4 BCL UA . 10.75 6.09 24.13
C5 BCL UA . 10.48 5.20 26.54
C6 BCL UA . 10.81 6.38 27.44
C7 BCL UA . 10.81 6.00 28.92
C8 BCL UA . 11.60 6.94 29.84
C9 BCL UA . 11.06 8.38 29.69
C10 BCL UA . 13.10 6.91 29.52
C11 BCL UA . 13.70 5.51 29.43
C12 BCL UA . 15.22 5.52 29.37
C13 BCL UA . 15.84 4.16 28.98
C14 BCL UA . 15.76 3.87 27.50
C15 BCL UA . 15.10 3.04 29.75
C16 BCL UA . 15.46 2.62 31.18
C17 BCL UA . 15.76 3.65 32.28
C18 BCL UA . 15.98 3.06 33.66
C19 BCL UA . 16.18 4.28 34.58
C20 BCL UA . 17.17 2.11 33.77
C1 IRM VA . -13.47 16.04 22.60
C10 IRM VA . -6.97 7.60 22.86
C11 IRM VA . -6.24 6.45 23.24
C12 IRM VA . -4.91 6.39 23.17
C13 IRM VA . -4.04 5.26 23.47
C14 IRM VA . -2.70 5.43 23.35
C15 IRM VA . -1.68 4.47 23.48
C16 IRM VA . -0.39 4.79 23.30
C17 IRM VA . 0.69 3.88 23.26
C18 IRM VA . 1.98 4.16 22.96
C19 IRM VA . 2.90 3.09 22.69
C2 IRM VA . -13.06 14.87 21.73
C20 IRM VA . 4.12 3.20 22.15
C21 IRM VA . 4.95 2.11 21.82
C22 IRM VA . 6.15 2.13 21.20
C23 IRM VA . 6.80 0.86 20.91
C24 IRM VA . 7.94 0.67 20.23
C25 IRM VA . 8.40 -0.64 19.95
C26 IRM VA . 9.44 -1.03 19.20
C27 IRM VA . 9.67 -2.49 18.92
C28 IRM VA . 11.12 -2.96 19.08
C29 IRM VA . 11.22 -4.45 19.06
C3 IRM VA . -12.56 13.62 22.45
C30 IRM VA . -12.31 16.54 23.45
C31 IRM VA . -14.06 17.17 21.76
C33 IRM VA . -12.87 10.52 22.92
C34 IRM VA . -9.27 6.76 23.38
C35 IRM VA . -4.67 3.96 23.88
C36 IRM VA . 2.48 5.57 22.82
C37 IRM VA . 6.79 3.38 20.68
C38 IRM VA . 10.43 -0.08 18.58
C39 IRM VA . 11.15 -5.27 18.03
C4 IRM VA . -12.22 12.51 21.47
C40 IRM VA . 11.32 -6.75 18.16
C41 IRM VA . 10.87 -4.80 16.63
C5 IRM VA . -11.80 11.21 22.14
C6 IRM VA . -10.55 10.76 22.05
C7 IRM VA . -10.11 9.50 22.56
C8 IRM VA . -8.84 9.08 22.48
C9 IRM VA . -8.30 7.80 22.91
O32 IRM VA . -14.51 15.58 23.50
MG BCL WA . 7.92 -5.74 26.21
CHA BCL WA . 5.17 -4.50 24.51
CHB BCL WA . 9.10 -2.55 26.42
CHC BCL WA . 10.93 -6.94 27.15
CHD BCL WA . 7.13 -8.94 25.02
NA BCL WA . 7.21 -3.79 25.52
C1A BCL WA . 5.99 -3.48 24.95
C2A BCL WA . 5.76 -2.01 24.86
C3A BCL WA . 7.10 -1.41 25.33
C4A BCL WA . 7.85 -2.60 25.85
CMA BCL WA . 7.85 -0.71 24.21
CAA BCL WA . 4.58 -1.50 25.69
CBA BCL WA . 4.27 -0.03 25.39
CGA BCL WA . 3.54 0.77 26.41
O1A BCL WA . 3.37 0.50 27.54
O2A BCL WA . 3.06 1.83 25.80
NB BCL WA . 9.73 -4.88 26.75
C1B BCL WA . 10.06 -3.54 26.63
C2B BCL WA . 11.45 -3.35 26.75
C3B BCL WA . 12.04 -4.62 26.96
C4B BCL WA . 10.91 -5.55 26.96
CMB BCL WA . 12.08 -1.97 26.64
CAB BCL WA . 13.43 -5.06 27.13
OBB BCL WA . 13.73 -6.23 27.41
CBB BCL WA . 14.61 -4.13 27.00
NC BCL WA . 8.89 -7.64 26.08
C1C BCL WA . 10.11 -7.93 26.61
C2C BCL WA . 10.31 -9.39 26.87
C3C BCL WA . 9.09 -10.01 26.20
C4C BCL WA . 8.35 -8.84 25.63
CMC BCL WA . 11.63 -9.91 26.32
CAC BCL WA . 8.22 -10.87 27.17
CBC BCL WA . 8.85 -12.19 27.52
ND BCL WA . 6.49 -6.57 25.03
C1D BCL WA . 6.27 -7.89 24.60
C2D BCL WA . 5.12 -7.98 23.78
C3D BCL WA . 4.63 -6.67 23.69
C4D BCL WA . 5.48 -5.86 24.46
CMD BCL WA . 4.60 -9.25 23.15
CAD BCL WA . 3.59 -5.84 23.21
OBD BCL WA . 2.59 -6.11 22.53
CBD BCL WA . 3.87 -4.40 23.69
CGD BCL WA . 3.89 -3.48 22.54
O1D BCL WA . 4.59 -3.61 21.56
O2D BCL WA . 3.06 -2.46 22.65
CED BCL WA . 3.02 -1.49 21.58
C1 BCL WA . 2.21 2.82 26.45
C2 BCL WA . 3.06 3.64 27.41
C3 BCL WA . 4.03 4.46 27.06
C4 BCL WA . 4.52 4.70 25.65
C5 BCL WA . 4.75 5.33 28.10
C6 BCL WA . 3.92 5.68 29.32
C7 BCL WA . 4.35 6.99 29.97
C8 BCL WA . 5.74 7.08 30.61
C9 BCL WA . 5.67 6.80 32.11
C10 BCL WA . 6.32 8.49 30.37
C11 BCL WA . 6.87 8.77 28.99
C12 BCL WA . 7.47 10.17 28.88
C13 BCL WA . 8.54 10.31 27.80
C14 BCL WA . 9.18 11.69 27.78
C15 BCL WA . 7.86 10.04 26.45
C16 BCL WA . 8.79 9.76 25.29
C17 BCL WA . 8.99 10.87 24.25
C18 BCL WA . 9.80 10.38 23.06
C19 BCL WA . 10.22 11.66 22.33
C20 BCL WA . 9.02 9.44 22.14
MG BCL XA . -12.83 1.18 26.35
CHA BCL XA . -10.62 1.52 23.71
CHB BCL XA . -14.43 -1.24 24.59
CHC BCL XA . -14.31 0.13 29.22
CHD BCL XA . -10.78 3.26 28.25
NA BCL XA . -12.52 0.27 24.41
C1A BCL XA . -11.60 0.59 23.44
C2A BCL XA . -11.78 -0.22 22.20
C3A BCL XA . -13.15 -0.88 22.42
C4A BCL XA . -13.39 -0.68 23.89
CMA BCL XA . -14.24 -0.23 21.59
CAA BCL XA . -10.64 -1.23 21.99
CBA BCL XA . -10.22 -2.07 23.22
CGA BCL XA . -9.04 -2.94 22.95
O1A BCL XA . -8.40 -2.94 21.96
O2A BCL XA . -8.71 -3.74 23.96
NB BCL XA . -14.15 -0.33 26.85
C1B BCL XA . -14.73 -1.23 25.96
C2B BCL XA . -15.64 -2.07 26.63
C3B BCL XA . -15.62 -1.73 27.99
C4B BCL XA . -14.68 -0.61 28.08
CMB BCL XA . -16.43 -3.15 25.92
CAB BCL XA . -16.42 -2.36 29.05
OBB BCL XA . -17.44 -3.04 28.80
CBB BCL XA . -16.05 -2.26 30.51
NC BCL XA . -12.56 1.62 28.43
C1C BCL XA . -13.32 1.09 29.44
C2C BCL XA . -13.16 1.83 30.73
C3C BCL XA . -12.00 2.78 30.44
C4C BCL XA . -11.70 2.54 28.99
CMC BCL XA . -14.44 2.54 31.16
CAC BCL XA . -10.76 2.56 31.35
CBC BCL XA . -11.11 2.22 32.77
ND BCL XA . -11.05 2.13 26.11
C1D BCL XA . -10.37 3.05 26.90
C2D BCL XA . -9.32 3.67 26.20
C3D BCL XA . -9.37 3.11 24.93
C4D BCL XA . -10.41 2.20 24.91
CMD BCL XA . -8.40 4.72 26.75
CAD BCL XA . -8.78 3.10 23.63
OBD BCL XA . -7.85 3.77 23.14
CBD BCL XA . -9.54 2.06 22.77
CGD BCL XA . -10.00 2.65 21.51
O1D BCL XA . -10.62 3.69 21.40
O2D BCL XA . -9.69 1.93 20.45
CED BCL XA . -10.31 2.28 19.18
C1 BCL XA . -7.54 -4.59 23.74
C2 BCL XA . -7.56 -5.63 24.85
C3 BCL XA . -7.24 -5.42 26.11
C4 BCL XA . -6.79 -4.08 26.69
C5 BCL XA . -7.28 -6.58 27.11
C6 BCL XA . -7.53 -7.95 26.50
C7 BCL XA . -7.59 -9.09 27.52
C8 BCL XA . -6.30 -9.90 27.75
C9 BCL XA . -6.60 -11.24 28.43
C10 BCL XA . -5.30 -9.09 28.61
C11 BCL XA . -4.06 -9.84 29.08
C12 BCL XA . -3.13 -9.08 30.06
C13 BCL XA . -3.70 -8.61 31.43
C14 BCL XA . -4.71 -9.61 32.04
C15 BCL XA . -4.34 -7.20 31.36
C16 BCL XA . -5.72 -6.96 31.99
C17 BCL XA . -6.28 -5.54 31.83
C18 BCL XA . -7.73 -5.41 32.27
C19 BCL XA . -8.56 -5.86 31.05
C20 BCL XA . -8.15 -4.00 32.70
MG BCL YA . -10.58 -19.63 14.70
CHA BCL YA . -11.96 -17.00 16.47
CHB BCL YA . -12.58 -18.79 12.07
CHC BCL YA . -9.83 -22.58 13.22
CHD BCL YA . -9.36 -20.92 17.71
NA BCL YA . -12.08 -18.10 14.36
C1A BCL YA . -12.46 -17.06 15.19
C2A BCL YA . -13.48 -16.16 14.54
C3A BCL YA . -13.82 -16.91 13.24
C4A BCL YA . -12.73 -17.94 13.15
CMA BCL YA . -15.20 -17.56 13.30
CAA BCL YA . -12.98 -14.73 14.29
CBA BCL YA . -14.06 -13.86 13.66
CGA BCL YA . -13.62 -12.47 13.38
O1A BCL YA . -12.54 -12.05 13.56
O2A BCL YA . -14.58 -11.72 12.90
NB BCL YA . -11.15 -20.58 12.95
C1B BCL YA . -11.89 -20.00 11.93
C2B BCL YA . -11.84 -20.80 10.77
C3B BCL YA . -11.06 -21.93 11.07
C4B BCL YA . -10.64 -21.74 12.44
CMB BCL YA . -12.55 -20.39 9.49
CAB BCL YA . -10.65 -23.09 10.27
OBB BCL YA . -10.17 -24.11 10.78
CBB BCL YA . -10.78 -23.14 8.75
NC BCL YA . -9.71 -21.47 15.37
C1C BCL YA . -9.52 -22.57 14.58
C2C BCL YA . -8.70 -23.63 15.24
C3C BCL YA . -8.53 -23.10 16.66
C4C BCL YA . -9.30 -21.80 16.65
CMC BCL YA . -9.33 -25.01 15.17
CAC BCL YA . -7.05 -22.95 17.10
CBC BCL YA . -6.31 -21.83 16.41
ND BCL YA . -10.68 -19.16 16.68
C1D BCL YA . -10.03 -19.68 17.80
C2D BCL YA . -10.15 -18.82 18.92
C3D BCL YA . -10.89 -17.73 18.46
C4D BCL YA . -11.19 -17.97 17.12
CMD BCL YA . -9.59 -19.08 20.29
CAD BCL YA . -11.32 -16.42 18.75
OBD BCL YA . -11.19 -15.72 19.77
CBD BCL YA . -12.07 -15.87 17.50
CGD BCL YA . -13.44 -15.44 17.85
O1D BCL YA . -14.35 -16.18 18.15
O2D BCL YA . -13.59 -14.13 17.82
CED BCL YA . -14.92 -13.59 18.00
C1 BCL YA . -14.21 -10.34 12.62
C2 BCL YA . -15.46 -9.68 12.14
C3 BCL YA . -15.85 -8.46 12.33
C4 BCL YA . -15.11 -7.44 13.20
C5 BCL YA . -17.10 -7.90 11.64
C6 BCL YA . -16.88 -7.34 10.22
C7 BCL YA . -16.51 -8.43 9.22
C8 BCL YA . -16.15 -8.04 7.80
C9 BCL YA . -16.15 -9.27 6.88
C10 BCL YA . -14.76 -7.39 7.82
C11 BCL YA . -14.46 -6.25 6.88
C12 BCL YA . -15.08 -4.93 7.30
C13 BCL YA . -14.73 -3.76 6.37
C14 BCL YA . -13.29 -3.28 6.50
C15 BCL YA . -15.70 -2.64 6.78
C16 BCL YA . -17.12 -2.82 6.29
C17 BCL YA . -18.10 -1.74 6.76
C18 BCL YA . -19.48 -1.87 6.15
C19 BCL YA . -20.23 -0.66 6.71
C20 BCL YA . -20.28 -3.13 6.48
MG BCL ZA . -6.59 -15.92 22.04
CHA BCL ZA . -8.27 -14.07 19.65
CHB BCL ZA . -6.22 -13.07 23.86
CHC BCL ZA . -4.32 -17.50 23.97
CHD BCL ZA . -6.13 -18.44 19.64
NA BCL ZA . -7.16 -13.84 21.74
C1A BCL ZA . -7.97 -13.31 20.75
C2A BCL ZA . -8.37 -11.90 21.06
C3A BCL ZA . -7.56 -11.56 22.32
C4A BCL ZA . -6.98 -12.87 22.72
CMA BCL ZA . -6.48 -10.52 22.04
CAA BCL ZA . -9.89 -11.71 21.28
CBA BCL ZA . -10.28 -10.23 21.36
CGA BCL ZA . -11.63 -9.90 21.88
O1A BCL ZA . -12.31 -10.61 22.53
O2A BCL ZA . -11.96 -8.68 21.53
NB BCL ZA . -5.46 -15.39 23.68
C1B BCL ZA . -5.36 -14.11 24.23
C2B BCL ZA . -4.32 -14.05 25.16
C3B BCL ZA . -3.73 -15.33 25.23
C4B BCL ZA . -4.49 -16.14 24.29
CMB BCL ZA . -3.99 -12.77 25.92
CAB BCL ZA . -2.61 -15.87 26.01
OBB BCL ZA . -2.36 -17.09 26.07
CBB BCL ZA . -1.65 -15.00 26.80
NC BCL ZA . -5.41 -17.70 21.83
C1C BCL ZA . -4.56 -18.19 22.79
C2C BCL ZA . -4.23 -19.62 22.60
C3C BCL ZA . -4.75 -19.90 21.19
C4C BCL ZA . -5.39 -18.60 20.79
CMC BCL ZA . -2.76 -19.91 22.76
CAC BCL ZA . -5.73 -21.11 21.11
CBC BCL ZA . -5.04 -22.45 21.23
ND BCL ZA . -7.08 -16.24 20.08
C1D BCL ZA . -6.81 -17.29 19.19
C2D BCL ZA . -7.30 -17.01 17.90
C3D BCL ZA . -7.89 -15.75 18.00
C4D BCL ZA . -7.74 -15.32 19.32
CMD BCL ZA . -7.16 -17.92 16.71
CAD BCL ZA . -8.72 -14.79 17.35
OBD BCL ZA . -9.21 -14.79 16.21
CBD BCL ZA . -8.96 -13.62 18.34
CGD BCL ZA . -8.50 -12.36 17.75
O1D BCL ZA . -7.38 -12.16 17.31
O2D BCL ZA . -9.43 -11.42 17.72
CED BCL ZA . -9.06 -10.12 17.16
C1 BCL ZA . -13.21 -8.04 21.95
C2 BCL ZA . -13.13 -7.70 23.43
C3 BCL ZA . -12.27 -6.84 23.95
C4 BCL ZA . -11.22 -6.07 23.17
C5 BCL ZA . -12.29 -6.49 25.43
C6 BCL ZA . -13.67 -6.60 26.10
C7 BCL ZA . -13.79 -5.61 27.27
C8 BCL ZA . -12.89 -5.87 28.46
C9 BCL ZA . -13.57 -6.82 29.47
C10 BCL ZA . -12.57 -4.54 29.16
C11 BCL ZA . -11.52 -3.68 28.49
C12 BCL ZA . -11.29 -2.38 29.26
C13 BCL ZA . -9.89 -1.77 29.07
C14 BCL ZA . -9.67 -0.54 29.94
C15 BCL ZA . -9.68 -1.37 27.60
C16 BCL ZA . -8.34 -0.71 27.38
C17 BCL ZA . -7.93 -0.53 25.91
C18 BCL ZA . -6.48 -0.12 25.72
C19 BCL ZA . -6.32 1.26 26.38
C20 BCL ZA . -6.04 -0.06 24.26
C1 IRM AB . -26.55 6.23 14.75
C10 IRM AB . -19.53 -1.77 15.78
C11 IRM AB . -18.92 -3.02 16.12
C12 IRM AB . -17.76 -3.10 16.79
C13 IRM AB . -17.03 -4.29 17.15
C14 IRM AB . -15.86 -4.16 17.82
C15 IRM AB . -14.91 -5.16 18.16
C16 IRM AB . -13.76 -4.86 18.76
C17 IRM AB . -12.70 -5.76 19.03
C18 IRM AB . -11.47 -5.44 19.52
C19 IRM AB . -10.41 -6.42 19.48
C2 IRM AB . -25.50 5.48 13.92
C20 IRM AB . -9.11 -6.17 19.69
C21 IRM AB . -8.07 -7.13 19.59
C22 IRM AB . -6.74 -6.91 19.68
C23 IRM AB . -5.82 -8.03 19.60
C24 IRM AB . -4.49 -7.98 19.64
C25 IRM AB . -3.66 -9.14 19.54
C26 IRM AB . -2.33 -9.12 19.54
C27 IRM AB . -1.52 -10.39 19.53
C28 IRM AB . -0.99 -10.71 18.12
C29 IRM AB . -0.19 -11.98 18.13
C3 IRM AB . -25.17 4.06 14.38
C30 IRM AB . -26.04 6.48 16.16
C31 IRM AB . -26.94 7.54 14.08
C33 IRM AB . -25.07 1.02 13.60
C34 IRM AB . -21.55 -2.70 14.63
C35 IRM AB . -17.57 -5.62 16.73
C36 IRM AB . -11.14 -4.08 20.04
C37 IRM AB . -6.14 -5.53 19.82
C38 IRM AB . -1.52 -7.84 19.49
C39 IRM AB . 0.19 -12.69 17.08
C4 IRM AB . -24.17 3.39 13.45
C40 IRM AB . 0.99 -13.96 17.21
C41 IRM AB . -0.19 -12.34 15.68
C5 IRM AB . -23.91 1.94 13.78
C6 IRM AB . -22.72 1.53 14.22
C7 IRM AB . -22.36 0.17 14.45
C8 IRM AB . -21.18 -0.22 14.93
C9 IRM AB . -20.71 -1.58 15.14
O32 IRM AB . -27.72 5.41 14.83
MG BCL BB . -13.63 -23.82 -1.65
CHA BCL BB . -16.16 -21.98 -0.18
CHB BCL BB . -14.19 -22.08 -4.54
CHC BCL BB . -11.62 -25.97 -3.29
CHD BCL BB . -13.96 -26.20 0.91
NA BCL BB . -15.02 -22.26 -2.25
C1A BCL BB . -15.96 -21.58 -1.47
C2A BCL BB . -16.62 -20.48 -2.23
C3A BCL BB . -16.14 -20.71 -3.68
C4A BCL BB . -15.00 -21.68 -3.51
CMA BCL BB . -17.25 -21.29 -4.55
CAA BCL BB . -16.28 -19.07 -1.71
CBA BCL BB . -17.01 -17.97 -2.47
CGA BCL BB . -16.72 -16.60 -1.96
O1A BCL BB . -16.01 -16.36 -1.07
O2A BCL BB . -17.43 -15.66 -2.52
NB BCL BB . -13.03 -24.04 -3.62
C1B BCL BB . -13.27 -23.14 -4.65
C2B BCL BB . -12.48 -23.44 -5.77
C3B BCL BB . -11.72 -24.59 -5.45
C4B BCL BB . -12.10 -24.92 -4.09
CMB BCL BB . -12.52 -22.61 -7.04
CAB BCL BB . -10.73 -25.37 -6.21
OBB BCL BB . -10.40 -26.52 -5.89
CBB BCL BB . -10.05 -24.83 -7.46
NC BCL BB . -12.88 -25.78 -1.23
C1C BCL BB . -12.11 -26.51 -2.09
C2C BCL BB . -11.67 -27.82 -1.54
C3C BCL BB . -12.38 -27.87 -0.18
C4C BCL BB . -13.19 -26.59 -0.16
CMC BCL BB . -12.00 -28.99 -2.45
CAC BCL BB . -11.40 -28.02 1.01
CBC BCL BB . -10.58 -26.77 1.29
ND BCL BB . -14.82 -24.10 -0.02
C1D BCL BB . -14.79 -25.04 1.01
C2D BCL BB . -15.64 -24.67 2.08
C3D BCL BB . -16.22 -23.46 1.69
C4D BCL BB . -15.71 -23.17 0.43
CMD BCL BB . -15.85 -25.46 3.35
CAD BCL BB . -16.91 -22.31 2.12
OBD BCL BB . -17.42 -22.03 3.22
CBD BCL BB . -17.01 -21.33 0.91
CGD BCL BB . -18.42 -21.07 0.58
O1D BCL BB . -19.16 -21.81 -0.03
O2D BCL BB . -18.84 -19.90 1.01
CED BCL BB . -20.18 -19.47 0.63
C1 BCL BB . -17.26 -14.34 -1.93
C2 BCL BB . -18.15 -13.43 -2.73
C3 BCL BB . -18.74 -12.33 -2.36
C4 BCL BB . -18.71 -11.75 -0.95
C5 BCL BB . -19.48 -11.45 -3.36
C6 BCL BB . -18.88 -11.34 -4.77
C7 BCL BB . -17.42 -10.88 -4.74
C8 BCL BB . -16.81 -10.55 -6.10
C9 BCL BB . -16.67 -11.82 -6.95
C10 BCL BB . -15.42 -9.92 -5.93
C11 BCL BB . -15.23 -8.66 -5.11
C12 BCL BB . -16.21 -7.54 -5.48
C13 BCL BB . -15.65 -6.13 -5.29
C14 BCL BB . -14.78 -5.99 -4.04
C15 BCL BB . -16.86 -5.19 -5.18
C16 BCL BB . -17.87 -5.13 -6.30
C17 BCL BB . -18.97 -4.14 -5.91
C18 BCL BB . -20.09 -3.96 -6.90
C19 BCL BB . -20.95 -2.87 -6.27
C20 BCL BB . -20.99 -5.18 -7.12
MG BCL CB . -25.30 -8.98 13.15
CHA BCL CB . -22.17 -7.66 12.49
CHB BCL CB . -25.22 -10.43 10.07
CHC BCL CB . -27.93 -10.91 14.04
CHD BCL CB . -24.90 -8.09 16.50
NA BCL CB . -23.86 -9.04 11.53
C1A BCL CB . -22.66 -8.35 11.42
C2A BCL CB . -22.01 -8.56 10.08
C3A BCL CB . -23.09 -9.28 9.27
C4A BCL CB . -24.10 -9.66 10.31
CMA BCL CB . -23.71 -8.40 8.19
CAA BCL CB . -20.71 -9.36 10.21
CBA BCL CB . -20.79 -10.61 11.09
CGA BCL CB . -19.50 -11.35 11.17
O1A BCL CB . -18.50 -11.00 10.66
O2A BCL CB . -19.56 -12.48 11.83
NB BCL CB . -26.41 -10.44 12.21
C1B BCL CB . -26.22 -10.92 10.92
C2B BCL CB . -27.14 -11.95 10.63
C3B BCL CB . -27.94 -12.14 11.77
C4B BCL CB . -27.46 -11.15 12.74
CMB BCL CB . -27.18 -12.64 9.29
CAB BCL CB . -29.01 -13.12 11.91
OBB BCL CB . -29.58 -13.64 10.93
CBB BCL CB . -29.51 -13.60 13.26
NC BCL CB . -26.26 -9.44 15.00
C1C BCL CB . -27.35 -10.25 15.13
C2C BCL CB . -28.03 -10.10 16.44
C3C BCL CB . -26.96 -9.37 17.28
C4C BCL CB . -25.95 -8.96 16.26
CMC BCL CB . -29.35 -9.34 16.35
CAC BCL CB . -26.37 -10.25 18.42
CBC BCL CB . -27.31 -10.43 19.58
ND BCL CB . -23.85 -8.15 14.31
C1D BCL CB . -23.86 -7.69 15.62
C2D BCL CB . -22.76 -6.84 15.89
C3D BCL CB . -22.04 -6.79 14.70
C4D BCL CB . -22.73 -7.58 13.77
CMD BCL CB . -22.47 -6.18 17.20
CAD BCL CB . -20.88 -6.32 14.04
OBD BCL CB . -19.89 -5.71 14.49
CBD BCL CB . -20.99 -6.70 12.55
CGD BCL CB . -21.12 -5.49 11.73
O1D BCL CB . -21.80 -4.52 12.00
O2D BCL CB . -20.40 -5.52 10.62
CED BCL CB . -20.68 -4.47 9.68
C1 BCL CB . -18.31 -13.24 11.87
C2 BCL CB . -18.60 -14.45 12.73
C3 BCL CB . -18.46 -14.56 14.03
C4 BCL CB . -17.98 -13.44 14.95
C5 BCL CB . -18.77 -15.89 14.71
C6 BCL CB . -20.21 -16.08 15.18
C7 BCL CB . -20.53 -17.56 15.39
C8 BCL CB . -21.81 -17.89 16.15
C9 BCL CB . -23.02 -17.22 15.46
C10 BCL CB . -21.74 -17.42 17.62
C11 BCL CB . -20.56 -17.95 18.41
C12 BCL CB . -20.58 -19.48 18.55
C13 BCL CB . -19.60 -20.02 19.60
C14 BCL CB . -18.15 -19.59 19.35
C15 BCL CB . -19.66 -21.57 19.58
C16 BCL CB . -21.02 -22.19 19.93
C17 BCL CB . -21.04 -23.72 20.15
C18 BCL CB . -20.44 -24.14 21.48
C19 BCL CB . -20.39 -25.68 21.42
C20 BCL CB . -21.25 -23.69 22.71
MG BCL DB . -14.77 -23.32 7.49
CHA BCL DB . -15.21 -20.58 5.40
CHB BCL DB . -15.90 -21.40 10.06
CHC BCL DB . -13.59 -25.61 9.67
CHD BCL DB . -12.77 -24.79 5.02
NA BCL DB . -15.44 -21.25 7.68
C1A BCL DB . -15.67 -20.33 6.67
C2A BCL DB . -16.39 -19.11 7.17
C3A BCL DB . -16.47 -19.34 8.69
C4A BCL DB . -15.96 -20.73 8.86
CMA BCL DB . -15.63 -18.33 9.47
CAA BCL DB . -17.77 -18.92 6.54
CBA BCL DB . -18.42 -17.58 6.91
CGA BCL DB . -19.87 -17.46 6.61
O1A BCL DB . -20.60 -18.33 6.33
O2A BCL DB . -20.23 -16.20 6.70
NB BCL DB . -14.78 -23.51 9.55
C1B BCL DB . -15.18 -22.54 10.45
C2B BCL DB . -14.76 -22.85 11.75
C3B BCL DB . -14.08 -24.08 11.70
C4B BCL DB . -14.13 -24.46 10.28
CMB BCL DB . -15.04 -21.94 12.94
CAB BCL DB . -13.41 -24.92 12.71
OBB BCL DB . -13.06 -26.08 12.48
CBB BCL DB . -13.12 -24.42 14.11
NC BCL DB . -13.38 -24.95 7.36
C1C BCL DB . -13.09 -25.80 8.39
C2C BCL DB . -12.48 -27.07 7.93
C3C BCL DB . -12.17 -26.79 6.45
C4C BCL DB . -12.72 -25.40 6.24
CMC BCL DB . -11.26 -27.46 8.73
CAC BCL DB . -12.79 -27.84 5.48
CBC BCL DB . -12.08 -29.17 5.53
ND BCL DB . -14.11 -22.84 5.62
C1D BCL DB . -13.29 -23.50 4.70
C2D BCL DB . -13.09 -22.73 3.54
C3D BCL DB . -13.82 -21.56 3.74
C4D BCL DB . -14.42 -21.66 4.99
CMD BCL DB . -12.24 -23.15 2.36
CAD BCL DB . -14.36 -20.40 3.12
OBD BCL DB . -14.24 -19.97 1.97
CBD BCL DB . -15.23 -19.65 4.18
CGD BCL DB . -14.70 -18.29 4.39
O1D BCL DB . -13.59 -18.01 4.79
O2D BCL DB . -15.58 -17.36 4.09
CED BCL DB . -15.18 -15.97 4.32
C1 BCL DB . -21.61 -15.76 6.49
C2 BCL DB . -22.41 -15.98 7.75
C3 BCL DB . -22.22 -15.38 8.90
C4 BCL DB . -21.12 -14.36 9.18
C5 BCL DB . -23.17 -15.55 10.07
C6 BCL DB . -24.55 -16.08 9.73
C7 BCL DB . -25.57 -15.74 10.82
C8 BCL DB . -25.38 -16.38 12.19
C9 BCL DB . -26.36 -17.56 12.38
C10 BCL DB . -25.63 -15.32 13.27
C11 BCL DB . -24.53 -14.27 13.39
C12 BCL DB . -24.77 -13.36 14.60
C13 BCL DB . -23.48 -12.88 15.29
C14 BCL DB . -23.78 -12.11 16.58
C15 BCL DB . -22.65 -11.99 14.35
C16 BCL DB . -21.26 -11.57 14.86
C17 BCL DB . -21.03 -10.17 15.44
C18 BCL DB . -19.58 -9.91 15.81
C19 BCL DB . -19.63 -8.72 16.79
C20 BCL DB . -18.68 -9.58 14.62
C1 IRM EB . -31.44 0.75 -1.96
C10 IRM EB . -24.93 -7.35 0.16
C11 IRM EB . -24.33 -8.63 0.31
C12 IRM EB . -23.77 -9.01 1.47
C13 IRM EB . -23.09 -10.26 1.77
C14 IRM EB . -22.53 -10.41 2.98
C15 IRM EB . -21.71 -11.48 3.45
C16 IRM EB . -21.17 -11.47 4.68
C17 IRM EB . -20.24 -12.42 5.18
C18 IRM EB . -19.59 -12.39 6.36
C19 IRM EB . -18.48 -13.29 6.59
C2 IRM EB . -30.51 -0.10 -2.84
C20 IRM EB . -17.60 -13.24 7.60
C21 IRM EB . -16.50 -14.13 7.72
C22 IRM EB . -15.51 -14.08 8.63
C23 IRM EB . -14.44 -15.07 8.56
C24 IRM EB . -13.35 -15.14 9.32
C25 IRM EB . -12.32 -16.08 9.06
C26 IRM EB . -11.13 -16.20 9.67
C27 IRM EB . -10.11 -17.19 9.16
C28 IRM EB . -9.26 -17.84 10.24
C29 IRM EB . -8.39 -18.92 9.65
C3 IRM EB . -29.27 -0.72 -2.18
C30 IRM EB . -31.83 0.05 -0.66
C31 IRM EB . -30.84 2.11 -1.67
C33 IRM EB . -29.11 -3.63 -3.53
C34 IRM EB . -25.59 -7.57 -2.25
C35 IRM EB . -22.97 -11.28 0.67
C36 IRM EB . -19.90 -11.38 7.43
C37 IRM EB . -15.38 -12.99 9.66
C38 IRM EB . -10.71 -15.39 10.85
C39 IRM EB . -7.25 -18.79 8.99
C4 IRM EB . -29.53 -2.08 -1.56
C40 IRM EB . -6.47 -19.96 8.49
C41 IRM EB . -6.64 -17.45 8.67
C5 IRM EB . -28.71 -3.21 -2.15
C6 IRM EB . -27.74 -3.79 -1.45
C7 IRM EB . -27.02 -4.99 -1.72
C8 IRM EB . -26.23 -5.56 -0.83
C9 IRM EB . -25.53 -6.84 -0.94
O32 IRM EB . -32.65 0.96 -2.69
MG BCL FB . -27.13 -12.98 -7.37
CHA BCL FB . -24.40 -11.59 -5.77
CHB BCL FB . -25.21 -13.26 -10.18
CHC BCL FB . -29.49 -15.00 -8.73
CHD BCL FB . -28.69 -13.36 -4.27
NA BCL FB . -25.07 -12.48 -7.87
C1A BCL FB . -24.10 -11.92 -7.06
C2A BCL FB . -22.82 -11.69 -7.81
C3A BCL FB . -23.22 -11.98 -9.26
C4A BCL FB . -24.52 -12.70 -9.12
CMA BCL FB . -23.40 -10.69 -10.07
CAA BCL FB . -21.65 -12.57 -7.31
CBA BCL FB . -21.92 -14.08 -7.20
CGA BCL FB . -20.84 -14.83 -6.51
O1A BCL FB . -19.80 -14.40 -6.17
O2A BCL FB . -21.19 -16.06 -6.18
NB BCL FB . -27.32 -13.99 -9.17
C1B BCL FB . -26.41 -13.98 -10.21
C2B BCL FB . -26.86 -14.80 -11.26
C3B BCL FB . -28.10 -15.35 -10.88
C4B BCL FB . -28.36 -14.80 -9.56
CMB BCL FB . -26.06 -15.01 -12.54
CAB BCL FB . -28.93 -16.25 -11.69
OBB BCL FB . -28.81 -16.34 -12.93
CBB BCL FB . -29.99 -17.14 -11.09
NC BCL FB . -28.80 -14.06 -6.60
C1C BCL FB . -29.71 -14.73 -7.38
C2C BCL FB . -31.05 -14.72 -6.75
C3C BCL FB . -30.70 -14.64 -5.27
C4C BCL FB . -29.33 -13.99 -5.33
CMC BCL FB . -31.94 -13.58 -7.23
CAC BCL FB . -30.76 -16.06 -4.63
CBC BCL FB . -30.36 -16.11 -3.17
ND BCL FB . -26.66 -12.66 -5.43
C1D BCL FB . -27.43 -12.71 -4.26
C2D BCL FB . -26.78 -12.05 -3.18
C3D BCL FB . -25.58 -11.58 -3.71
C4D BCL FB . -25.54 -11.96 -5.04
CMD BCL FB . -27.32 -11.92 -1.78
CAD BCL FB . -24.35 -10.93 -3.43
OBD BCL FB . -23.94 -10.38 -2.40
CBD BCL FB . -23.49 -10.98 -4.71
CGD BCL FB . -22.95 -9.65 -5.07
O1D BCL FB . -23.59 -8.64 -5.22
O2D BCL FB . -21.63 -9.67 -5.20
CED BCL FB . -20.99 -8.46 -5.71
C1 BCL FB . -20.36 -16.86 -5.30
C2 BCL FB . -20.94 -18.27 -5.40
C3 BCL FB . -20.50 -19.09 -6.33
C4 BCL FB . -19.41 -18.74 -7.33
C5 BCL FB . -21.08 -20.49 -6.53
C6 BCL FB . -22.42 -20.77 -5.86
C7 BCL FB . -23.02 -22.11 -6.32
C8 BCL FB . -24.42 -22.36 -5.78
C9 BCL FB . -25.37 -21.24 -6.25
C10 BCL FB . -24.45 -22.43 -4.24
C11 BCL FB . -24.28 -23.78 -3.53
C12 BCL FB . -22.98 -24.55 -3.80
C13 BCL FB . -22.77 -25.72 -2.84
C14 BCL FB . -22.04 -25.29 -1.57
C15 BCL FB . -21.92 -26.76 -3.55
C16 BCL FB . -22.66 -27.64 -4.55
C17 BCL FB . -23.34 -28.87 -3.93
C18 BCL FB . -24.24 -29.63 -4.89
C19 BCL FB . -24.74 -30.85 -4.10
C20 BCL FB . -23.55 -30.08 -6.18
MG BCL GB . -7.04 -21.51 -17.22
CHA BCL GB . -10.27 -20.33 -16.88
CHB BCL GB . -6.36 -18.79 -19.17
CHC BCL GB . -4.15 -22.97 -18.19
CHD BCL GB . -8.15 -24.64 -16.11
NA BCL GB . -8.20 -19.80 -17.91
C1A BCL GB . -9.52 -19.49 -17.65
C2A BCL GB . -9.92 -18.19 -18.29
C3A BCL GB . -8.73 -17.88 -19.21
C4A BCL GB . -7.66 -18.80 -18.72
CMA BCL GB . -9.06 -18.14 -20.68
CAA BCL GB . -10.19 -17.09 -17.26
CBA BCL GB . -10.84 -15.84 -17.83
CGA BCL GB . -10.86 -14.70 -16.87
O1A BCL GB . -10.38 -14.70 -15.81
O2A BCL GB . -11.46 -13.65 -17.34
NB BCL GB . -5.51 -21.01 -18.54
C1B BCL GB . -5.34 -19.76 -19.12
C2B BCL GB . -4.03 -19.61 -19.60
C3B BCL GB . -3.35 -20.82 -19.35
C4B BCL GB . -4.33 -21.67 -18.67
CMB BCL GB . -3.54 -18.32 -20.25
CAB BCL GB . -1.98 -21.27 -19.65
OBB BCL GB . -1.65 -22.47 -19.59
CBB BCL GB . -0.86 -20.32 -20.03
NC BCL GB . -6.27 -23.51 -17.14
C1C BCL GB . -5.05 -23.89 -17.65
C2C BCL GB . -4.68 -25.29 -17.30
C3C BCL GB . -5.95 -25.81 -16.62
C4C BCL GB . -6.90 -24.64 -16.68
CMC BCL GB . -4.24 -26.11 -18.49
CAC BCL GB . -5.72 -26.36 -15.19
CBC BCL GB . -5.35 -25.30 -14.18
ND BCL GB . -8.81 -22.36 -16.66
C1D BCL GB . -9.13 -23.62 -16.14
C2D BCL GB . -10.47 -23.67 -15.71
C3D BCL GB . -10.99 -22.40 -15.96
C4D BCL GB . -9.97 -21.65 -16.53
CMD BCL GB . -11.16 -24.87 -15.10
CAD BCL GB . -12.08 -21.52 -15.75
OBD BCL GB . -13.19 -21.72 -15.23
CBD BCL GB . -11.69 -20.13 -16.31
CGD BCL GB . -12.73 -19.65 -17.25
O1D BCL GB . -13.04 -20.20 -18.28
O2D BCL GB . -13.33 -18.54 -16.84
CED BCL GB . -14.34 -17.98 -17.70
C1 BCL GB . -11.51 -12.51 -16.45
C2 BCL GB . -12.10 -11.40 -17.26
C3 BCL GB . -12.90 -10.42 -16.91
C4 BCL GB . -13.54 -10.27 -15.53
C5 BCL GB . -13.23 -9.28 -17.87
C6 BCL GB . -12.27 -8.08 -17.84
C7 BCL GB . -10.85 -8.46 -18.24
C8 BCL GB . -9.78 -7.38 -18.23
C9 BCL GB . -8.46 -7.93 -18.82
C10 BCL GB . -9.55 -6.89 -16.79
C11 BCL GB . -10.04 -5.48 -16.53
C12 BCL GB . -9.86 -5.05 -15.08
C13 BCL GB . -9.87 -3.53 -14.82
C14 BCL GB . -9.49 -3.20 -13.37
C15 BCL GB . -11.24 -2.88 -15.11
C16 BCL GB . -11.57 -2.34 -16.51
C17 BCL GB . -12.92 -1.64 -16.68
C18 BCL GB . -13.15 -1.22 -18.12
C19 BCL GB . -14.38 -0.29 -18.09
C20 BCL GB . -13.40 -2.39 -19.08
MG BCL HB . -12.70 -24.46 -10.72
CHA BCL HB . -12.53 -21.14 -11.70
CHB BCL HB . -15.41 -23.65 -8.81
CHC BCL HB . -12.46 -27.45 -9.18
CHD BCL HB . -9.42 -24.90 -11.88
NA BCL HB . -13.79 -22.61 -10.31
C1A BCL HB . -13.63 -21.37 -10.91
C2A BCL HB . -14.73 -20.42 -10.53
C3A BCL HB . -15.53 -21.20 -9.48
C4A BCL HB . -14.95 -22.58 -9.54
CMA BCL HB . -15.38 -20.59 -8.09
CAA BCL HB . -15.60 -19.99 -11.73
CBA BCL HB . -16.52 -18.82 -11.36
CGA BCL HB . -17.67 -18.60 -12.28
O1A BCL HB . -18.12 -19.38 -13.03
O2A BCL HB . -18.14 -17.38 -12.10
NB BCL HB . -13.80 -25.44 -9.25
C1B BCL HB . -14.78 -24.86 -8.47
C2B BCL HB . -15.04 -25.64 -7.34
C3B BCL HB . -14.20 -26.78 -7.40
C4B BCL HB . -13.45 -26.61 -8.64
CMB BCL HB . -16.07 -25.24 -6.29
CAB BCL HB . -14.00 -27.93 -6.50
OBB BCL HB . -13.36 -28.94 -6.84
CBB BCL HB . -14.54 -27.97 -5.09
NC BCL HB . -11.16 -25.94 -10.54
C1C BCL HB . -11.32 -27.15 -9.92
C2C BCL HB . -10.32 -28.16 -10.35
C3C BCL HB . -9.42 -27.36 -11.30
C4C BCL HB . -9.92 -25.96 -11.16
CMC BCL HB . -9.56 -28.78 -9.20
CAC BCL HB . -9.42 -27.88 -12.77
CBC BCL HB . -8.68 -29.19 -12.93
ND BCL HB . -11.26 -23.31 -11.58
C1D BCL HB . -9.96 -23.59 -12.02
C2D BCL HB . -9.34 -22.44 -12.57
C3D BCL HB . -10.30 -21.44 -12.49
C4D BCL HB . -11.43 -22.00 -11.89
CMD BCL HB . -7.94 -22.39 -13.11
CAD BCL HB . -10.66 -20.13 -12.90
OBD BCL HB . -10.03 -19.29 -13.56
CBD BCL HB . -12.08 -19.83 -12.36
CGD BCL HB . -12.05 -18.62 -11.51
O1D BCL HB . -11.36 -18.48 -10.53
O2D BCL HB . -12.89 -17.68 -11.90
CED BCL HB . -12.92 -16.45 -11.12
C1 BCL HB . -19.32 -16.90 -12.83
C2 BCL HB . -20.54 -17.64 -12.30
C3 BCL HB . -21.01 -17.44 -11.09
C4 BCL HB . -20.41 -16.48 -10.07
C5 BCL HB . -22.29 -18.11 -10.60
C6 BCL HB . -23.31 -18.44 -11.68
C7 BCL HB . -24.73 -18.39 -11.12
C8 BCL HB . -25.10 -19.43 -10.07
C9 BCL HB . -25.70 -20.68 -10.73
C10 BCL HB . -26.11 -18.81 -9.09
C11 BCL HB . -25.49 -17.90 -8.06
C12 BCL HB . -26.52 -17.41 -7.04
C13 BCL HB . -25.99 -17.24 -5.62
C14 BCL HB . -27.11 -16.99 -4.61
C15 BCL HB . -24.99 -16.07 -5.52
C16 BCL HB . -24.60 -15.81 -4.07
C17 BCL HB . -23.44 -14.88 -3.77
C18 BCL HB . -23.06 -14.83 -2.30
C19 BCL HB . -24.32 -14.32 -1.56
C20 BCL HB . -21.86 -13.94 -1.98
C1 IRM IB . -26.31 1.80 -18.97
C10 IRM IB . -20.24 -6.63 -16.46
C11 IRM IB . -19.69 -7.95 -16.45
C12 IRM IB . -19.67 -8.70 -15.36
C13 IRM IB . -19.08 -10.02 -15.21
C14 IRM IB . -19.15 -10.62 -13.99
C15 IRM IB . -18.55 -11.84 -13.58
C16 IRM IB . -18.66 -12.28 -12.32
C17 IRM IB . -18.01 -13.40 -11.76
C18 IRM IB . -18.02 -13.78 -10.46
C19 IRM IB . -17.09 -14.80 -10.00
C2 IRM IB . -24.88 1.47 -18.59
C20 IRM IB . -16.83 -15.10 -8.73
C21 IRM IB . -15.89 -16.09 -8.30
C22 IRM IB . -15.51 -16.37 -7.04
C23 IRM IB . -14.49 -17.36 -6.80
C24 IRM IB . -13.92 -17.69 -5.64
C25 IRM IB . -12.94 -18.71 -5.51
C26 IRM IB . -12.33 -19.03 -4.36
C27 IRM IB . -11.35 -20.17 -4.30
C28 IRM IB . -9.93 -19.72 -3.93
C29 IRM IB . -8.99 -20.89 -3.92
C3 IRM IB . -24.39 0.05 -18.91
C30 IRM IB . -26.51 1.70 -20.48
C31 IRM IB . -27.30 0.90 -18.24
C33 IRM IB . -22.32 -1.75 -20.37
C34 IRM IB . -19.81 -6.11 -18.88
C35 IRM IB . -18.42 -10.65 -16.40
C36 IRM IB . -18.91 -13.14 -9.44
C37 IRM IB . -16.09 -15.67 -5.84
C38 IRM IB . -12.55 -18.28 -3.08
C39 IRM IB . -7.68 -20.87 -4.04
C4 IRM IB . -22.95 -0.14 -18.50
C40 IRM IB . -6.83 -22.11 -4.01
C41 IRM IB . -6.90 -19.60 -4.25
C5 IRM IB . -22.37 -1.48 -18.89
C6 IRM IB . -21.96 -2.37 -17.97
C7 IRM IB . -21.35 -3.62 -18.26
C8 IRM IB . -21.00 -4.50 -17.32
C9 IRM IB . -20.35 -5.79 -17.51
O32 IRM IB . -26.58 3.16 -18.58
#